data_2KD1
#
_entry.id   2KD1
#
_entity_poly.entity_id   1
_entity_poly.type   'polypeptide(L)'
_entity_poly.pdbx_seq_one_letter_code
;MEPSKLSYGEYLESWFNTKRHSVGIQTAKVLKGYLNSRIIPSLGNIKLAKLTSLHMQNYVNSLRDEGLKRGTIEKIIKVI
RNSLEHAIDLELITKNVAAKTKLPKADKEELEHHHHHH
;
_entity_poly.pdbx_strand_id   A
#
# COMPACT_ATOMS: atom_id res chain seq x y z
N MET A 1 16.10 20.08 -8.75
CA MET A 1 15.03 19.06 -8.56
C MET A 1 15.48 17.73 -9.16
N GLU A 2 15.46 16.67 -8.34
CA GLU A 2 15.78 15.30 -8.80
C GLU A 2 14.59 14.72 -9.59
N PRO A 3 14.81 14.17 -10.83
CA PRO A 3 13.73 13.57 -11.65
C PRO A 3 13.17 12.27 -11.03
N SER A 4 12.07 11.78 -11.61
CA SER A 4 11.37 10.56 -11.14
C SER A 4 12.10 9.31 -11.64
N LYS A 5 13.28 9.05 -11.07
CA LYS A 5 14.17 7.95 -11.48
C LYS A 5 13.94 6.74 -10.56
N LEU A 6 13.65 7.06 -9.29
CA LEU A 6 13.40 6.07 -8.25
C LEU A 6 12.14 5.26 -8.57
N SER A 7 12.36 3.97 -8.91
CA SER A 7 11.29 3.01 -9.10
C SER A 7 10.68 2.67 -7.73
N TYR A 8 9.36 2.45 -7.70
CA TYR A 8 8.60 2.31 -6.44
C TYR A 8 9.07 1.09 -5.61
N GLY A 9 9.51 0.01 -6.30
CA GLY A 9 9.99 -1.21 -5.63
C GLY A 9 11.32 -1.00 -4.93
N GLU A 10 12.19 -0.18 -5.56
CA GLU A 10 13.47 0.25 -4.98
C GLU A 10 13.23 1.08 -3.72
N TYR A 11 12.20 1.95 -3.83
CA TYR A 11 11.77 2.83 -2.75
C TYR A 11 11.16 2.02 -1.58
N LEU A 12 10.38 0.98 -1.90
CA LEU A 12 9.71 0.12 -0.90
C LEU A 12 10.72 -0.61 -0.03
N GLU A 13 11.86 -0.98 -0.63
CA GLU A 13 12.99 -1.59 0.10
C GLU A 13 13.60 -0.58 1.07
N SER A 14 13.92 0.62 0.56
CA SER A 14 14.54 1.72 1.35
C SER A 14 13.62 2.14 2.53
N TRP A 15 12.31 2.15 2.27
CA TRP A 15 11.26 2.45 3.25
C TRP A 15 11.19 1.33 4.31
N PHE A 16 11.17 0.08 3.81
CA PHE A 16 10.95 -1.11 4.63
C PHE A 16 12.10 -1.36 5.63
N ASN A 17 13.35 -1.23 5.14
CA ASN A 17 14.57 -1.52 5.93
C ASN A 17 14.58 -0.76 7.26
N THR A 18 14.35 0.55 7.18
CA THR A 18 14.33 1.44 8.34
C THR A 18 13.05 1.22 9.20
N LYS A 19 11.97 0.74 8.56
CA LYS A 19 10.63 0.63 9.18
C LYS A 19 10.49 -0.65 10.02
N ARG A 20 11.33 -1.67 9.74
CA ARG A 20 11.42 -2.94 10.54
C ARG A 20 11.66 -2.64 12.04
N HIS A 21 12.41 -1.56 12.30
CA HIS A 21 12.78 -1.13 13.67
C HIS A 21 11.59 -0.50 14.42
N SER A 22 10.54 -0.08 13.68
CA SER A 22 9.35 0.60 14.26
C SER A 22 8.16 -0.37 14.38
N VAL A 23 8.03 -1.29 13.41
CA VAL A 23 6.91 -2.27 13.37
C VAL A 23 7.26 -3.54 14.15
N GLY A 24 8.56 -3.90 14.14
CA GLY A 24 9.04 -5.15 14.76
C GLY A 24 9.35 -6.19 13.68
N ILE A 25 10.33 -7.07 13.94
CA ILE A 25 10.90 -8.01 12.93
C ILE A 25 9.84 -9.04 12.42
N GLN A 26 9.09 -9.65 13.35
CA GLN A 26 8.06 -10.67 13.02
C GLN A 26 6.88 -10.03 12.23
N THR A 27 6.60 -8.76 12.54
CA THR A 27 5.56 -7.95 11.87
C THR A 27 6.03 -7.54 10.46
N ALA A 28 7.34 -7.27 10.37
CA ALA A 28 7.99 -6.78 9.16
C ALA A 28 8.00 -7.86 8.06
N LYS A 29 8.24 -9.12 8.48
CA LYS A 29 8.21 -10.29 7.56
C LYS A 29 6.89 -10.35 6.77
N VAL A 30 5.80 -9.96 7.44
CA VAL A 30 4.45 -10.01 6.91
C VAL A 30 4.21 -8.85 5.94
N LEU A 31 4.75 -7.66 6.29
CA LEU A 31 4.64 -6.43 5.47
C LEU A 31 5.36 -6.62 4.12
N LYS A 32 6.58 -7.20 4.15
CA LYS A 32 7.37 -7.48 2.93
C LYS A 32 6.86 -8.75 2.24
N GLY A 33 6.27 -9.66 3.03
CA GLY A 33 5.57 -10.82 2.50
C GLY A 33 4.42 -10.40 1.58
N TYR A 34 3.83 -9.24 1.92
CA TYR A 34 2.82 -8.58 1.11
C TYR A 34 3.48 -7.75 -0.01
N LEU A 35 4.63 -7.10 0.27
CA LEU A 35 5.31 -6.24 -0.72
C LEU A 35 5.72 -7.03 -1.97
N ASN A 36 6.71 -7.92 -1.83
CA ASN A 36 7.32 -8.64 -2.98
C ASN A 36 6.31 -9.56 -3.72
N SER A 37 5.24 -9.96 -3.01
CA SER A 37 4.18 -10.81 -3.58
C SER A 37 3.13 -9.97 -4.35
N ARG A 38 2.62 -8.92 -3.69
CA ARG A 38 1.52 -8.07 -4.21
C ARG A 38 2.04 -6.78 -4.88
N ILE A 39 2.67 -5.89 -4.09
CA ILE A 39 2.94 -4.49 -4.50
C ILE A 39 4.12 -4.38 -5.51
N ILE A 40 5.24 -5.11 -5.29
CA ILE A 40 6.43 -5.04 -6.19
C ILE A 40 6.08 -5.41 -7.67
N PRO A 41 5.48 -6.63 -7.99
CA PRO A 41 5.20 -7.01 -9.41
C PRO A 41 4.06 -6.18 -10.04
N SER A 42 3.34 -5.38 -9.22
CA SER A 42 2.25 -4.52 -9.68
C SER A 42 2.74 -3.06 -9.79
N LEU A 43 2.93 -2.39 -8.64
CA LEU A 43 3.25 -0.95 -8.54
C LEU A 43 4.78 -0.71 -8.45
N GLY A 44 5.51 -1.72 -7.96
CA GLY A 44 6.94 -1.59 -7.67
C GLY A 44 7.80 -1.46 -8.93
N ASN A 45 7.44 -2.25 -9.96
CA ASN A 45 8.07 -2.21 -11.31
C ASN A 45 7.85 -0.83 -11.99
N ILE A 46 6.80 -0.12 -11.54
CA ILE A 46 6.45 1.22 -12.01
C ILE A 46 7.26 2.28 -11.23
N LYS A 47 7.54 3.43 -11.87
CA LYS A 47 8.23 4.56 -11.20
C LYS A 47 7.27 5.23 -10.21
N LEU A 48 7.83 5.75 -9.11
CA LEU A 48 7.07 6.33 -7.98
C LEU A 48 6.07 7.44 -8.42
N ALA A 49 6.51 8.31 -9.36
CA ALA A 49 5.66 9.41 -9.89
C ALA A 49 4.67 8.93 -10.98
N LYS A 50 4.93 7.74 -11.56
CA LYS A 50 4.03 7.14 -12.56
C LYS A 50 2.84 6.42 -11.90
N LEU A 51 2.90 6.23 -10.56
CA LEU A 51 1.76 5.69 -9.77
C LEU A 51 0.55 6.66 -9.84
N THR A 52 -0.36 6.39 -10.77
CA THR A 52 -1.62 7.13 -10.90
C THR A 52 -2.76 6.38 -10.16
N SER A 53 -3.94 7.00 -10.08
CA SER A 53 -5.12 6.42 -9.36
C SER A 53 -5.61 5.13 -10.03
N LEU A 54 -5.41 5.03 -11.36
CA LEU A 54 -5.72 3.82 -12.15
C LEU A 54 -4.95 2.60 -11.61
N HIS A 55 -3.70 2.83 -11.18
CA HIS A 55 -2.81 1.78 -10.65
C HIS A 55 -3.32 1.24 -9.30
N MET A 56 -3.88 2.13 -8.48
CA MET A 56 -4.45 1.75 -7.17
C MET A 56 -5.80 1.03 -7.36
N GLN A 57 -6.53 1.42 -8.41
CA GLN A 57 -7.80 0.80 -8.81
C GLN A 57 -7.58 -0.65 -9.26
N ASN A 58 -6.61 -0.82 -10.19
CA ASN A 58 -6.23 -2.14 -10.76
C ASN A 58 -5.73 -3.07 -9.66
N TYR A 59 -5.07 -2.47 -8.64
CA TYR A 59 -4.55 -3.20 -7.47
C TYR A 59 -5.71 -3.76 -6.63
N VAL A 60 -6.70 -2.91 -6.29
CA VAL A 60 -7.87 -3.29 -5.46
C VAL A 60 -8.75 -4.35 -6.17
N ASN A 61 -8.87 -4.21 -7.49
CA ASN A 61 -9.60 -5.19 -8.34
C ASN A 61 -8.89 -6.54 -8.33
N SER A 62 -7.54 -6.49 -8.33
CA SER A 62 -6.68 -7.68 -8.25
C SER A 62 -6.89 -8.43 -6.91
N LEU A 63 -7.07 -7.67 -5.81
CA LEU A 63 -7.22 -8.23 -4.43
C LEU A 63 -8.48 -9.10 -4.31
N ARG A 64 -9.52 -8.65 -5.03
CA ARG A 64 -10.79 -9.37 -5.18
C ARG A 64 -10.56 -10.73 -5.87
N ASP A 65 -9.82 -10.69 -6.99
CA ASP A 65 -9.50 -11.90 -7.79
C ASP A 65 -8.52 -12.83 -7.04
N GLU A 66 -7.68 -12.26 -6.17
CA GLU A 66 -6.78 -13.01 -5.27
C GLU A 66 -7.61 -13.70 -4.16
N GLY A 67 -8.78 -13.12 -3.87
CA GLY A 67 -9.64 -13.60 -2.80
C GLY A 67 -9.10 -13.26 -1.41
N LEU A 68 -8.35 -12.15 -1.32
CA LEU A 68 -7.79 -11.64 -0.05
C LEU A 68 -8.91 -11.15 0.86
N LYS A 69 -8.76 -11.41 2.16
CA LYS A 69 -9.77 -11.10 3.18
C LYS A 69 -9.66 -9.63 3.62
N ARG A 70 -10.70 -9.16 4.32
CA ARG A 70 -10.89 -7.74 4.73
C ARG A 70 -9.62 -7.11 5.36
N GLY A 71 -8.99 -7.86 6.29
CA GLY A 71 -7.77 -7.40 6.95
C GLY A 71 -6.60 -7.28 6.00
N THR A 72 -6.34 -8.35 5.20
CA THR A 72 -5.22 -8.37 4.25
C THR A 72 -5.35 -7.21 3.23
N ILE A 73 -6.57 -7.02 2.69
CA ILE A 73 -6.88 -5.93 1.74
C ILE A 73 -6.49 -4.57 2.34
N GLU A 74 -6.95 -4.30 3.57
CA GLU A 74 -6.70 -3.00 4.23
C GLU A 74 -5.21 -2.82 4.55
N LYS A 75 -4.55 -3.88 5.05
CA LYS A 75 -3.16 -3.80 5.56
C LYS A 75 -2.17 -3.52 4.42
N ILE A 76 -2.37 -4.18 3.27
CA ILE A 76 -1.48 -4.02 2.10
C ILE A 76 -1.67 -2.63 1.48
N ILE A 77 -2.92 -2.12 1.53
CA ILE A 77 -3.23 -0.73 1.18
C ILE A 77 -2.53 0.24 2.15
N LYS A 78 -2.51 -0.12 3.46
CA LYS A 78 -1.85 0.68 4.52
C LYS A 78 -0.34 0.79 4.25
N VAL A 79 0.28 -0.32 3.80
CA VAL A 79 1.73 -0.37 3.51
C VAL A 79 2.07 0.58 2.32
N ILE A 80 1.21 0.54 1.27
CA ILE A 80 1.34 1.44 0.10
C ILE A 80 1.21 2.91 0.52
N ARG A 81 0.17 3.17 1.33
CA ARG A 81 -0.11 4.52 1.84
C ARG A 81 1.06 5.03 2.68
N ASN A 82 1.56 4.20 3.60
CA ASN A 82 2.65 4.55 4.55
C ASN A 82 3.95 4.90 3.82
N SER A 83 4.24 4.17 2.73
CA SER A 83 5.40 4.47 1.88
C SER A 83 5.18 5.78 1.11
N LEU A 84 3.96 6.00 0.60
CA LEU A 84 3.61 7.25 -0.13
C LEU A 84 3.54 8.48 0.82
N GLU A 85 3.26 8.23 2.13
CA GLU A 85 3.27 9.26 3.20
C GLU A 85 4.71 9.74 3.38
N HIS A 86 5.60 8.75 3.44
CA HIS A 86 7.05 8.96 3.61
C HIS A 86 7.65 9.56 2.32
N ALA A 87 7.00 9.30 1.17
CA ALA A 87 7.43 9.85 -0.14
C ALA A 87 7.09 11.35 -0.22
N ILE A 88 5.99 11.77 0.44
CA ILE A 88 5.66 13.20 0.59
C ILE A 88 6.65 13.85 1.59
N ASP A 89 6.97 13.10 2.65
CA ASP A 89 7.99 13.48 3.66
C ASP A 89 9.37 13.72 3.02
N LEU A 90 9.75 12.85 2.05
CA LEU A 90 11.01 12.98 1.30
C LEU A 90 10.83 13.93 0.08
N GLU A 91 9.58 14.38 -0.16
CA GLU A 91 9.19 15.35 -1.22
C GLU A 91 9.39 14.76 -2.64
N LEU A 92 9.37 13.43 -2.71
CA LEU A 92 9.43 12.66 -3.97
C LEU A 92 8.11 12.84 -4.76
N ILE A 93 6.98 12.79 -4.04
CA ILE A 93 5.64 13.05 -4.60
C ILE A 93 4.97 14.16 -3.79
N THR A 94 4.07 14.91 -4.45
CA THR A 94 3.36 16.05 -3.84
C THR A 94 2.10 15.58 -3.08
N LYS A 95 1.55 14.43 -3.50
CA LYS A 95 0.26 13.92 -2.99
C LYS A 95 0.25 12.39 -3.02
N ASN A 96 -0.28 11.78 -1.94
CA ASN A 96 -0.42 10.32 -1.80
C ASN A 96 -1.59 9.85 -2.68
N VAL A 97 -1.28 9.12 -3.76
CA VAL A 97 -2.28 8.67 -4.76
C VAL A 97 -3.06 7.41 -4.28
N ALA A 98 -2.73 6.92 -3.07
CA ALA A 98 -3.45 5.80 -2.40
C ALA A 98 -4.21 6.31 -1.14
N ALA A 99 -4.16 7.63 -0.89
CA ALA A 99 -4.78 8.26 0.30
C ALA A 99 -6.32 8.17 0.23
N LYS A 100 -6.87 8.14 -1.00
CA LYS A 100 -8.33 8.03 -1.23
C LYS A 100 -8.73 6.55 -1.43
N THR A 101 -7.75 5.64 -1.29
CA THR A 101 -7.93 4.19 -1.38
C THR A 101 -8.00 3.61 0.06
N LYS A 102 -9.21 3.19 0.46
CA LYS A 102 -9.47 2.56 1.77
C LYS A 102 -10.13 1.17 1.55
N LEU A 103 -10.26 0.40 2.63
CA LEU A 103 -10.95 -0.91 2.65
C LEU A 103 -12.47 -0.71 2.30
N PRO A 104 -13.02 -1.51 1.33
CA PRO A 104 -14.51 -1.62 1.10
C PRO A 104 -15.32 -2.03 2.37
N LYS A 105 -16.66 -2.17 2.22
CA LYS A 105 -17.59 -2.49 3.34
C LYS A 105 -17.20 -3.79 4.09
N ALA A 106 -16.32 -3.60 5.10
CA ALA A 106 -15.71 -4.67 5.90
C ALA A 106 -14.82 -4.01 6.97
N ASP A 107 -14.57 -4.72 8.08
CA ASP A 107 -13.77 -4.17 9.21
C ASP A 107 -12.40 -4.92 9.32
N LYS A 108 -11.79 -4.93 10.52
CA LYS A 108 -10.43 -5.44 10.77
C LYS A 108 -10.45 -6.92 11.21
N GLU A 109 -9.29 -7.43 11.66
CA GLU A 109 -9.10 -8.81 12.12
C GLU A 109 -9.17 -8.88 13.65
N GLU A 110 -10.16 -9.62 14.17
CA GLU A 110 -10.27 -9.97 15.60
C GLU A 110 -9.01 -10.71 16.14
N LEU A 111 -8.26 -11.34 15.21
CA LEU A 111 -6.95 -11.96 15.52
C LEU A 111 -5.88 -10.86 15.60
N GLU A 112 -5.64 -10.17 14.47
CA GLU A 112 -4.53 -9.21 14.32
C GLU A 112 -4.94 -7.81 14.78
N HIS A 113 -4.34 -7.36 15.90
CA HIS A 113 -4.60 -6.04 16.51
C HIS A 113 -3.87 -4.89 15.74
N HIS A 114 -3.84 -3.68 16.35
CA HIS A 114 -3.36 -2.41 15.73
C HIS A 114 -4.40 -1.89 14.72
N HIS A 115 -5.66 -1.83 15.19
CA HIS A 115 -6.82 -1.43 14.37
C HIS A 115 -6.89 0.10 14.29
N HIS A 116 -6.53 0.65 13.13
CA HIS A 116 -6.59 2.11 12.88
C HIS A 116 -8.01 2.51 12.45
N HIS A 117 -8.69 3.25 13.33
CA HIS A 117 -10.03 3.80 13.08
C HIS A 117 -10.27 5.02 13.98
N HIS A 118 -10.97 6.03 13.44
CA HIS A 118 -11.41 7.21 14.21
C HIS A 118 -12.41 6.77 15.32
N MET A 1 11.85 18.04 -3.93
CA MET A 1 11.75 17.37 -5.24
C MET A 1 13.15 17.21 -5.86
N GLU A 2 13.34 16.11 -6.60
CA GLU A 2 14.62 15.73 -7.24
C GLU A 2 14.33 14.82 -8.46
N PRO A 3 15.34 14.51 -9.35
CA PRO A 3 15.17 13.53 -10.44
C PRO A 3 14.81 12.14 -9.88
N SER A 4 13.50 11.84 -9.86
CA SER A 4 12.95 10.59 -9.28
C SER A 4 13.24 9.39 -10.20
N LYS A 5 14.44 8.83 -10.04
CA LYS A 5 14.89 7.60 -10.73
C LYS A 5 14.32 6.37 -10.01
N LEU A 6 14.14 6.53 -8.69
CA LEU A 6 13.73 5.48 -7.76
C LEU A 6 12.33 4.92 -8.12
N SER A 7 12.31 3.67 -8.65
CA SER A 7 11.06 2.93 -8.89
C SER A 7 10.44 2.52 -7.56
N TYR A 8 9.11 2.33 -7.54
CA TYR A 8 8.35 2.07 -6.29
C TYR A 8 8.80 0.77 -5.58
N GLY A 9 9.25 -0.22 -6.36
CA GLY A 9 9.75 -1.49 -5.81
C GLY A 9 11.05 -1.31 -5.06
N GLU A 10 11.96 -0.51 -5.64
CA GLU A 10 13.26 -0.15 -5.02
C GLU A 10 13.04 0.81 -3.83
N TYR A 11 11.96 1.61 -3.94
CA TYR A 11 11.54 2.53 -2.87
C TYR A 11 11.05 1.72 -1.66
N LEU A 12 10.31 0.64 -1.91
CA LEU A 12 9.79 -0.25 -0.85
C LEU A 12 10.91 -1.02 -0.14
N GLU A 13 12.04 -1.25 -0.84
CA GLU A 13 13.23 -1.88 -0.25
C GLU A 13 13.93 -0.90 0.71
N SER A 14 14.09 0.36 0.25
CA SER A 14 14.79 1.42 0.98
C SER A 14 13.94 1.92 2.19
N TRP A 15 12.64 2.06 1.95
CA TRP A 15 11.64 2.41 2.98
C TRP A 15 11.59 1.33 4.07
N PHE A 16 11.60 0.06 3.63
CA PHE A 16 11.55 -1.10 4.54
C PHE A 16 12.77 -1.14 5.47
N ASN A 17 13.95 -0.83 4.90
CA ASN A 17 15.24 -0.87 5.61
C ASN A 17 15.18 -0.03 6.91
N THR A 18 14.69 1.22 6.79
CA THR A 18 14.50 2.12 7.93
C THR A 18 13.22 1.78 8.73
N LYS A 19 12.21 1.19 8.05
CA LYS A 19 10.87 0.93 8.63
C LYS A 19 10.93 -0.18 9.70
N ARG A 20 11.94 -1.06 9.61
CA ARG A 20 12.19 -2.15 10.60
C ARG A 20 12.41 -1.61 12.04
N HIS A 21 12.77 -0.33 12.16
CA HIS A 21 12.93 0.38 13.47
C HIS A 21 11.57 0.87 13.98
N SER A 22 10.65 1.20 13.04
CA SER A 22 9.31 1.74 13.34
C SER A 22 8.33 0.61 13.71
N VAL A 23 8.42 -0.51 12.98
CA VAL A 23 7.57 -1.69 13.16
C VAL A 23 8.39 -2.81 13.83
N GLY A 24 7.70 -3.77 14.47
CA GLY A 24 8.37 -4.91 15.12
C GLY A 24 9.04 -5.86 14.14
N ILE A 25 9.90 -6.76 14.65
CA ILE A 25 10.64 -7.75 13.82
C ILE A 25 9.64 -8.68 13.07
N GLN A 26 8.65 -9.19 13.81
CA GLN A 26 7.61 -10.08 13.26
C GLN A 26 6.77 -9.32 12.21
N THR A 27 6.33 -8.11 12.59
CA THR A 27 5.50 -7.24 11.75
C THR A 27 6.21 -6.94 10.41
N ALA A 28 7.52 -6.63 10.50
CA ALA A 28 8.35 -6.23 9.35
C ALA A 28 8.44 -7.35 8.32
N LYS A 29 8.72 -8.57 8.81
CA LYS A 29 8.87 -9.77 7.96
C LYS A 29 7.53 -10.09 7.23
N VAL A 30 6.41 -9.80 7.90
CA VAL A 30 5.05 -10.00 7.35
C VAL A 30 4.74 -8.92 6.27
N LEU A 31 5.11 -7.65 6.57
CA LEU A 31 4.86 -6.50 5.66
C LEU A 31 5.64 -6.66 4.36
N LYS A 32 6.90 -7.12 4.48
CA LYS A 32 7.77 -7.37 3.31
C LYS A 32 7.31 -8.63 2.55
N GLY A 33 6.70 -9.56 3.30
CA GLY A 33 6.04 -10.73 2.70
C GLY A 33 4.89 -10.31 1.78
N TYR A 34 4.20 -9.23 2.18
CA TYR A 34 3.13 -8.61 1.37
C TYR A 34 3.74 -7.77 0.24
N LEU A 35 4.83 -7.05 0.52
CA LEU A 35 5.45 -6.11 -0.44
C LEU A 35 5.99 -6.86 -1.65
N ASN A 36 6.95 -7.76 -1.41
CA ASN A 36 7.68 -8.47 -2.48
C ASN A 36 6.75 -9.39 -3.30
N SER A 37 5.74 -9.98 -2.64
CA SER A 37 4.85 -10.97 -3.27
C SER A 37 3.71 -10.28 -4.07
N ARG A 38 3.14 -9.21 -3.51
CA ARG A 38 1.97 -8.51 -4.10
C ARG A 38 2.38 -7.28 -4.94
N ILE A 39 3.07 -6.31 -4.30
CA ILE A 39 3.28 -4.97 -4.88
C ILE A 39 4.51 -4.94 -5.84
N ILE A 40 5.65 -5.56 -5.45
CA ILE A 40 6.91 -5.55 -6.23
C ILE A 40 6.74 -6.09 -7.70
N PRO A 41 6.02 -7.25 -7.96
CA PRO A 41 5.81 -7.75 -9.34
C PRO A 41 4.73 -6.94 -10.13
N SER A 42 3.97 -6.07 -9.42
CA SER A 42 2.89 -5.28 -10.02
C SER A 42 3.25 -3.77 -10.13
N LEU A 43 3.26 -3.07 -9.00
CA LEU A 43 3.50 -1.62 -8.91
C LEU A 43 5.00 -1.30 -8.71
N GLY A 44 5.80 -2.35 -8.45
CA GLY A 44 7.22 -2.21 -8.17
C GLY A 44 8.05 -1.75 -9.36
N ASN A 45 7.71 -2.27 -10.55
CA ASN A 45 8.35 -1.86 -11.82
C ASN A 45 7.95 -0.41 -12.19
N ILE A 46 6.77 0.00 -11.73
CA ILE A 46 6.25 1.35 -11.96
C ILE A 46 7.00 2.35 -11.06
N LYS A 47 7.42 3.49 -11.66
CA LYS A 47 8.13 4.56 -10.94
C LYS A 47 7.19 5.19 -9.89
N LEU A 48 7.78 5.61 -8.77
CA LEU A 48 7.07 6.13 -7.58
C LEU A 48 6.10 7.30 -7.93
N ALA A 49 6.56 8.19 -8.83
CA ALA A 49 5.77 9.36 -9.31
C ALA A 49 4.60 8.93 -10.23
N LYS A 50 4.80 7.80 -10.93
CA LYS A 50 3.84 7.28 -11.93
C LYS A 50 2.63 6.56 -11.28
N LEU A 51 2.65 6.40 -9.95
CA LEU A 51 1.50 5.85 -9.21
C LEU A 51 0.32 6.85 -9.25
N THR A 52 -0.61 6.59 -10.18
CA THR A 52 -1.92 7.28 -10.24
C THR A 52 -2.97 6.46 -9.46
N SER A 53 -4.14 7.07 -9.20
CA SER A 53 -5.22 6.45 -8.40
C SER A 53 -5.85 5.24 -9.13
N LEU A 54 -5.64 5.18 -10.45
CA LEU A 54 -6.07 4.05 -11.29
C LEU A 54 -5.23 2.79 -10.98
N HIS A 55 -3.95 2.99 -10.63
CA HIS A 55 -3.04 1.88 -10.21
C HIS A 55 -3.49 1.28 -8.88
N MET A 56 -3.98 2.16 -8.00
CA MET A 56 -4.51 1.80 -6.68
C MET A 56 -5.83 1.01 -6.83
N GLN A 57 -6.73 1.54 -7.68
CA GLN A 57 -8.05 0.93 -7.96
C GLN A 57 -7.88 -0.46 -8.58
N ASN A 58 -7.05 -0.55 -9.63
CA ASN A 58 -6.78 -1.79 -10.38
C ASN A 58 -6.05 -2.83 -9.50
N TYR A 59 -5.28 -2.34 -8.52
CA TYR A 59 -4.65 -3.19 -7.49
C TYR A 59 -5.76 -3.86 -6.64
N VAL A 60 -6.70 -3.03 -6.14
CA VAL A 60 -7.85 -3.50 -5.32
C VAL A 60 -8.77 -4.45 -6.13
N ASN A 61 -8.87 -4.19 -7.46
CA ASN A 61 -9.66 -5.02 -8.39
C ASN A 61 -9.01 -6.42 -8.53
N SER A 62 -7.67 -6.44 -8.58
CA SER A 62 -6.87 -7.67 -8.61
C SER A 62 -7.13 -8.51 -7.35
N LEU A 63 -7.13 -7.84 -6.18
CA LEU A 63 -7.34 -8.48 -4.86
C LEU A 63 -8.74 -9.13 -4.79
N ARG A 64 -9.73 -8.44 -5.37
CA ARG A 64 -11.12 -8.91 -5.46
C ARG A 64 -11.21 -10.20 -6.30
N ASP A 65 -10.57 -10.15 -7.48
CA ASP A 65 -10.62 -11.26 -8.46
C ASP A 65 -9.73 -12.45 -8.02
N GLU A 66 -8.76 -12.19 -7.12
CA GLU A 66 -7.95 -13.25 -6.47
C GLU A 66 -8.74 -13.88 -5.31
N GLY A 67 -9.81 -13.19 -4.87
CA GLY A 67 -10.65 -13.67 -3.77
C GLY A 67 -9.99 -13.51 -2.41
N LEU A 68 -9.16 -12.46 -2.26
CA LEU A 68 -8.50 -12.10 -1.00
C LEU A 68 -9.52 -11.45 -0.06
N LYS A 69 -9.40 -11.74 1.23
CA LYS A 69 -10.36 -11.31 2.27
C LYS A 69 -10.05 -9.86 2.72
N ARG A 70 -11.07 -9.19 3.29
CA ARG A 70 -11.00 -7.76 3.70
C ARG A 70 -9.85 -7.45 4.67
N GLY A 71 -9.46 -8.44 5.47
CA GLY A 71 -8.28 -8.34 6.35
C GLY A 71 -6.98 -8.22 5.57
N THR A 72 -6.79 -9.15 4.61
CA THR A 72 -5.60 -9.18 3.73
C THR A 72 -5.50 -7.86 2.93
N ILE A 73 -6.64 -7.45 2.34
CA ILE A 73 -6.75 -6.23 1.52
C ILE A 73 -6.45 -4.98 2.36
N GLU A 74 -7.03 -4.90 3.57
CA GLU A 74 -6.87 -3.74 4.46
C GLU A 74 -5.38 -3.49 4.76
N LYS A 75 -4.70 -4.57 5.22
CA LYS A 75 -3.31 -4.48 5.70
C LYS A 75 -2.36 -4.02 4.59
N ILE A 76 -2.45 -4.66 3.41
CA ILE A 76 -1.53 -4.40 2.29
C ILE A 76 -1.74 -2.98 1.72
N ILE A 77 -3.00 -2.50 1.74
CA ILE A 77 -3.34 -1.12 1.39
C ILE A 77 -2.72 -0.13 2.40
N LYS A 78 -2.78 -0.49 3.71
CA LYS A 78 -2.20 0.35 4.79
C LYS A 78 -0.66 0.48 4.64
N VAL A 79 0.00 -0.60 4.18
CA VAL A 79 1.45 -0.61 3.95
C VAL A 79 1.81 0.34 2.79
N ILE A 80 1.00 0.30 1.71
CA ILE A 80 1.13 1.21 0.55
C ILE A 80 0.89 2.68 0.96
N ARG A 81 -0.13 2.89 1.82
CA ARG A 81 -0.51 4.23 2.31
C ARG A 81 0.65 4.87 3.09
N ASN A 82 1.20 4.12 4.04
CA ASN A 82 2.29 4.60 4.93
C ASN A 82 3.57 4.87 4.12
N SER A 83 3.82 4.01 3.11
CA SER A 83 4.96 4.14 2.20
C SER A 83 4.89 5.45 1.40
N LEU A 84 3.71 5.69 0.78
CA LEU A 84 3.50 6.87 -0.07
C LEU A 84 3.40 8.17 0.76
N GLU A 85 2.97 8.06 2.03
CA GLU A 85 3.01 9.19 3.00
C GLU A 85 4.47 9.63 3.22
N HIS A 86 5.36 8.63 3.31
CA HIS A 86 6.80 8.83 3.55
C HIS A 86 7.49 9.41 2.29
N ALA A 87 6.92 9.13 1.11
CA ALA A 87 7.39 9.69 -0.18
C ALA A 87 7.06 11.19 -0.29
N ILE A 88 5.94 11.60 0.35
CA ILE A 88 5.56 13.03 0.50
C ILE A 88 6.54 13.73 1.45
N ASP A 89 6.95 13.02 2.51
CA ASP A 89 7.97 13.49 3.48
C ASP A 89 9.32 13.74 2.78
N LEU A 90 9.74 12.78 1.93
CA LEU A 90 10.97 12.89 1.14
C LEU A 90 10.80 13.84 -0.07
N GLU A 91 9.53 14.24 -0.34
CA GLU A 91 9.14 15.18 -1.40
C GLU A 91 9.50 14.64 -2.80
N LEU A 92 9.55 13.29 -2.91
CA LEU A 92 9.66 12.57 -4.19
C LEU A 92 8.34 12.70 -4.95
N ILE A 93 7.27 12.85 -4.17
CA ILE A 93 5.92 13.23 -4.63
C ILE A 93 5.39 14.31 -3.65
N THR A 94 4.50 15.19 -4.12
CA THR A 94 3.91 16.26 -3.28
C THR A 94 2.60 15.77 -2.64
N LYS A 95 1.92 14.86 -3.36
CA LYS A 95 0.68 14.21 -2.92
C LYS A 95 0.72 12.75 -3.36
N ASN A 96 0.10 11.87 -2.56
CA ASN A 96 -0.03 10.46 -2.90
C ASN A 96 -1.46 10.13 -3.31
N VAL A 97 -1.61 9.00 -4.00
CA VAL A 97 -2.90 8.50 -4.48
C VAL A 97 -3.44 7.39 -3.55
N ALA A 98 -2.76 7.19 -2.40
CA ALA A 98 -3.12 6.17 -1.40
C ALA A 98 -4.09 6.74 -0.36
N ALA A 99 -4.09 8.08 -0.22
CA ALA A 99 -5.07 8.81 0.61
C ALA A 99 -6.45 8.84 -0.07
N LYS A 100 -6.48 8.46 -1.37
CA LYS A 100 -7.72 8.25 -2.13
C LYS A 100 -8.20 6.79 -1.95
N THR A 101 -7.26 5.91 -1.57
CA THR A 101 -7.49 4.47 -1.46
C THR A 101 -7.72 4.06 -0.01
N LYS A 102 -9.00 4.00 0.37
CA LYS A 102 -9.44 3.45 1.65
C LYS A 102 -9.77 1.96 1.47
N LEU A 103 -9.99 1.25 2.59
CA LEU A 103 -10.61 -0.08 2.53
C LEU A 103 -12.05 0.10 1.99
N PRO A 104 -12.42 -0.55 0.84
CA PRO A 104 -13.75 -0.38 0.20
C PRO A 104 -14.92 -0.89 1.09
N LYS A 105 -16.15 -0.93 0.53
CA LYS A 105 -17.34 -1.39 1.26
C LYS A 105 -17.25 -2.91 1.54
N ALA A 106 -16.52 -3.22 2.61
CA ALA A 106 -16.27 -4.58 3.11
C ALA A 106 -16.10 -4.45 4.62
N ASP A 107 -17.12 -3.85 5.24
CA ASP A 107 -17.14 -3.52 6.67
C ASP A 107 -17.40 -4.78 7.52
N LYS A 108 -16.52 -4.99 8.51
CA LYS A 108 -16.61 -6.08 9.49
C LYS A 108 -17.20 -5.54 10.79
N GLU A 109 -17.60 -6.45 11.70
CA GLU A 109 -18.37 -6.10 12.92
C GLU A 109 -17.39 -5.91 14.10
N GLU A 110 -17.45 -4.72 14.72
CA GLU A 110 -16.50 -4.29 15.78
C GLU A 110 -16.59 -5.17 17.05
N LEU A 111 -17.83 -5.57 17.41
CA LEU A 111 -18.17 -6.32 18.64
C LEU A 111 -17.65 -5.62 19.92
N GLU A 112 -17.58 -4.27 19.84
CA GLU A 112 -17.02 -3.39 20.88
C GLU A 112 -18.01 -3.27 22.07
N HIS A 113 -19.33 -3.28 21.76
CA HIS A 113 -20.41 -3.15 22.78
C HIS A 113 -20.79 -4.53 23.40
N HIS A 114 -19.76 -5.38 23.65
CA HIS A 114 -19.95 -6.77 24.16
C HIS A 114 -20.11 -6.79 25.71
N HIS A 115 -21.28 -6.33 26.19
CA HIS A 115 -21.66 -6.35 27.62
C HIS A 115 -23.17 -6.03 27.79
N HIS A 116 -23.91 -6.95 28.41
CA HIS A 116 -25.32 -6.76 28.77
C HIS A 116 -25.41 -6.26 30.22
N HIS A 117 -26.43 -5.46 30.50
CA HIS A 117 -26.70 -4.92 31.86
C HIS A 117 -27.89 -5.67 32.48
N HIS A 118 -28.02 -5.54 33.81
CA HIS A 118 -29.20 -6.01 34.57
C HIS A 118 -30.40 -5.09 34.26
N MET A 1 8.19 19.01 -11.82
CA MET A 1 8.21 17.53 -11.70
C MET A 1 9.67 17.03 -11.68
N GLU A 2 9.85 15.70 -11.64
CA GLU A 2 11.18 15.05 -11.68
C GLU A 2 11.02 13.64 -12.25
N PRO A 3 11.94 13.15 -13.18
CA PRO A 3 11.94 11.75 -13.61
C PRO A 3 12.38 10.85 -12.44
N SER A 4 11.39 10.26 -11.75
CA SER A 4 11.61 9.44 -10.55
C SER A 4 12.42 8.18 -10.89
N LYS A 5 13.75 8.31 -10.75
CA LYS A 5 14.72 7.22 -10.90
C LYS A 5 14.41 6.12 -9.89
N LEU A 6 14.04 6.57 -8.68
CA LEU A 6 13.54 5.72 -7.62
C LEU A 6 12.18 5.12 -8.05
N SER A 7 12.21 3.85 -8.49
CA SER A 7 10.99 3.08 -8.76
C SER A 7 10.30 2.74 -7.43
N TYR A 8 8.99 2.48 -7.46
CA TYR A 8 8.20 2.20 -6.25
C TYR A 8 8.73 0.94 -5.53
N GLY A 9 9.12 -0.08 -6.31
CA GLY A 9 9.65 -1.35 -5.77
C GLY A 9 11.01 -1.17 -5.10
N GLU A 10 11.81 -0.23 -5.63
CA GLU A 10 13.11 0.14 -5.04
C GLU A 10 12.86 0.94 -3.76
N TYR A 11 11.81 1.78 -3.80
CA TYR A 11 11.40 2.60 -2.68
C TYR A 11 10.78 1.74 -1.56
N LEU A 12 10.19 0.59 -1.92
CA LEU A 12 9.65 -0.35 -0.93
C LEU A 12 10.77 -0.87 -0.03
N GLU A 13 11.95 -1.10 -0.63
CA GLU A 13 13.16 -1.49 0.11
C GLU A 13 13.66 -0.33 0.98
N SER A 14 13.80 0.86 0.37
CA SER A 14 14.32 2.08 1.03
C SER A 14 13.50 2.43 2.30
N TRP A 15 12.18 2.59 2.09
CA TRP A 15 11.18 2.87 3.14
C TRP A 15 11.22 1.79 4.23
N PHE A 16 11.23 0.52 3.80
CA PHE A 16 11.19 -0.64 4.71
C PHE A 16 12.45 -0.71 5.60
N ASN A 17 13.63 -0.41 5.01
CA ASN A 17 14.93 -0.40 5.75
C ASN A 17 14.87 0.65 6.88
N THR A 18 14.32 1.82 6.53
CA THR A 18 14.03 2.91 7.47
C THR A 18 13.02 2.45 8.56
N LYS A 19 11.99 1.69 8.14
CA LYS A 19 10.84 1.32 9.00
C LYS A 19 11.20 0.14 9.94
N ARG A 20 12.22 -0.68 9.59
CA ARG A 20 12.71 -1.80 10.43
C ARG A 20 13.22 -1.33 11.81
N HIS A 21 13.55 -0.02 11.90
CA HIS A 21 14.04 0.61 13.14
C HIS A 21 12.94 0.67 14.22
N SER A 22 11.66 0.66 13.79
CA SER A 22 10.49 0.74 14.69
C SER A 22 9.77 -0.62 14.76
N VAL A 23 9.47 -1.22 13.57
CA VAL A 23 8.77 -2.52 13.51
C VAL A 23 9.74 -3.66 13.87
N GLY A 24 9.23 -4.67 14.60
CA GLY A 24 10.02 -5.83 15.00
C GLY A 24 10.30 -6.76 13.84
N ILE A 25 11.21 -7.73 14.05
CA ILE A 25 11.63 -8.71 13.03
C ILE A 25 10.41 -9.52 12.52
N GLN A 26 9.54 -9.92 13.47
CA GLN A 26 8.31 -10.69 13.17
C GLN A 26 7.32 -9.87 12.31
N THR A 27 7.23 -8.56 12.61
CA THR A 27 6.30 -7.64 11.95
C THR A 27 6.82 -7.24 10.57
N ALA A 28 8.16 -7.15 10.48
CA ALA A 28 8.87 -6.76 9.26
C ALA A 28 8.70 -7.83 8.16
N LYS A 29 8.79 -9.11 8.57
CA LYS A 29 8.58 -10.27 7.69
C LYS A 29 7.13 -10.27 7.13
N VAL A 30 6.17 -9.79 7.95
CA VAL A 30 4.75 -9.69 7.57
C VAL A 30 4.56 -8.60 6.49
N LEU A 31 5.04 -7.38 6.78
CA LEU A 31 4.85 -6.18 5.93
C LEU A 31 5.50 -6.38 4.55
N LYS A 32 6.76 -6.85 4.55
CA LYS A 32 7.52 -7.11 3.32
C LYS A 32 7.07 -8.42 2.66
N GLY A 33 6.50 -9.35 3.46
CA GLY A 33 5.90 -10.59 2.92
C GLY A 33 4.70 -10.28 2.03
N TYR A 34 4.00 -9.20 2.37
CA TYR A 34 2.90 -8.66 1.56
C TYR A 34 3.44 -7.91 0.34
N LEU A 35 4.57 -7.18 0.50
CA LEU A 35 5.21 -6.42 -0.60
C LEU A 35 5.65 -7.37 -1.73
N ASN A 36 6.47 -8.36 -1.35
CA ASN A 36 7.14 -9.30 -2.26
C ASN A 36 6.14 -10.13 -3.08
N SER A 37 4.99 -10.44 -2.48
CA SER A 37 3.97 -11.31 -3.09
C SER A 37 2.99 -10.48 -3.96
N ARG A 38 2.48 -9.37 -3.40
CA ARG A 38 1.41 -8.56 -4.03
C ARG A 38 1.95 -7.34 -4.79
N ILE A 39 2.65 -6.43 -4.08
CA ILE A 39 2.95 -5.10 -4.62
C ILE A 39 4.09 -5.14 -5.69
N ILE A 40 5.09 -6.03 -5.51
CA ILE A 40 6.27 -6.12 -6.42
C ILE A 40 5.88 -6.40 -7.91
N PRO A 41 5.10 -7.50 -8.23
CA PRO A 41 4.70 -7.80 -9.63
C PRO A 41 3.58 -6.86 -10.16
N SER A 42 3.01 -6.02 -9.27
CA SER A 42 1.88 -5.12 -9.62
C SER A 42 2.36 -3.66 -9.79
N LEU A 43 2.77 -3.02 -8.67
CA LEU A 43 3.17 -1.59 -8.61
C LEU A 43 4.70 -1.41 -8.44
N GLY A 44 5.41 -2.52 -8.16
CA GLY A 44 6.83 -2.47 -7.78
C GLY A 44 7.75 -2.08 -8.93
N ASN A 45 7.61 -2.77 -10.07
CA ASN A 45 8.46 -2.52 -11.27
C ASN A 45 8.06 -1.20 -11.98
N ILE A 46 7.01 -0.53 -11.47
CA ILE A 46 6.59 0.79 -11.92
C ILE A 46 7.37 1.87 -11.14
N LYS A 47 7.55 3.07 -11.74
CA LYS A 47 8.18 4.22 -11.07
C LYS A 47 7.23 4.81 -10.02
N LEU A 48 7.82 5.40 -8.96
CA LEU A 48 7.10 5.94 -7.79
C LEU A 48 6.08 7.05 -8.18
N ALA A 49 6.50 7.96 -9.07
CA ALA A 49 5.66 9.09 -9.52
C ALA A 49 4.55 8.66 -10.52
N LYS A 50 4.69 7.44 -11.09
CA LYS A 50 3.68 6.89 -12.04
C LYS A 50 2.44 6.36 -11.31
N LEU A 51 2.53 6.14 -9.98
CA LEU A 51 1.40 5.67 -9.17
C LEU A 51 0.28 6.74 -9.17
N THR A 52 -0.64 6.58 -10.13
CA THR A 52 -1.86 7.39 -10.26
C THR A 52 -3.05 6.62 -9.67
N SER A 53 -4.23 7.28 -9.66
CA SER A 53 -5.49 6.70 -9.14
C SER A 53 -5.90 5.42 -9.92
N LEU A 54 -5.51 5.36 -11.22
CA LEU A 54 -5.72 4.18 -12.09
C LEU A 54 -4.98 2.95 -11.52
N HIS A 55 -3.73 3.18 -11.09
CA HIS A 55 -2.85 2.12 -10.53
C HIS A 55 -3.40 1.59 -9.21
N MET A 56 -4.04 2.48 -8.44
CA MET A 56 -4.65 2.14 -7.15
C MET A 56 -5.90 1.27 -7.33
N GLN A 57 -6.80 1.72 -8.23
CA GLN A 57 -8.09 1.07 -8.48
C GLN A 57 -7.89 -0.34 -9.06
N ASN A 58 -7.06 -0.42 -10.11
CA ASN A 58 -6.77 -1.68 -10.82
C ASN A 58 -6.00 -2.66 -9.93
N TYR A 59 -5.23 -2.13 -8.95
CA TYR A 59 -4.54 -2.95 -7.94
C TYR A 59 -5.57 -3.63 -7.03
N VAL A 60 -6.51 -2.83 -6.52
CA VAL A 60 -7.60 -3.30 -5.62
C VAL A 60 -8.50 -4.33 -6.34
N ASN A 61 -8.69 -4.13 -7.65
CA ASN A 61 -9.44 -5.06 -8.51
C ASN A 61 -8.73 -6.42 -8.58
N SER A 62 -7.38 -6.39 -8.66
CA SER A 62 -6.53 -7.60 -8.71
C SER A 62 -6.60 -8.40 -7.40
N LEU A 63 -6.70 -7.67 -6.28
CA LEU A 63 -6.82 -8.26 -4.94
C LEU A 63 -8.16 -9.03 -4.83
N ARG A 64 -9.19 -8.46 -5.46
CA ARG A 64 -10.52 -9.07 -5.55
C ARG A 64 -10.49 -10.32 -6.48
N ASP A 65 -9.66 -10.26 -7.56
CA ASP A 65 -9.46 -11.40 -8.48
C ASP A 65 -8.81 -12.59 -7.75
N GLU A 66 -7.92 -12.27 -6.78
CA GLU A 66 -7.28 -13.27 -5.91
C GLU A 66 -8.28 -13.83 -4.90
N GLY A 67 -9.31 -13.03 -4.59
CA GLY A 67 -10.30 -13.37 -3.57
C GLY A 67 -9.79 -13.08 -2.17
N LEU A 68 -8.88 -12.09 -2.08
CA LEU A 68 -8.35 -11.64 -0.80
C LEU A 68 -9.47 -10.97 0.02
N LYS A 69 -9.53 -11.31 1.31
CA LYS A 69 -10.44 -10.68 2.26
C LYS A 69 -10.02 -9.23 2.47
N ARG A 70 -10.99 -8.33 2.72
CA ARG A 70 -10.72 -6.89 2.91
C ARG A 70 -9.78 -6.64 4.12
N GLY A 71 -9.64 -7.65 5.00
CA GLY A 71 -8.60 -7.64 6.05
C GLY A 71 -7.20 -7.64 5.47
N THR A 72 -6.91 -8.64 4.60
CA THR A 72 -5.62 -8.76 3.89
C THR A 72 -5.36 -7.52 3.00
N ILE A 73 -6.44 -7.07 2.32
CA ILE A 73 -6.40 -5.87 1.47
C ILE A 73 -6.08 -4.63 2.30
N GLU A 74 -6.70 -4.51 3.48
CA GLU A 74 -6.52 -3.36 4.40
C GLU A 74 -5.06 -3.26 4.85
N LYS A 75 -4.47 -4.42 5.19
CA LYS A 75 -3.08 -4.52 5.69
C LYS A 75 -2.09 -3.97 4.67
N ILE A 76 -2.22 -4.44 3.41
CA ILE A 76 -1.30 -4.10 2.33
C ILE A 76 -1.52 -2.65 1.85
N ILE A 77 -2.78 -2.17 1.92
CA ILE A 77 -3.13 -0.77 1.63
C ILE A 77 -2.50 0.16 2.69
N LYS A 78 -2.45 -0.27 3.97
CA LYS A 78 -1.80 0.51 5.05
C LYS A 78 -0.28 0.64 4.80
N VAL A 79 0.32 -0.45 4.27
CA VAL A 79 1.75 -0.49 3.90
C VAL A 79 2.04 0.50 2.74
N ILE A 80 1.18 0.46 1.69
CA ILE A 80 1.32 1.34 0.50
C ILE A 80 1.12 2.82 0.88
N ARG A 81 0.08 3.09 1.67
CA ARG A 81 -0.21 4.43 2.21
C ARG A 81 0.96 4.96 3.03
N ASN A 82 1.53 4.10 3.89
CA ASN A 82 2.63 4.48 4.80
C ASN A 82 3.93 4.74 4.01
N SER A 83 4.10 4.01 2.88
CA SER A 83 5.19 4.27 1.93
C SER A 83 5.01 5.67 1.31
N LEU A 84 3.83 5.93 0.75
CA LEU A 84 3.54 7.18 0.00
C LEU A 84 3.46 8.42 0.94
N GLU A 85 3.11 8.20 2.22
CA GLU A 85 3.15 9.26 3.27
C GLU A 85 4.60 9.67 3.55
N HIS A 86 5.47 8.65 3.69
CA HIS A 86 6.90 8.85 3.92
C HIS A 86 7.57 9.40 2.66
N ALA A 87 6.97 9.15 1.49
CA ALA A 87 7.45 9.67 0.21
C ALA A 87 7.17 11.19 0.08
N ILE A 88 6.00 11.64 0.58
CA ILE A 88 5.67 13.08 0.67
C ILE A 88 6.61 13.76 1.71
N ASP A 89 6.92 13.02 2.78
CA ASP A 89 7.89 13.43 3.83
C ASP A 89 9.32 13.61 3.24
N LEU A 90 9.69 12.72 2.31
CA LEU A 90 10.98 12.78 1.58
C LEU A 90 10.90 13.71 0.35
N GLU A 91 9.69 14.23 0.06
CA GLU A 91 9.40 15.16 -1.07
C GLU A 91 9.58 14.47 -2.45
N LEU A 92 9.51 13.13 -2.44
CA LEU A 92 9.54 12.28 -3.65
C LEU A 92 8.27 12.47 -4.50
N ILE A 93 7.13 12.59 -3.80
CA ILE A 93 5.81 12.84 -4.40
C ILE A 93 5.11 13.93 -3.58
N THR A 94 4.12 14.58 -4.19
CA THR A 94 3.38 15.69 -3.58
C THR A 94 1.92 15.30 -3.27
N LYS A 95 1.59 14.01 -3.49
CA LYS A 95 0.21 13.51 -3.38
C LYS A 95 0.21 11.99 -3.11
N ASN A 96 -0.48 11.57 -2.04
CA ASN A 96 -0.66 10.15 -1.70
C ASN A 96 -1.96 9.65 -2.36
N VAL A 97 -1.82 8.91 -3.47
CA VAL A 97 -2.95 8.34 -4.23
C VAL A 97 -3.60 7.14 -3.50
N ALA A 98 -2.86 6.52 -2.54
CA ALA A 98 -3.34 5.35 -1.80
C ALA A 98 -4.21 5.79 -0.61
N ALA A 99 -3.98 7.04 -0.13
CA ALA A 99 -4.82 7.68 0.90
C ALA A 99 -6.21 8.04 0.32
N LYS A 100 -6.26 8.21 -1.02
CA LYS A 100 -7.52 8.43 -1.76
C LYS A 100 -8.27 7.11 -1.94
N THR A 101 -7.53 6.00 -1.84
CA THR A 101 -8.05 4.64 -2.02
C THR A 101 -8.54 4.09 -0.68
N LYS A 102 -9.87 4.16 -0.48
CA LYS A 102 -10.53 3.58 0.71
C LYS A 102 -10.75 2.08 0.50
N LEU A 103 -10.91 1.35 1.61
CA LEU A 103 -11.09 -0.11 1.60
C LEU A 103 -12.45 -0.50 0.98
N PRO A 104 -12.50 -1.44 -0.03
CA PRO A 104 -13.78 -1.99 -0.52
C PRO A 104 -14.47 -2.82 0.59
N LYS A 105 -15.64 -2.34 1.03
CA LYS A 105 -16.44 -3.01 2.07
C LYS A 105 -16.97 -4.36 1.55
N ALA A 106 -17.02 -5.35 2.44
CA ALA A 106 -17.52 -6.71 2.12
C ALA A 106 -18.56 -7.15 3.18
N ASP A 107 -19.08 -6.15 3.91
CA ASP A 107 -19.97 -6.35 5.08
C ASP A 107 -21.42 -6.06 4.72
N LYS A 108 -22.26 -6.13 5.76
CA LYS A 108 -23.67 -5.74 5.71
C LYS A 108 -23.84 -4.47 6.56
N GLU A 109 -24.03 -3.31 5.91
CA GLU A 109 -24.22 -2.03 6.61
C GLU A 109 -25.65 -1.91 7.17
N GLU A 110 -25.81 -0.97 8.11
CA GLU A 110 -27.10 -0.66 8.73
C GLU A 110 -27.97 0.12 7.71
N LEU A 111 -28.74 -0.65 6.92
CA LEU A 111 -29.54 -0.15 5.78
C LEU A 111 -30.59 0.88 6.24
N GLU A 112 -31.22 0.59 7.40
CA GLU A 112 -32.21 1.49 8.01
C GLU A 112 -31.53 2.76 8.50
N HIS A 113 -30.43 2.61 9.26
CA HIS A 113 -29.71 3.75 9.88
C HIS A 113 -28.98 4.61 8.83
N HIS A 114 -28.84 4.09 7.60
CA HIS A 114 -28.25 4.83 6.46
C HIS A 114 -29.27 4.79 5.29
N HIS A 115 -30.57 4.96 5.63
CA HIS A 115 -31.68 4.91 4.64
C HIS A 115 -31.55 6.04 3.60
N HIS A 116 -31.95 5.72 2.36
CA HIS A 116 -31.79 6.60 1.19
C HIS A 116 -32.90 7.66 1.20
N HIS A 117 -32.50 8.90 1.56
CA HIS A 117 -33.42 10.05 1.72
C HIS A 117 -33.92 10.55 0.35
N HIS A 118 -34.91 9.85 -0.22
CA HIS A 118 -35.57 10.26 -1.47
C HIS A 118 -36.77 11.17 -1.11
N MET A 1 15.34 18.33 -7.29
CA MET A 1 14.18 17.90 -8.10
C MET A 1 14.62 16.79 -9.06
N GLU A 2 15.01 15.65 -8.47
CA GLU A 2 15.53 14.48 -9.19
C GLU A 2 14.39 13.82 -9.99
N PRO A 3 14.65 13.30 -11.25
CA PRO A 3 13.63 12.63 -12.08
C PRO A 3 13.13 11.30 -11.46
N SER A 4 12.33 10.55 -12.24
CA SER A 4 11.65 9.33 -11.75
C SER A 4 12.60 8.08 -11.81
N LYS A 5 13.91 8.30 -11.53
CA LYS A 5 14.93 7.24 -11.40
C LYS A 5 14.76 6.52 -10.05
N LEU A 6 13.67 5.74 -9.95
CA LEU A 6 13.25 5.05 -8.73
C LEU A 6 11.97 4.26 -9.03
N SER A 7 12.11 2.94 -9.12
CA SER A 7 10.96 2.03 -9.13
C SER A 7 10.38 1.97 -7.72
N TYR A 8 9.03 1.94 -7.60
CA TYR A 8 8.35 1.92 -6.31
C TYR A 8 8.75 0.68 -5.47
N GLY A 9 9.08 -0.42 -6.17
CA GLY A 9 9.60 -1.63 -5.53
C GLY A 9 10.92 -1.40 -4.80
N GLU A 10 11.80 -0.59 -5.42
CA GLU A 10 13.11 -0.23 -4.84
C GLU A 10 12.93 0.71 -3.65
N TYR A 11 11.92 1.59 -3.75
CA TYR A 11 11.57 2.54 -2.69
C TYR A 11 11.03 1.78 -1.45
N LEU A 12 10.27 0.70 -1.69
CA LEU A 12 9.71 -0.15 -0.62
C LEU A 12 10.79 -0.82 0.23
N GLU A 13 11.95 -1.06 -0.40
CA GLU A 13 13.14 -1.62 0.29
C GLU A 13 13.70 -0.61 1.30
N SER A 14 13.96 0.61 0.81
CA SER A 14 14.54 1.71 1.61
C SER A 14 13.63 2.11 2.79
N TRP A 15 12.32 2.19 2.48
CA TRP A 15 11.25 2.43 3.46
C TRP A 15 11.21 1.29 4.50
N PHE A 16 11.33 0.03 4.02
CA PHE A 16 11.26 -1.18 4.86
C PHE A 16 12.40 -1.20 5.90
N ASN A 17 13.63 -0.90 5.46
CA ASN A 17 14.82 -0.88 6.36
C ASN A 17 14.59 0.09 7.52
N THR A 18 13.98 1.25 7.20
CA THR A 18 13.59 2.26 8.21
C THR A 18 12.49 1.69 9.14
N LYS A 19 11.56 0.94 8.55
CA LYS A 19 10.35 0.43 9.23
C LYS A 19 10.70 -0.72 10.21
N ARG A 20 11.81 -1.42 9.95
CA ARG A 20 12.36 -2.48 10.85
C ARG A 20 12.62 -1.94 12.28
N HIS A 21 12.88 -0.61 12.37
CA HIS A 21 13.05 0.09 13.66
C HIS A 21 11.70 0.27 14.38
N SER A 22 10.64 0.56 13.60
CA SER A 22 9.31 0.94 14.13
C SER A 22 8.52 -0.31 14.55
N VAL A 23 8.24 -1.17 13.57
CA VAL A 23 7.48 -2.42 13.78
C VAL A 23 8.39 -3.54 14.32
N GLY A 24 7.77 -4.60 14.84
CA GLY A 24 8.48 -5.77 15.35
C GLY A 24 9.19 -6.56 14.26
N ILE A 25 10.13 -7.43 14.65
CA ILE A 25 10.90 -8.29 13.72
C ILE A 25 9.94 -9.20 12.90
N GLN A 26 9.00 -9.81 13.62
CA GLN A 26 7.99 -10.70 13.04
C GLN A 26 7.02 -9.93 12.13
N THR A 27 6.59 -8.74 12.61
CA THR A 27 5.68 -7.85 11.89
C THR A 27 6.29 -7.39 10.57
N ALA A 28 7.61 -7.09 10.61
CA ALA A 28 8.38 -6.61 9.46
C ALA A 28 8.42 -7.66 8.34
N LYS A 29 8.68 -8.91 8.75
CA LYS A 29 8.76 -10.07 7.83
C LYS A 29 7.44 -10.25 7.06
N VAL A 30 6.32 -10.01 7.76
CA VAL A 30 4.96 -10.17 7.20
C VAL A 30 4.61 -9.00 6.25
N LEU A 31 5.01 -7.77 6.63
CA LEU A 31 4.78 -6.55 5.82
C LEU A 31 5.53 -6.65 4.48
N LYS A 32 6.79 -7.13 4.55
CA LYS A 32 7.64 -7.28 3.35
C LYS A 32 7.18 -8.50 2.53
N GLY A 33 6.63 -9.50 3.24
CA GLY A 33 6.00 -10.67 2.60
C GLY A 33 4.81 -10.28 1.74
N TYR A 34 4.11 -9.21 2.14
CA TYR A 34 3.02 -8.60 1.35
C TYR A 34 3.59 -7.74 0.22
N LEU A 35 4.73 -7.05 0.48
CA LEU A 35 5.36 -6.15 -0.52
C LEU A 35 5.78 -6.93 -1.77
N ASN A 36 6.64 -7.95 -1.59
CA ASN A 36 7.17 -8.77 -2.71
C ASN A 36 6.05 -9.52 -3.47
N SER A 37 5.03 -9.95 -2.73
CA SER A 37 3.98 -10.85 -3.25
C SER A 37 2.90 -10.07 -4.03
N ARG A 38 2.45 -8.94 -3.46
CA ARG A 38 1.37 -8.12 -4.03
C ARG A 38 1.89 -6.90 -4.82
N ILE A 39 2.65 -6.02 -4.15
CA ILE A 39 2.96 -4.68 -4.68
C ILE A 39 4.09 -4.72 -5.74
N ILE A 40 5.10 -5.60 -5.58
CA ILE A 40 6.22 -5.70 -6.56
C ILE A 40 5.69 -6.14 -7.97
N PRO A 41 4.81 -7.20 -8.12
CA PRO A 41 4.14 -7.52 -9.41
C PRO A 41 3.32 -6.35 -9.99
N SER A 42 2.65 -5.58 -9.10
CA SER A 42 1.70 -4.52 -9.49
C SER A 42 2.42 -3.19 -9.81
N LEU A 43 2.95 -2.54 -8.76
CA LEU A 43 3.54 -1.18 -8.82
C LEU A 43 5.08 -1.21 -8.68
N GLY A 44 5.65 -2.41 -8.49
CA GLY A 44 7.08 -2.56 -8.17
C GLY A 44 8.02 -2.10 -9.28
N ASN A 45 7.83 -2.62 -10.50
CA ASN A 45 8.60 -2.21 -11.70
C ASN A 45 8.22 -0.76 -12.10
N ILE A 46 6.94 -0.39 -11.86
CA ILE A 46 6.42 0.95 -12.14
C ILE A 46 7.15 1.98 -11.27
N LYS A 47 7.52 3.11 -11.88
CA LYS A 47 8.27 4.17 -11.23
C LYS A 47 7.35 4.95 -10.28
N LEU A 48 7.93 5.41 -9.15
CA LEU A 48 7.19 6.03 -8.01
C LEU A 48 6.31 7.22 -8.45
N ALA A 49 6.87 8.09 -9.31
CA ALA A 49 6.17 9.31 -9.80
C ALA A 49 4.98 8.99 -10.72
N LYS A 50 4.96 7.76 -11.27
CA LYS A 50 3.90 7.30 -12.21
C LYS A 50 2.70 6.66 -11.48
N LEU A 51 2.78 6.54 -10.15
CA LEU A 51 1.66 6.02 -9.33
C LEU A 51 0.49 7.03 -9.32
N THR A 52 -0.41 6.88 -10.31
CA THR A 52 -1.66 7.63 -10.40
C THR A 52 -2.80 6.81 -9.75
N SER A 53 -3.98 7.42 -9.57
CA SER A 53 -5.10 6.81 -8.80
C SER A 53 -5.65 5.54 -9.48
N LEU A 54 -5.51 5.48 -10.82
CA LEU A 54 -5.93 4.32 -11.63
C LEU A 54 -5.11 3.06 -11.24
N HIS A 55 -3.85 3.29 -10.83
CA HIS A 55 -2.94 2.22 -10.36
C HIS A 55 -3.46 1.58 -9.07
N MET A 56 -4.00 2.42 -8.16
CA MET A 56 -4.55 1.96 -6.86
C MET A 56 -5.91 1.30 -7.06
N GLN A 57 -6.69 1.81 -8.02
CA GLN A 57 -7.99 1.23 -8.40
C GLN A 57 -7.78 -0.17 -8.96
N ASN A 58 -6.83 -0.28 -9.90
CA ASN A 58 -6.50 -1.55 -10.58
C ASN A 58 -5.78 -2.50 -9.63
N TYR A 59 -5.13 -1.94 -8.59
CA TYR A 59 -4.52 -2.74 -7.50
C TYR A 59 -5.63 -3.43 -6.69
N VAL A 60 -6.68 -2.66 -6.32
CA VAL A 60 -7.85 -3.17 -5.57
C VAL A 60 -8.67 -4.16 -6.43
N ASN A 61 -8.72 -3.89 -7.76
CA ASN A 61 -9.36 -4.80 -8.73
C ASN A 61 -8.62 -6.14 -8.76
N SER A 62 -7.27 -6.09 -8.65
CA SER A 62 -6.40 -7.28 -8.58
C SER A 62 -6.69 -8.08 -7.30
N LEU A 63 -6.78 -7.38 -6.15
CA LEU A 63 -7.04 -8.01 -4.81
C LEU A 63 -8.37 -8.78 -4.81
N ARG A 64 -9.37 -8.14 -5.42
CA ARG A 64 -10.73 -8.68 -5.53
C ARG A 64 -10.77 -9.87 -6.50
N ASP A 65 -9.93 -9.80 -7.56
CA ASP A 65 -9.79 -10.88 -8.56
C ASP A 65 -9.05 -12.09 -7.94
N GLU A 66 -8.13 -11.81 -7.01
CA GLU A 66 -7.40 -12.84 -6.26
C GLU A 66 -8.32 -13.47 -5.19
N GLY A 67 -9.34 -12.70 -4.78
CA GLY A 67 -10.28 -13.11 -3.74
C GLY A 67 -9.66 -13.10 -2.35
N LEU A 68 -8.77 -12.11 -2.11
CA LEU A 68 -8.05 -11.96 -0.83
C LEU A 68 -9.01 -11.60 0.30
N LYS A 69 -8.61 -11.97 1.53
CA LYS A 69 -9.38 -11.65 2.74
C LYS A 69 -9.26 -10.16 3.07
N ARG A 70 -10.31 -9.58 3.66
CA ARG A 70 -10.37 -8.14 3.99
C ARG A 70 -9.26 -7.75 4.97
N GLY A 71 -8.74 -8.75 5.73
CA GLY A 71 -7.53 -8.59 6.52
C GLY A 71 -6.32 -8.19 5.67
N THR A 72 -5.99 -9.02 4.66
CA THR A 72 -4.86 -8.77 3.73
C THR A 72 -5.03 -7.42 3.01
N ILE A 73 -6.25 -7.20 2.48
CA ILE A 73 -6.58 -6.00 1.70
C ILE A 73 -6.40 -4.73 2.55
N GLU A 74 -6.81 -4.82 3.83
CA GLU A 74 -6.69 -3.70 4.78
C GLU A 74 -5.20 -3.34 4.98
N LYS A 75 -4.39 -4.37 5.34
CA LYS A 75 -2.97 -4.19 5.74
C LYS A 75 -2.15 -3.57 4.60
N ILE A 76 -2.22 -4.21 3.42
CA ILE A 76 -1.34 -3.89 2.28
C ILE A 76 -1.59 -2.46 1.75
N ILE A 77 -2.85 -2.00 1.84
CA ILE A 77 -3.22 -0.62 1.48
C ILE A 77 -2.63 0.39 2.49
N LYS A 78 -2.67 0.05 3.79
CA LYS A 78 -2.08 0.89 4.86
C LYS A 78 -0.54 0.99 4.69
N VAL A 79 0.06 -0.11 4.20
CA VAL A 79 1.52 -0.22 3.96
C VAL A 79 1.93 0.68 2.77
N ILE A 80 1.12 0.64 1.68
CA ILE A 80 1.34 1.49 0.48
C ILE A 80 1.20 2.97 0.86
N ARG A 81 0.13 3.28 1.63
CA ARG A 81 -0.11 4.61 2.19
C ARG A 81 1.11 5.13 2.96
N ASN A 82 1.62 4.31 3.90
CA ASN A 82 2.70 4.71 4.83
C ASN A 82 4.03 4.91 4.08
N SER A 83 4.21 4.19 2.97
CA SER A 83 5.37 4.34 2.08
C SER A 83 5.27 5.68 1.31
N LEU A 84 4.10 5.90 0.69
CA LEU A 84 3.83 7.09 -0.14
C LEU A 84 3.76 8.40 0.69
N GLU A 85 3.36 8.27 1.96
CA GLU A 85 3.33 9.39 2.93
C GLU A 85 4.76 9.88 3.19
N HIS A 86 5.68 8.92 3.27
CA HIS A 86 7.11 9.20 3.45
C HIS A 86 7.72 9.75 2.14
N ALA A 87 7.12 9.38 0.98
CA ALA A 87 7.54 9.89 -0.33
C ALA A 87 7.14 11.36 -0.52
N ILE A 88 5.98 11.76 0.07
CA ILE A 88 5.55 13.19 0.11
C ILE A 88 6.51 13.98 1.02
N ASP A 89 6.90 13.32 2.13
CA ASP A 89 7.84 13.84 3.13
C ASP A 89 9.26 14.03 2.52
N LEU A 90 9.66 13.13 1.61
CA LEU A 90 10.95 13.23 0.88
C LEU A 90 10.81 14.04 -0.43
N GLU A 91 9.57 14.50 -0.72
CA GLU A 91 9.24 15.34 -1.90
C GLU A 91 9.51 14.60 -3.25
N LEU A 92 9.42 13.26 -3.19
CA LEU A 92 9.49 12.38 -4.36
C LEU A 92 8.15 12.42 -5.13
N ILE A 93 7.05 12.66 -4.38
CA ILE A 93 5.70 12.93 -4.92
C ILE A 93 5.06 14.06 -4.10
N THR A 94 4.12 14.81 -4.70
CA THR A 94 3.46 15.96 -4.04
C THR A 94 2.19 15.51 -3.28
N LYS A 95 1.59 14.39 -3.73
CA LYS A 95 0.38 13.80 -3.12
C LYS A 95 0.41 12.27 -3.32
N ASN A 96 -0.19 11.51 -2.39
CA ASN A 96 -0.34 10.06 -2.56
C ASN A 96 -1.78 9.74 -3.01
N VAL A 97 -1.88 8.86 -3.99
CA VAL A 97 -3.16 8.44 -4.58
C VAL A 97 -3.80 7.26 -3.80
N ALA A 98 -3.11 6.81 -2.73
CA ALA A 98 -3.59 5.72 -1.85
C ALA A 98 -4.43 6.29 -0.69
N ALA A 99 -4.50 7.64 -0.60
CA ALA A 99 -5.32 8.35 0.40
C ALA A 99 -6.82 8.17 0.13
N LYS A 100 -7.18 7.98 -1.15
CA LYS A 100 -8.57 7.69 -1.57
C LYS A 100 -8.87 6.19 -1.45
N THR A 101 -7.81 5.39 -1.38
CA THR A 101 -7.89 3.92 -1.35
C THR A 101 -8.01 3.44 0.11
N LYS A 102 -9.21 2.98 0.49
CA LYS A 102 -9.49 2.38 1.80
C LYS A 102 -9.89 0.90 1.63
N LEU A 103 -10.03 0.18 2.75
CA LEU A 103 -10.59 -1.17 2.76
C LEU A 103 -12.06 -1.12 2.26
N PRO A 104 -12.40 -1.84 1.14
CA PRO A 104 -13.78 -1.93 0.64
C PRO A 104 -14.63 -2.96 1.43
N LYS A 105 -15.92 -3.05 1.08
CA LYS A 105 -16.87 -3.99 1.68
C LYS A 105 -16.68 -5.38 1.04
N ALA A 106 -15.82 -6.19 1.67
CA ALA A 106 -15.45 -7.51 1.17
C ALA A 106 -16.26 -8.61 1.88
N ASP A 107 -17.47 -8.87 1.34
CA ASP A 107 -18.41 -9.94 1.80
C ASP A 107 -19.05 -9.62 3.16
N LYS A 108 -18.33 -9.92 4.26
CA LYS A 108 -18.90 -10.02 5.61
C LYS A 108 -18.32 -8.96 6.57
N GLU A 109 -19.21 -8.40 7.40
CA GLU A 109 -18.86 -7.56 8.55
C GLU A 109 -20.03 -7.51 9.53
N GLU A 110 -19.72 -7.24 10.81
CA GLU A 110 -20.71 -7.29 11.91
C GLU A 110 -21.74 -6.12 11.89
N LEU A 111 -21.63 -5.24 10.86
CA LEU A 111 -22.43 -4.01 10.78
C LEU A 111 -23.81 -4.26 10.13
N GLU A 112 -24.05 -5.51 9.67
CA GLU A 112 -25.37 -5.95 9.20
C GLU A 112 -26.36 -5.96 10.37
N HIS A 113 -26.04 -6.77 11.41
CA HIS A 113 -26.91 -6.91 12.61
C HIS A 113 -26.73 -5.74 13.61
N HIS A 114 -26.00 -4.69 13.17
CA HIS A 114 -25.88 -3.42 13.93
C HIS A 114 -27.21 -2.63 13.87
N HIS A 115 -28.07 -3.01 12.90
CA HIS A 115 -29.47 -2.56 12.84
C HIS A 115 -30.34 -3.74 12.36
N HIS A 116 -31.35 -4.11 13.18
CA HIS A 116 -32.22 -5.25 12.90
C HIS A 116 -33.59 -4.76 12.40
N HIS A 117 -33.99 -5.22 11.20
CA HIS A 117 -35.32 -4.92 10.64
C HIS A 117 -36.42 -5.66 11.44
N HIS A 118 -37.57 -5.01 11.62
CA HIS A 118 -38.74 -5.64 12.28
C HIS A 118 -39.69 -6.19 11.19
N MET A 1 12.09 17.63 -8.31
CA MET A 1 11.07 17.24 -9.31
C MET A 1 10.77 15.74 -9.19
N GLU A 2 9.70 15.29 -9.88
CA GLU A 2 9.25 13.89 -9.89
C GLU A 2 10.33 12.96 -10.52
N PRO A 3 10.83 11.92 -9.79
CA PRO A 3 11.88 11.03 -10.32
C PRO A 3 11.33 9.99 -11.33
N SER A 4 11.87 10.03 -12.56
CA SER A 4 11.68 8.97 -13.58
C SER A 4 12.68 7.82 -13.35
N LYS A 5 13.43 7.90 -12.23
CA LYS A 5 14.57 7.04 -11.95
C LYS A 5 14.20 6.00 -10.90
N LEU A 6 13.72 6.51 -9.74
CA LEU A 6 13.35 5.69 -8.59
C LEU A 6 12.10 4.83 -8.88
N SER A 7 12.32 3.52 -9.03
CA SER A 7 11.22 2.54 -9.09
C SER A 7 10.60 2.41 -7.69
N TYR A 8 9.28 2.20 -7.63
CA TYR A 8 8.54 2.08 -6.36
C TYR A 8 9.02 0.86 -5.56
N GLY A 9 9.44 -0.20 -6.26
CA GLY A 9 9.97 -1.42 -5.64
C GLY A 9 11.31 -1.18 -4.94
N GLU A 10 12.14 -0.34 -5.55
CA GLU A 10 13.43 0.12 -4.95
C GLU A 10 13.16 0.94 -3.68
N TYR A 11 12.13 1.80 -3.78
CA TYR A 11 11.68 2.67 -2.69
C TYR A 11 11.07 1.85 -1.55
N LEU A 12 10.37 0.75 -1.88
CA LEU A 12 9.73 -0.15 -0.90
C LEU A 12 10.77 -0.91 -0.08
N GLU A 13 11.91 -1.22 -0.71
CA GLU A 13 13.05 -1.85 -0.03
C GLU A 13 13.65 -0.90 1.02
N SER A 14 13.98 0.31 0.57
CA SER A 14 14.58 1.36 1.43
C SER A 14 13.64 1.74 2.58
N TRP A 15 12.34 1.91 2.25
CA TRP A 15 11.26 2.20 3.21
C TRP A 15 11.19 1.06 4.26
N PHE A 16 11.12 -0.18 3.75
CA PHE A 16 10.98 -1.41 4.57
C PHE A 16 12.07 -1.51 5.66
N ASN A 17 13.34 -1.51 5.22
CA ASN A 17 14.51 -1.75 6.09
C ASN A 17 14.52 -0.82 7.32
N THR A 18 14.25 0.47 7.08
CA THR A 18 14.23 1.46 8.16
C THR A 18 12.91 1.43 8.96
N LYS A 19 11.81 0.98 8.32
CA LYS A 19 10.45 1.04 8.91
C LYS A 19 10.20 -0.13 9.89
N ARG A 20 11.07 -1.16 9.83
CA ARG A 20 11.05 -2.32 10.77
C ARG A 20 11.12 -1.89 12.25
N HIS A 21 11.72 -0.73 12.50
CA HIS A 21 11.92 -0.18 13.85
C HIS A 21 10.59 0.31 14.49
N SER A 22 9.60 0.65 13.64
CA SER A 22 8.29 1.18 14.09
C SER A 22 7.19 0.10 14.01
N VAL A 23 7.23 -0.70 12.93
CA VAL A 23 6.22 -1.74 12.68
C VAL A 23 6.50 -2.97 13.57
N GLY A 24 7.78 -3.34 13.73
CA GLY A 24 8.19 -4.54 14.48
C GLY A 24 8.89 -5.53 13.57
N ILE A 25 9.70 -6.41 14.16
CA ILE A 25 10.50 -7.42 13.41
C ILE A 25 9.58 -8.48 12.76
N GLN A 26 8.61 -9.00 13.55
CA GLN A 26 7.64 -10.00 13.05
C GLN A 26 6.69 -9.37 12.01
N THR A 27 6.21 -8.16 12.32
CA THR A 27 5.34 -7.36 11.42
C THR A 27 6.06 -7.06 10.09
N ALA A 28 7.40 -6.87 10.17
CA ALA A 28 8.24 -6.60 9.00
C ALA A 28 8.21 -7.80 8.03
N LYS A 29 8.30 -9.01 8.59
CA LYS A 29 8.28 -10.28 7.83
C LYS A 29 6.91 -10.46 7.13
N VAL A 30 5.84 -10.00 7.81
CA VAL A 30 4.46 -10.03 7.28
C VAL A 30 4.35 -9.11 6.04
N LEU A 31 4.83 -7.85 6.21
CA LEU A 31 4.72 -6.79 5.18
C LEU A 31 5.61 -7.11 3.97
N LYS A 32 6.80 -7.68 4.23
CA LYS A 32 7.79 -8.03 3.19
C LYS A 32 7.24 -9.16 2.31
N GLY A 33 6.65 -10.17 2.97
CA GLY A 33 6.02 -11.29 2.29
C GLY A 33 4.88 -10.86 1.37
N TYR A 34 4.23 -9.74 1.74
CA TYR A 34 3.18 -9.12 0.95
C TYR A 34 3.74 -8.16 -0.11
N LEU A 35 4.94 -7.57 0.15
CA LEU A 35 5.57 -6.62 -0.77
C LEU A 35 5.90 -7.32 -2.10
N ASN A 36 6.79 -8.33 -2.03
CA ASN A 36 7.26 -9.06 -3.22
C ASN A 36 6.14 -9.89 -3.89
N SER A 37 5.06 -10.19 -3.13
CA SER A 37 3.91 -10.97 -3.63
C SER A 37 2.92 -10.07 -4.40
N ARG A 38 2.51 -8.97 -3.76
CA ARG A 38 1.41 -8.12 -4.23
C ARG A 38 1.90 -6.90 -5.01
N ILE A 39 2.70 -6.05 -4.33
CA ILE A 39 3.02 -4.70 -4.83
C ILE A 39 4.17 -4.73 -5.88
N ILE A 40 5.18 -5.59 -5.70
CA ILE A 40 6.34 -5.67 -6.64
C ILE A 40 5.89 -6.09 -8.10
N PRO A 41 5.06 -7.19 -8.29
CA PRO A 41 4.51 -7.55 -9.63
C PRO A 41 3.65 -6.42 -10.23
N SER A 42 2.90 -5.71 -9.35
CA SER A 42 1.91 -4.70 -9.79
C SER A 42 2.60 -3.34 -10.07
N LEU A 43 3.06 -2.67 -9.00
CA LEU A 43 3.56 -1.26 -9.06
C LEU A 43 5.09 -1.15 -8.80
N GLY A 44 5.75 -2.27 -8.45
CA GLY A 44 7.15 -2.28 -8.04
C GLY A 44 8.12 -1.86 -9.14
N ASN A 45 7.95 -2.45 -10.33
CA ASN A 45 8.78 -2.15 -11.51
C ASN A 45 8.47 -0.74 -12.05
N ILE A 46 7.24 -0.27 -11.78
CA ILE A 46 6.77 1.09 -12.14
C ILE A 46 7.44 2.12 -11.22
N LYS A 47 7.76 3.31 -11.76
CA LYS A 47 8.39 4.40 -10.98
C LYS A 47 7.41 5.01 -9.96
N LEU A 48 7.97 5.47 -8.83
CA LEU A 48 7.21 6.09 -7.72
C LEU A 48 6.38 7.30 -8.20
N ALA A 49 6.97 8.11 -9.10
CA ALA A 49 6.30 9.29 -9.70
C ALA A 49 5.15 8.88 -10.64
N LYS A 50 5.23 7.66 -11.20
CA LYS A 50 4.23 7.13 -12.16
C LYS A 50 3.06 6.45 -11.45
N LEU A 51 3.11 6.34 -10.11
CA LEU A 51 1.97 5.87 -9.31
C LEU A 51 0.82 6.88 -9.36
N THR A 52 -0.09 6.68 -10.32
CA THR A 52 -1.31 7.49 -10.48
C THR A 52 -2.47 6.85 -9.68
N SER A 53 -3.59 7.58 -9.61
CA SER A 53 -4.82 7.17 -8.90
C SER A 53 -5.40 5.86 -9.51
N LEU A 54 -5.24 5.71 -10.85
CA LEU A 54 -5.68 4.51 -11.58
C LEU A 54 -4.97 3.25 -11.06
N HIS A 55 -3.67 3.38 -10.74
CA HIS A 55 -2.83 2.28 -10.23
C HIS A 55 -3.33 1.74 -8.88
N MET A 56 -3.93 2.63 -8.09
CA MET A 56 -4.50 2.29 -6.77
C MET A 56 -5.80 1.49 -6.94
N GLN A 57 -6.66 1.96 -7.85
CA GLN A 57 -7.94 1.30 -8.16
C GLN A 57 -7.69 -0.12 -8.72
N ASN A 58 -6.75 -0.22 -9.68
CA ASN A 58 -6.36 -1.49 -10.33
C ASN A 58 -5.83 -2.49 -9.30
N TYR A 59 -5.13 -1.96 -8.27
CA TYR A 59 -4.57 -2.77 -7.19
C TYR A 59 -5.70 -3.40 -6.36
N VAL A 60 -6.68 -2.57 -5.92
CA VAL A 60 -7.83 -3.01 -5.10
C VAL A 60 -8.72 -4.01 -5.87
N ASN A 61 -8.84 -3.79 -7.20
CA ASN A 61 -9.56 -4.72 -8.11
C ASN A 61 -8.87 -6.09 -8.10
N SER A 62 -7.52 -6.05 -8.23
CA SER A 62 -6.65 -7.25 -8.27
C SER A 62 -6.87 -8.12 -7.01
N LEU A 63 -6.96 -7.44 -5.85
CA LEU A 63 -7.10 -8.10 -4.52
C LEU A 63 -8.40 -8.94 -4.45
N ARG A 64 -9.45 -8.44 -5.11
CA ARG A 64 -10.76 -9.11 -5.17
C ARG A 64 -10.71 -10.31 -6.15
N ASP A 65 -9.93 -10.19 -7.23
CA ASP A 65 -9.72 -11.31 -8.19
C ASP A 65 -8.85 -12.41 -7.55
N GLU A 66 -7.98 -11.99 -6.61
CA GLU A 66 -7.13 -12.90 -5.81
C GLU A 66 -7.95 -13.56 -4.68
N GLY A 67 -9.12 -12.96 -4.38
CA GLY A 67 -10.01 -13.43 -3.33
C GLY A 67 -9.43 -13.22 -1.94
N LEU A 68 -8.63 -12.15 -1.79
CA LEU A 68 -8.01 -11.76 -0.52
C LEU A 68 -9.07 -11.31 0.49
N LYS A 69 -8.87 -11.71 1.76
CA LYS A 69 -9.74 -11.32 2.88
C LYS A 69 -9.39 -9.90 3.33
N ARG A 70 -10.41 -9.19 3.88
CA ARG A 70 -10.32 -7.74 4.24
C ARG A 70 -9.12 -7.43 5.16
N GLY A 71 -8.73 -8.40 5.99
CA GLY A 71 -7.55 -8.29 6.84
C GLY A 71 -6.25 -8.20 6.05
N THR A 72 -6.06 -9.13 5.10
CA THR A 72 -4.88 -9.16 4.22
C THR A 72 -4.82 -7.86 3.37
N ILE A 73 -6.02 -7.44 2.87
CA ILE A 73 -6.19 -6.20 2.11
C ILE A 73 -5.79 -4.98 2.96
N GLU A 74 -6.24 -4.97 4.23
CA GLU A 74 -5.97 -3.87 5.17
C GLU A 74 -4.46 -3.63 5.31
N LYS A 75 -3.71 -4.74 5.52
CA LYS A 75 -2.26 -4.70 5.80
C LYS A 75 -1.48 -4.10 4.62
N ILE A 76 -1.81 -4.57 3.40
CA ILE A 76 -1.08 -4.17 2.17
C ILE A 76 -1.45 -2.75 1.71
N ILE A 77 -2.70 -2.31 2.03
CA ILE A 77 -3.13 -0.93 1.78
C ILE A 77 -2.39 0.02 2.74
N LYS A 78 -2.24 -0.39 4.03
CA LYS A 78 -1.49 0.39 5.05
C LYS A 78 -0.02 0.59 4.62
N VAL A 79 0.54 -0.46 3.97
CA VAL A 79 1.92 -0.42 3.43
C VAL A 79 2.07 0.68 2.38
N ILE A 80 1.23 0.62 1.32
CA ILE A 80 1.33 1.56 0.18
C ILE A 80 1.06 3.00 0.62
N ARG A 81 0.00 3.18 1.45
CA ARG A 81 -0.38 4.49 2.00
C ARG A 81 0.80 5.12 2.76
N ASN A 82 1.40 4.34 3.67
CA ASN A 82 2.49 4.83 4.55
C ASN A 82 3.77 5.13 3.74
N SER A 83 4.02 4.33 2.69
CA SER A 83 5.16 4.53 1.78
C SER A 83 5.01 5.88 1.07
N LEU A 84 3.79 6.15 0.57
CA LEU A 84 3.47 7.39 -0.16
C LEU A 84 3.37 8.61 0.78
N GLU A 85 3.06 8.37 2.08
CA GLU A 85 3.11 9.40 3.15
C GLU A 85 4.55 9.91 3.28
N HIS A 86 5.49 8.96 3.35
CA HIS A 86 6.93 9.24 3.51
C HIS A 86 7.52 9.78 2.19
N ALA A 87 6.88 9.44 1.06
CA ALA A 87 7.29 9.93 -0.28
C ALA A 87 6.96 11.43 -0.45
N ILE A 88 5.83 11.90 0.15
CA ILE A 88 5.49 13.35 0.21
C ILE A 88 6.46 14.08 1.14
N ASP A 89 6.81 13.40 2.24
CA ASP A 89 7.79 13.86 3.24
C ASP A 89 9.17 14.10 2.59
N LEU A 90 9.56 13.18 1.67
CA LEU A 90 10.81 13.29 0.88
C LEU A 90 10.62 14.15 -0.40
N GLU A 91 9.36 14.60 -0.62
CA GLU A 91 8.96 15.50 -1.74
C GLU A 91 9.08 14.82 -3.13
N LEU A 92 9.22 13.48 -3.12
CA LEU A 92 9.29 12.63 -4.34
C LEU A 92 7.97 12.68 -5.13
N ILE A 93 6.87 12.68 -4.36
CA ILE A 93 5.51 12.89 -4.87
C ILE A 93 4.86 14.00 -4.03
N THR A 94 3.84 14.67 -4.57
CA THR A 94 3.09 15.72 -3.85
C THR A 94 1.76 15.16 -3.33
N LYS A 95 1.17 14.24 -4.09
CA LYS A 95 -0.14 13.64 -3.81
C LYS A 95 0.03 12.16 -3.47
N ASN A 96 -0.39 11.78 -2.26
CA ASN A 96 -0.52 10.38 -1.87
C ASN A 96 -1.75 9.82 -2.59
N VAL A 97 -1.53 9.11 -3.70
CA VAL A 97 -2.61 8.55 -4.51
C VAL A 97 -3.38 7.43 -3.76
N ALA A 98 -2.76 6.88 -2.68
CA ALA A 98 -3.37 5.82 -1.85
C ALA A 98 -4.17 6.41 -0.68
N ALA A 99 -4.19 7.75 -0.55
CA ALA A 99 -4.98 8.45 0.49
C ALA A 99 -6.50 8.31 0.22
N LYS A 100 -6.86 8.20 -1.07
CA LYS A 100 -8.25 7.92 -1.50
C LYS A 100 -8.56 6.40 -1.41
N THR A 101 -7.51 5.57 -1.36
CA THR A 101 -7.65 4.11 -1.31
C THR A 101 -8.11 3.66 0.09
N LYS A 102 -9.44 3.50 0.22
CA LYS A 102 -10.09 3.06 1.46
C LYS A 102 -10.31 1.54 1.43
N LEU A 103 -10.36 0.94 2.63
CA LEU A 103 -10.48 -0.52 2.81
C LEU A 103 -11.87 -1.02 2.30
N PRO A 104 -11.92 -1.91 1.24
CA PRO A 104 -13.19 -2.52 0.77
C PRO A 104 -13.82 -3.43 1.85
N LYS A 105 -15.16 -3.41 1.95
CA LYS A 105 -15.92 -4.15 2.95
C LYS A 105 -16.11 -5.60 2.51
N ALA A 106 -15.72 -6.54 3.39
CA ALA A 106 -16.09 -7.95 3.33
C ALA A 106 -17.09 -8.23 4.46
N ASP A 107 -17.87 -7.18 4.75
CA ASP A 107 -18.78 -7.10 5.89
C ASP A 107 -19.71 -5.87 5.66
N LYS A 108 -20.42 -5.44 6.71
CA LYS A 108 -21.29 -4.24 6.66
C LYS A 108 -21.43 -3.64 8.07
N GLU A 109 -21.95 -2.40 8.11
CA GLU A 109 -22.23 -1.72 9.38
C GLU A 109 -23.49 -2.32 10.02
N GLU A 110 -23.30 -3.06 11.13
CA GLU A 110 -24.39 -3.74 11.85
C GLU A 110 -25.03 -2.79 12.89
N LEU A 111 -24.97 -1.48 12.61
CA LEU A 111 -25.49 -0.42 13.48
C LEU A 111 -26.99 -0.23 13.21
N GLU A 112 -27.41 -0.61 11.99
CA GLU A 112 -28.77 -0.41 11.49
C GLU A 112 -29.70 -1.48 12.06
N HIS A 113 -30.54 -1.09 13.06
CA HIS A 113 -31.66 -1.91 13.60
C HIS A 113 -31.20 -3.13 14.45
N HIS A 114 -29.92 -3.53 14.34
CA HIS A 114 -29.35 -4.68 15.08
C HIS A 114 -29.14 -4.31 16.55
N HIS A 115 -28.67 -3.07 16.79
CA HIS A 115 -28.52 -2.52 18.15
C HIS A 115 -29.90 -2.15 18.70
N HIS A 116 -30.25 -2.73 19.86
CA HIS A 116 -31.55 -2.50 20.52
C HIS A 116 -31.66 -1.05 20.99
N HIS A 117 -32.89 -0.51 21.00
CA HIS A 117 -33.20 0.82 21.56
C HIS A 117 -33.09 0.79 23.09
N HIS A 118 -33.08 1.96 23.73
CA HIS A 118 -33.15 2.04 25.20
C HIS A 118 -34.63 1.93 25.64
N MET A 1 7.65 17.84 -12.36
CA MET A 1 8.08 16.93 -13.46
C MET A 1 9.58 16.60 -13.31
N GLU A 2 10.02 16.49 -12.05
CA GLU A 2 11.43 16.23 -11.68
C GLU A 2 11.82 14.79 -12.06
N PRO A 3 13.10 14.53 -12.53
CA PRO A 3 13.58 13.17 -12.82
C PRO A 3 13.46 12.24 -11.60
N SER A 4 12.28 11.62 -11.45
CA SER A 4 11.97 10.70 -10.37
C SER A 4 12.51 9.31 -10.73
N LYS A 5 13.80 9.13 -10.44
CA LYS A 5 14.59 7.94 -10.80
C LYS A 5 14.20 6.74 -9.94
N LEU A 6 13.73 7.03 -8.72
CA LEU A 6 13.35 6.03 -7.72
C LEU A 6 12.01 5.37 -8.09
N SER A 7 12.03 4.07 -8.45
CA SER A 7 10.80 3.28 -8.67
C SER A 7 10.12 2.98 -7.32
N TYR A 8 8.83 2.61 -7.34
CA TYR A 8 8.07 2.33 -6.11
C TYR A 8 8.65 1.10 -5.38
N GLY A 9 8.97 0.05 -6.14
CA GLY A 9 9.52 -1.19 -5.57
C GLY A 9 10.89 -0.99 -4.95
N GLU A 10 11.70 -0.11 -5.57
CA GLU A 10 13.04 0.25 -5.06
C GLU A 10 12.91 1.07 -3.78
N TYR A 11 11.88 1.96 -3.78
CA TYR A 11 11.52 2.78 -2.62
C TYR A 11 11.08 1.89 -1.45
N LEU A 12 10.33 0.82 -1.74
CA LEU A 12 9.78 -0.09 -0.70
C LEU A 12 10.88 -0.83 0.05
N GLU A 13 12.00 -1.12 -0.64
CA GLU A 13 13.16 -1.79 -0.02
C GLU A 13 13.86 -0.85 0.97
N SER A 14 14.01 0.42 0.55
CA SER A 14 14.70 1.46 1.34
C SER A 14 13.84 1.90 2.54
N TRP A 15 12.55 2.18 2.26
CA TRP A 15 11.51 2.51 3.26
C TRP A 15 11.46 1.41 4.33
N PHE A 16 11.44 0.15 3.86
CA PHE A 16 11.44 -1.03 4.73
C PHE A 16 12.67 -1.05 5.64
N ASN A 17 13.86 -0.83 5.05
CA ASN A 17 15.14 -0.91 5.74
C ASN A 17 15.22 0.15 6.86
N THR A 18 14.61 1.31 6.61
CA THR A 18 14.44 2.38 7.60
C THR A 18 13.40 1.97 8.68
N LYS A 19 12.31 1.33 8.23
CA LYS A 19 11.12 1.06 9.06
C LYS A 19 11.35 -0.11 10.04
N ARG A 20 12.38 -0.93 9.75
CA ARG A 20 12.85 -2.01 10.64
C ARG A 20 13.11 -1.47 12.07
N HIS A 21 13.72 -0.27 12.16
CA HIS A 21 14.04 0.41 13.44
C HIS A 21 12.77 0.82 14.22
N SER A 22 11.61 0.89 13.53
CA SER A 22 10.31 1.25 14.15
C SER A 22 9.48 0.00 14.53
N VAL A 23 9.66 -1.09 13.77
CA VAL A 23 8.86 -2.33 13.92
C VAL A 23 9.72 -3.48 14.50
N GLY A 24 9.09 -4.61 14.81
CA GLY A 24 9.81 -5.82 15.23
C GLY A 24 10.41 -6.56 14.04
N ILE A 25 11.27 -7.56 14.32
CA ILE A 25 11.88 -8.43 13.28
C ILE A 25 10.81 -9.28 12.59
N GLN A 26 9.93 -9.88 13.42
CA GLN A 26 8.80 -10.69 12.94
C GLN A 26 7.76 -9.80 12.21
N THR A 27 7.53 -8.59 12.74
CA THR A 27 6.60 -7.61 12.17
C THR A 27 7.09 -7.13 10.79
N ALA A 28 8.42 -6.94 10.68
CA ALA A 28 9.09 -6.51 9.44
C ALA A 28 8.91 -7.57 8.34
N LYS A 29 9.06 -8.85 8.76
CA LYS A 29 8.83 -10.02 7.90
C LYS A 29 7.40 -10.01 7.31
N VAL A 30 6.42 -9.60 8.13
CA VAL A 30 4.99 -9.56 7.76
C VAL A 30 4.71 -8.44 6.73
N LEU A 31 5.21 -7.22 7.02
CA LEU A 31 4.96 -6.03 6.19
C LEU A 31 5.63 -6.17 4.81
N LYS A 32 6.84 -6.76 4.80
CA LYS A 32 7.60 -6.97 3.55
C LYS A 32 6.95 -8.07 2.71
N GLY A 33 6.37 -9.07 3.40
CA GLY A 33 5.66 -10.18 2.75
C GLY A 33 4.47 -9.71 1.95
N TYR A 34 3.83 -8.62 2.41
CA TYR A 34 2.75 -7.94 1.70
C TYR A 34 3.28 -7.29 0.42
N LEU A 35 4.45 -6.64 0.55
CA LEU A 35 5.07 -5.87 -0.54
C LEU A 35 5.53 -6.80 -1.68
N ASN A 36 6.48 -7.70 -1.39
CA ASN A 36 7.15 -8.54 -2.41
C ASN A 36 6.20 -9.51 -3.15
N SER A 37 5.12 -9.93 -2.46
CA SER A 37 4.13 -10.88 -3.02
C SER A 37 3.04 -10.15 -3.82
N ARG A 38 2.48 -9.06 -3.24
CA ARG A 38 1.32 -8.35 -3.82
C ARG A 38 1.75 -7.12 -4.65
N ILE A 39 2.49 -6.20 -4.02
CA ILE A 39 2.82 -4.91 -4.63
C ILE A 39 3.90 -5.03 -5.74
N ILE A 40 5.03 -5.72 -5.47
CA ILE A 40 6.20 -5.75 -6.39
C ILE A 40 5.83 -6.21 -7.85
N PRO A 41 5.05 -7.35 -8.07
CA PRO A 41 4.66 -7.79 -9.44
C PRO A 41 3.61 -6.85 -10.10
N SER A 42 3.00 -5.94 -9.31
CA SER A 42 1.97 -5.01 -9.80
C SER A 42 2.50 -3.55 -9.87
N LEU A 43 2.65 -2.91 -8.70
CA LEU A 43 3.02 -1.48 -8.56
C LEU A 43 4.54 -1.28 -8.36
N GLY A 44 5.26 -2.36 -8.03
CA GLY A 44 6.68 -2.29 -7.70
C GLY A 44 7.55 -1.90 -8.89
N ASN A 45 7.28 -2.53 -10.03
CA ASN A 45 7.97 -2.23 -11.30
C ASN A 45 7.58 -0.85 -11.86
N ILE A 46 6.40 -0.36 -11.44
CA ILE A 46 5.91 0.99 -11.78
C ILE A 46 6.74 2.03 -10.99
N LYS A 47 7.08 3.15 -11.66
CA LYS A 47 7.81 4.26 -11.05
C LYS A 47 6.94 4.96 -9.97
N LEU A 48 7.59 5.35 -8.87
CA LEU A 48 6.96 5.95 -7.67
C LEU A 48 6.02 7.14 -8.02
N ALA A 49 6.49 8.01 -8.93
CA ALA A 49 5.73 9.19 -9.39
C ALA A 49 4.65 8.83 -10.42
N LYS A 50 4.83 7.69 -11.13
CA LYS A 50 3.87 7.20 -12.14
C LYS A 50 2.70 6.45 -11.49
N LEU A 51 2.77 6.22 -10.16
CA LEU A 51 1.63 5.67 -9.40
C LEU A 51 0.44 6.63 -9.45
N THR A 52 -0.44 6.43 -10.43
CA THR A 52 -1.71 7.16 -10.51
C THR A 52 -2.78 6.41 -9.68
N SER A 53 -3.91 7.09 -9.40
CA SER A 53 -5.00 6.52 -8.58
C SER A 53 -5.68 5.34 -9.32
N LEU A 54 -5.57 5.35 -10.66
CA LEU A 54 -6.03 4.24 -11.50
C LEU A 54 -5.22 2.96 -11.21
N HIS A 55 -3.89 3.12 -10.96
CA HIS A 55 -3.00 1.98 -10.59
C HIS A 55 -3.43 1.36 -9.25
N MET A 56 -3.85 2.22 -8.31
CA MET A 56 -4.35 1.78 -6.99
C MET A 56 -5.64 0.96 -7.18
N GLN A 57 -6.51 1.45 -8.07
CA GLN A 57 -7.80 0.83 -8.38
C GLN A 57 -7.60 -0.55 -9.05
N ASN A 58 -6.69 -0.63 -10.03
CA ASN A 58 -6.40 -1.87 -10.78
C ASN A 58 -5.80 -2.93 -9.86
N TYR A 59 -4.99 -2.45 -8.89
CA TYR A 59 -4.43 -3.29 -7.82
C TYR A 59 -5.57 -3.89 -6.97
N VAL A 60 -6.51 -3.03 -6.55
CA VAL A 60 -7.69 -3.40 -5.75
C VAL A 60 -8.62 -4.39 -6.53
N ASN A 61 -8.70 -4.19 -7.86
CA ASN A 61 -9.47 -5.06 -8.75
C ASN A 61 -8.84 -6.46 -8.79
N SER A 62 -7.48 -6.50 -8.74
CA SER A 62 -6.70 -7.75 -8.70
C SER A 62 -6.85 -8.47 -7.35
N LEU A 63 -7.04 -7.68 -6.26
CA LEU A 63 -7.26 -8.23 -4.90
C LEU A 63 -8.58 -9.00 -4.86
N ARG A 64 -9.63 -8.40 -5.44
CA ARG A 64 -10.96 -9.02 -5.53
C ARG A 64 -10.98 -10.13 -6.60
N ASP A 65 -10.09 -10.02 -7.62
CA ASP A 65 -9.96 -11.00 -8.71
C ASP A 65 -9.41 -12.34 -8.17
N GLU A 66 -8.46 -12.24 -7.22
CA GLU A 66 -7.93 -13.41 -6.50
C GLU A 66 -8.88 -13.85 -5.38
N GLY A 67 -9.89 -13.01 -5.10
CA GLY A 67 -10.90 -13.28 -4.08
C GLY A 67 -10.38 -13.13 -2.66
N LEU A 68 -9.29 -12.34 -2.52
CA LEU A 68 -8.60 -12.09 -1.24
C LEU A 68 -9.55 -11.49 -0.19
N LYS A 69 -9.31 -11.83 1.08
CA LYS A 69 -10.13 -11.39 2.22
C LYS A 69 -9.77 -9.92 2.58
N ARG A 70 -10.80 -9.12 2.93
CA ARG A 70 -10.63 -7.69 3.23
C ARG A 70 -9.70 -7.44 4.43
N GLY A 71 -9.47 -8.48 5.26
CA GLY A 71 -8.41 -8.43 6.27
C GLY A 71 -7.02 -8.21 5.68
N THR A 72 -6.64 -9.08 4.72
CA THR A 72 -5.35 -8.98 4.02
C THR A 72 -5.31 -7.70 3.17
N ILE A 73 -6.44 -7.40 2.48
CA ILE A 73 -6.61 -6.22 1.64
C ILE A 73 -6.40 -4.93 2.45
N GLU A 74 -6.94 -4.92 3.67
CA GLU A 74 -6.82 -3.77 4.59
C GLU A 74 -5.34 -3.46 4.85
N LYS A 75 -4.61 -4.49 5.33
CA LYS A 75 -3.23 -4.34 5.82
C LYS A 75 -2.24 -4.02 4.70
N ILE A 76 -2.41 -4.63 3.50
CA ILE A 76 -1.51 -4.38 2.35
C ILE A 76 -1.69 -2.93 1.84
N ILE A 77 -2.95 -2.44 1.84
CA ILE A 77 -3.27 -1.04 1.51
C ILE A 77 -2.69 -0.08 2.56
N LYS A 78 -2.71 -0.49 3.86
CA LYS A 78 -2.14 0.34 4.97
C LYS A 78 -0.63 0.57 4.76
N VAL A 79 0.07 -0.50 4.34
CA VAL A 79 1.52 -0.44 4.06
C VAL A 79 1.80 0.48 2.86
N ILE A 80 0.97 0.37 1.79
CA ILE A 80 1.07 1.23 0.58
C ILE A 80 0.90 2.72 0.95
N ARG A 81 -0.17 3.00 1.71
CA ARG A 81 -0.54 4.36 2.15
C ARG A 81 0.59 4.97 2.98
N ASN A 82 1.09 4.19 3.95
CA ASN A 82 2.11 4.62 4.92
C ASN A 82 3.48 4.85 4.24
N SER A 83 3.77 4.04 3.19
CA SER A 83 4.96 4.21 2.34
C SER A 83 4.86 5.55 1.58
N LEU A 84 3.72 5.75 0.92
CA LEU A 84 3.47 6.95 0.09
C LEU A 84 3.33 8.23 0.96
N GLU A 85 2.97 8.07 2.26
CA GLU A 85 3.01 9.17 3.23
C GLU A 85 4.45 9.67 3.42
N HIS A 86 5.36 8.69 3.60
CA HIS A 86 6.80 8.96 3.84
C HIS A 86 7.51 9.43 2.54
N ALA A 87 6.91 9.08 1.39
CA ALA A 87 7.39 9.56 0.08
C ALA A 87 7.06 11.06 -0.12
N ILE A 88 5.89 11.51 0.41
CA ILE A 88 5.54 12.95 0.47
C ILE A 88 6.50 13.69 1.42
N ASP A 89 6.72 13.05 2.57
CA ASP A 89 7.63 13.53 3.64
C ASP A 89 9.05 13.80 3.09
N LEU A 90 9.58 12.85 2.30
CA LEU A 90 10.92 12.97 1.67
C LEU A 90 10.86 13.75 0.35
N GLU A 91 9.64 14.19 -0.04
CA GLU A 91 9.39 15.07 -1.21
C GLU A 91 9.77 14.39 -2.55
N LEU A 92 9.69 13.05 -2.54
CA LEU A 92 9.85 12.19 -3.72
C LEU A 92 8.62 12.32 -4.63
N ILE A 93 7.47 12.52 -3.95
CA ILE A 93 6.19 12.90 -4.56
C ILE A 93 5.60 14.06 -3.72
N THR A 94 4.82 14.93 -4.36
CA THR A 94 4.16 16.08 -3.69
C THR A 94 2.82 15.65 -3.07
N LYS A 95 2.22 14.61 -3.67
CA LYS A 95 0.91 14.08 -3.28
C LYS A 95 0.91 12.57 -3.51
N ASN A 96 0.12 11.82 -2.71
CA ASN A 96 -0.03 10.37 -2.88
C ASN A 96 -1.45 10.03 -3.39
N VAL A 97 -1.53 8.89 -4.06
CA VAL A 97 -2.78 8.39 -4.67
C VAL A 97 -3.40 7.25 -3.85
N ALA A 98 -2.74 6.89 -2.73
CA ALA A 98 -3.18 5.79 -1.85
C ALA A 98 -4.20 6.31 -0.82
N ALA A 99 -4.09 7.61 -0.49
CA ALA A 99 -5.08 8.32 0.34
C ALA A 99 -6.38 8.61 -0.47
N LYS A 100 -6.34 8.35 -1.78
CA LYS A 100 -7.54 8.39 -2.65
C LYS A 100 -8.31 7.05 -2.57
N THR A 101 -7.64 6.00 -2.06
CA THR A 101 -8.12 4.61 -2.09
C THR A 101 -8.50 4.12 -0.68
N LYS A 102 -9.80 3.83 -0.49
CA LYS A 102 -10.34 3.27 0.76
C LYS A 102 -10.35 1.72 0.70
N LEU A 103 -10.57 1.07 1.87
CA LEU A 103 -10.76 -0.40 1.97
C LEU A 103 -12.06 -0.81 1.23
N PRO A 104 -11.97 -1.63 0.13
CA PRO A 104 -13.18 -2.11 -0.60
C PRO A 104 -14.04 -3.04 0.28
N LYS A 105 -15.36 -2.99 0.05
CA LYS A 105 -16.34 -3.74 0.82
C LYS A 105 -16.37 -5.20 0.34
N ALA A 106 -15.78 -6.09 1.15
CA ALA A 106 -15.84 -7.55 0.96
C ALA A 106 -16.61 -8.19 2.13
N ASP A 107 -16.57 -9.54 2.24
CA ASP A 107 -17.33 -10.28 3.28
C ASP A 107 -16.98 -9.78 4.70
N LYS A 108 -18.02 -9.68 5.53
CA LYS A 108 -17.97 -8.97 6.81
C LYS A 108 -17.06 -9.69 7.83
N GLU A 109 -16.01 -8.98 8.27
CA GLU A 109 -15.14 -9.40 9.38
C GLU A 109 -15.13 -8.28 10.44
N GLU A 110 -16.26 -7.52 10.49
CA GLU A 110 -16.37 -6.24 11.21
C GLU A 110 -15.33 -5.26 10.64
N LEU A 111 -14.17 -5.12 11.32
CA LEU A 111 -13.00 -4.29 10.94
C LEU A 111 -13.26 -2.77 11.02
N GLU A 112 -14.31 -2.31 10.34
CA GLU A 112 -14.56 -0.89 10.06
C GLU A 112 -15.65 -0.33 10.97
N HIS A 113 -15.62 0.99 11.12
CA HIS A 113 -16.79 1.79 11.43
C HIS A 113 -17.36 2.22 10.06
N HIS A 114 -18.34 1.43 9.57
CA HIS A 114 -18.86 1.49 8.17
C HIS A 114 -19.22 2.93 7.75
N HIS A 115 -19.90 3.65 8.66
CA HIS A 115 -20.10 5.10 8.54
C HIS A 115 -18.75 5.78 8.87
N HIS A 116 -17.93 6.00 7.83
CA HIS A 116 -16.49 6.37 7.96
C HIS A 116 -16.28 7.89 8.22
N HIS A 117 -17.11 8.44 9.12
CA HIS A 117 -17.10 9.87 9.48
C HIS A 117 -18.10 10.09 10.64
N HIS A 118 -18.21 11.33 11.13
CA HIS A 118 -19.22 11.71 12.12
C HIS A 118 -20.40 12.39 11.37
N MET A 1 22.75 16.91 -6.49
CA MET A 1 21.69 15.89 -6.42
C MET A 1 21.70 15.04 -7.69
N GLU A 2 21.52 13.73 -7.52
CA GLU A 2 21.42 12.77 -8.64
C GLU A 2 20.18 11.90 -8.41
N PRO A 3 19.06 12.09 -9.18
CA PRO A 3 17.86 11.23 -9.06
C PRO A 3 18.16 9.79 -9.56
N SER A 4 17.88 8.80 -8.70
CA SER A 4 18.11 7.37 -9.03
C SER A 4 17.08 6.83 -10.05
N LYS A 5 16.05 7.64 -10.38
CA LYS A 5 14.90 7.25 -11.22
C LYS A 5 14.19 6.07 -10.53
N LEU A 6 13.79 6.36 -9.29
CA LEU A 6 13.40 5.37 -8.29
C LEU A 6 12.05 4.69 -8.62
N SER A 7 12.10 3.36 -8.79
CA SER A 7 10.90 2.52 -8.88
C SER A 7 10.37 2.26 -7.47
N TYR A 8 9.04 2.12 -7.37
CA TYR A 8 8.33 1.94 -6.10
C TYR A 8 8.75 0.62 -5.40
N GLY A 9 9.15 -0.39 -6.18
CA GLY A 9 9.58 -1.68 -5.66
C GLY A 9 10.87 -1.59 -4.86
N GLU A 10 11.84 -0.83 -5.41
CA GLU A 10 13.12 -0.57 -4.75
C GLU A 10 12.93 0.40 -3.57
N TYR A 11 11.97 1.34 -3.73
CA TYR A 11 11.60 2.30 -2.69
C TYR A 11 11.07 1.59 -1.44
N LEU A 12 10.22 0.57 -1.64
CA LEU A 12 9.61 -0.22 -0.56
C LEU A 12 10.66 -0.96 0.27
N GLU A 13 11.74 -1.39 -0.41
CA GLU A 13 12.84 -2.13 0.22
C GLU A 13 13.65 -1.22 1.17
N SER A 14 13.99 -0.02 0.70
CA SER A 14 14.78 0.96 1.47
C SER A 14 13.93 1.56 2.62
N TRP A 15 12.66 1.87 2.30
CA TRP A 15 11.64 2.34 3.24
C TRP A 15 11.42 1.28 4.34
N PHE A 16 11.42 0.00 3.94
CA PHE A 16 11.27 -1.14 4.86
C PHE A 16 12.44 -1.20 5.87
N ASN A 17 13.66 -1.02 5.34
CA ASN A 17 14.92 -1.12 6.13
C ASN A 17 14.94 -0.09 7.27
N THR A 18 14.46 1.14 6.99
CA THR A 18 14.32 2.18 8.02
C THR A 18 13.05 1.96 8.88
N LYS A 19 12.02 1.31 8.30
CA LYS A 19 10.72 1.08 8.98
C LYS A 19 10.87 0.06 10.12
N ARG A 20 11.83 -0.88 9.98
CA ARG A 20 12.14 -1.89 11.03
C ARG A 20 12.53 -1.25 12.38
N HIS A 21 13.00 0.02 12.35
CA HIS A 21 13.30 0.80 13.58
C HIS A 21 12.02 1.08 14.40
N SER A 22 10.86 1.13 13.73
CA SER A 22 9.55 1.30 14.37
C SER A 22 8.85 -0.06 14.58
N VAL A 23 8.66 -0.82 13.50
CA VAL A 23 7.96 -2.12 13.52
C VAL A 23 8.91 -3.27 13.93
N GLY A 24 8.39 -4.19 14.77
CA GLY A 24 9.16 -5.36 15.22
C GLY A 24 9.47 -6.31 14.05
N ILE A 25 10.63 -7.00 14.13
CA ILE A 25 11.18 -7.85 13.04
C ILE A 25 10.20 -8.95 12.58
N GLN A 26 9.45 -9.52 13.53
CA GLN A 26 8.42 -10.54 13.24
C GLN A 26 7.32 -9.94 12.34
N THR A 27 6.82 -8.76 12.73
CA THR A 27 5.74 -8.04 12.01
C THR A 27 6.27 -7.48 10.67
N ALA A 28 7.55 -7.10 10.68
CA ALA A 28 8.24 -6.46 9.56
C ALA A 28 8.34 -7.44 8.38
N LYS A 29 8.82 -8.65 8.67
CA LYS A 29 8.99 -9.74 7.67
C LYS A 29 7.64 -10.07 6.99
N VAL A 30 6.53 -9.93 7.75
CA VAL A 30 5.17 -10.19 7.25
C VAL A 30 4.74 -9.07 6.27
N LEU A 31 5.04 -7.80 6.64
CA LEU A 31 4.75 -6.61 5.80
C LEU A 31 5.55 -6.65 4.49
N LYS A 32 6.81 -7.10 4.58
CA LYS A 32 7.72 -7.28 3.43
C LYS A 32 7.21 -8.43 2.55
N GLY A 33 6.68 -9.47 3.24
CA GLY A 33 6.06 -10.62 2.58
C GLY A 33 4.85 -10.24 1.73
N TYR A 34 4.20 -9.14 2.11
CA TYR A 34 3.13 -8.53 1.32
C TYR A 34 3.70 -7.69 0.17
N LEU A 35 4.82 -6.99 0.43
CA LEU A 35 5.42 -6.06 -0.55
C LEU A 35 5.80 -6.77 -1.85
N ASN A 36 6.70 -7.77 -1.77
CA ASN A 36 7.22 -8.46 -2.98
C ASN A 36 6.15 -9.33 -3.67
N SER A 37 5.23 -9.89 -2.86
CA SER A 37 4.21 -10.84 -3.35
C SER A 37 3.04 -10.10 -4.05
N ARG A 38 2.57 -9.03 -3.40
CA ARG A 38 1.37 -8.28 -3.85
C ARG A 38 1.74 -7.04 -4.66
N ILE A 39 2.55 -6.14 -4.06
CA ILE A 39 2.78 -4.79 -4.60
C ILE A 39 3.83 -4.79 -5.75
N ILE A 40 4.93 -5.55 -5.61
CA ILE A 40 6.05 -5.54 -6.61
C ILE A 40 5.58 -5.92 -8.06
N PRO A 41 4.75 -7.01 -8.28
CA PRO A 41 4.20 -7.34 -9.63
C PRO A 41 3.22 -6.27 -10.18
N SER A 42 2.72 -5.39 -9.29
CA SER A 42 1.66 -4.39 -9.65
C SER A 42 2.26 -2.97 -9.81
N LEU A 43 2.72 -2.40 -8.69
CA LEU A 43 3.23 -1.01 -8.59
C LEU A 43 4.77 -0.96 -8.55
N GLY A 44 5.40 -2.12 -8.29
CA GLY A 44 6.85 -2.20 -8.01
C GLY A 44 7.74 -1.74 -9.15
N ASN A 45 7.52 -2.31 -10.34
CA ASN A 45 8.30 -1.99 -11.57
C ASN A 45 7.91 -0.61 -12.11
N ILE A 46 6.72 -0.11 -11.70
CA ILE A 46 6.28 1.26 -11.98
C ILE A 46 7.10 2.25 -11.14
N LYS A 47 7.54 3.35 -11.77
CA LYS A 47 8.28 4.40 -11.07
C LYS A 47 7.36 5.13 -10.08
N LEU A 48 7.93 5.53 -8.93
CA LEU A 48 7.21 6.07 -7.77
C LEU A 48 6.33 7.30 -8.11
N ALA A 49 6.88 8.19 -8.95
CA ALA A 49 6.17 9.41 -9.42
C ALA A 49 4.93 9.07 -10.28
N LYS A 50 4.96 7.90 -10.95
CA LYS A 50 3.92 7.48 -11.91
C LYS A 50 2.71 6.84 -11.21
N LEU A 51 2.83 6.51 -9.90
CA LEU A 51 1.73 5.93 -9.10
C LEU A 51 0.53 6.89 -9.06
N THR A 52 -0.48 6.58 -9.89
CA THR A 52 -1.78 7.31 -9.90
C THR A 52 -2.84 6.48 -9.14
N SER A 53 -4.01 7.09 -8.89
CA SER A 53 -5.12 6.47 -8.14
C SER A 53 -5.79 5.35 -8.98
N LEU A 54 -5.65 5.42 -10.33
CA LEU A 54 -6.09 4.37 -11.25
C LEU A 54 -5.28 3.07 -11.02
N HIS A 55 -3.96 3.23 -10.76
CA HIS A 55 -3.06 2.11 -10.43
C HIS A 55 -3.51 1.43 -9.13
N MET A 56 -3.89 2.25 -8.15
CA MET A 56 -4.36 1.78 -6.82
C MET A 56 -5.71 1.07 -6.94
N GLN A 57 -6.59 1.59 -7.82
CA GLN A 57 -7.92 1.01 -8.06
C GLN A 57 -7.78 -0.37 -8.72
N ASN A 58 -6.97 -0.45 -9.79
CA ASN A 58 -6.73 -1.69 -10.55
C ASN A 58 -5.96 -2.71 -9.69
N TYR A 59 -5.17 -2.21 -8.72
CA TYR A 59 -4.48 -3.03 -7.72
C TYR A 59 -5.52 -3.78 -6.85
N VAL A 60 -6.46 -3.01 -6.26
CA VAL A 60 -7.51 -3.55 -5.37
C VAL A 60 -8.50 -4.46 -6.15
N ASN A 61 -8.70 -4.11 -7.44
CA ASN A 61 -9.52 -4.92 -8.37
C ASN A 61 -8.90 -6.31 -8.53
N SER A 62 -7.57 -6.34 -8.68
CA SER A 62 -6.79 -7.59 -8.80
C SER A 62 -6.87 -8.41 -7.52
N LEU A 63 -6.76 -7.74 -6.35
CA LEU A 63 -6.82 -8.38 -5.00
C LEU A 63 -8.15 -9.13 -4.82
N ARG A 64 -9.22 -8.52 -5.34
CA ARG A 64 -10.57 -9.09 -5.33
C ARG A 64 -10.62 -10.38 -6.17
N ASP A 65 -10.03 -10.32 -7.38
CA ASP A 65 -9.94 -11.48 -8.31
C ASP A 65 -9.01 -12.59 -7.77
N GLU A 66 -8.06 -12.22 -6.89
CA GLU A 66 -7.16 -13.18 -6.20
C GLU A 66 -7.90 -13.92 -5.07
N GLY A 67 -9.10 -13.43 -4.73
CA GLY A 67 -9.91 -14.00 -3.65
C GLY A 67 -9.40 -13.61 -2.28
N LEU A 68 -8.67 -12.49 -2.20
CA LEU A 68 -8.14 -11.96 -0.94
C LEU A 68 -9.26 -11.31 -0.13
N LYS A 69 -9.33 -11.64 1.16
CA LYS A 69 -10.28 -11.05 2.10
C LYS A 69 -9.90 -9.58 2.38
N ARG A 70 -10.89 -8.77 2.81
CA ARG A 70 -10.67 -7.33 3.07
C ARG A 70 -9.61 -7.12 4.16
N GLY A 71 -9.43 -8.12 5.04
CA GLY A 71 -8.34 -8.11 6.02
C GLY A 71 -6.96 -8.05 5.38
N THR A 72 -6.73 -8.97 4.42
CA THR A 72 -5.50 -9.03 3.62
C THR A 72 -5.31 -7.73 2.80
N ILE A 73 -6.41 -7.27 2.18
CA ILE A 73 -6.44 -6.05 1.36
C ILE A 73 -6.11 -4.81 2.20
N GLU A 74 -6.66 -4.75 3.42
CA GLU A 74 -6.56 -3.58 4.31
C GLU A 74 -5.10 -3.30 4.66
N LYS A 75 -4.42 -4.33 5.16
CA LYS A 75 -3.05 -4.22 5.68
C LYS A 75 -2.10 -3.74 4.59
N ILE A 76 -2.19 -4.37 3.41
CA ILE A 76 -1.28 -4.12 2.29
C ILE A 76 -1.52 -2.71 1.69
N ILE A 77 -2.79 -2.24 1.74
CA ILE A 77 -3.14 -0.86 1.36
C ILE A 77 -2.57 0.15 2.38
N LYS A 78 -2.67 -0.16 3.69
CA LYS A 78 -2.18 0.72 4.78
C LYS A 78 -0.65 0.89 4.72
N VAL A 79 0.03 -0.18 4.29
CA VAL A 79 1.49 -0.19 4.06
C VAL A 79 1.85 0.78 2.90
N ILE A 80 1.05 0.75 1.83
CA ILE A 80 1.22 1.64 0.65
C ILE A 80 0.94 3.11 1.04
N ARG A 81 -0.09 3.31 1.88
CA ARG A 81 -0.49 4.64 2.38
C ARG A 81 0.64 5.25 3.23
N ASN A 82 1.26 4.41 4.08
CA ASN A 82 2.32 4.82 5.00
C ASN A 82 3.63 5.14 4.23
N SER A 83 3.93 4.31 3.20
CA SER A 83 5.14 4.48 2.37
C SER A 83 5.06 5.77 1.53
N LEU A 84 3.87 6.03 0.94
CA LEU A 84 3.65 7.22 0.11
C LEU A 84 3.66 8.52 0.94
N GLU A 85 3.27 8.43 2.23
CA GLU A 85 3.41 9.57 3.19
C GLU A 85 4.89 9.95 3.35
N HIS A 86 5.76 8.94 3.37
CA HIS A 86 7.21 9.13 3.51
C HIS A 86 7.82 9.64 2.19
N ALA A 87 7.23 9.21 1.06
CA ALA A 87 7.64 9.65 -0.29
C ALA A 87 7.32 11.14 -0.50
N ILE A 88 6.20 11.60 0.09
CA ILE A 88 5.84 13.04 0.16
C ILE A 88 6.91 13.82 0.94
N ASP A 89 7.35 13.23 2.06
CA ASP A 89 8.35 13.86 2.97
C ASP A 89 9.78 13.81 2.35
N LEU A 90 9.99 12.89 1.39
CA LEU A 90 11.25 12.81 0.60
C LEU A 90 11.15 13.65 -0.69
N GLU A 91 10.01 14.38 -0.86
CA GLU A 91 9.76 15.28 -2.02
C GLU A 91 9.69 14.51 -3.37
N LEU A 92 9.51 13.18 -3.28
CA LEU A 92 9.45 12.26 -4.45
C LEU A 92 8.07 12.33 -5.12
N ILE A 93 7.01 12.53 -4.31
CA ILE A 93 5.64 12.73 -4.80
C ILE A 93 5.00 13.90 -4.04
N THR A 94 4.07 14.60 -4.71
CA THR A 94 3.35 15.75 -4.14
C THR A 94 2.22 15.29 -3.21
N LYS A 95 1.53 14.21 -3.62
CA LYS A 95 0.27 13.76 -2.99
C LYS A 95 0.25 12.22 -2.89
N ASN A 96 -0.46 11.71 -1.87
CA ASN A 96 -0.64 10.26 -1.66
C ASN A 96 -1.91 9.78 -2.40
N VAL A 97 -1.72 8.97 -3.46
CA VAL A 97 -2.82 8.41 -4.27
C VAL A 97 -3.48 7.20 -3.56
N ALA A 98 -2.79 6.64 -2.56
CA ALA A 98 -3.30 5.52 -1.75
C ALA A 98 -4.18 6.05 -0.60
N ALA A 99 -4.09 7.37 -0.32
CA ALA A 99 -4.98 8.07 0.63
C ALA A 99 -6.44 8.01 0.13
N LYS A 100 -6.59 8.00 -1.21
CA LYS A 100 -7.90 7.92 -1.88
C LYS A 100 -8.44 6.48 -1.85
N THR A 101 -7.53 5.51 -1.66
CA THR A 101 -7.86 4.09 -1.67
C THR A 101 -8.50 3.66 -0.34
N LYS A 102 -9.84 3.59 -0.35
CA LYS A 102 -10.63 3.05 0.77
C LYS A 102 -10.65 1.50 0.72
N LEU A 103 -10.98 0.89 1.85
CA LEU A 103 -11.15 -0.57 1.94
C LEU A 103 -12.57 -0.97 1.46
N PRO A 104 -12.69 -1.98 0.53
CA PRO A 104 -13.99 -2.65 0.23
C PRO A 104 -14.72 -3.11 1.51
N LYS A 105 -15.89 -2.48 1.76
CA LYS A 105 -16.70 -2.72 2.97
C LYS A 105 -17.38 -4.11 2.88
N ALA A 106 -16.76 -5.10 3.53
CA ALA A 106 -17.19 -6.51 3.44
C ALA A 106 -17.81 -6.98 4.77
N ASP A 107 -17.31 -6.44 5.90
CA ASP A 107 -17.83 -6.74 7.25
C ASP A 107 -17.25 -5.73 8.27
N LYS A 108 -18.13 -4.84 8.79
CA LYS A 108 -17.78 -3.88 9.85
C LYS A 108 -19.06 -3.22 10.38
N GLU A 109 -19.41 -3.51 11.64
CA GLU A 109 -20.61 -2.96 12.31
C GLU A 109 -20.40 -1.50 12.76
N GLU A 110 -19.10 -1.11 12.90
CA GLU A 110 -18.67 0.26 13.27
C GLU A 110 -19.16 0.65 14.68
N LEU A 111 -19.11 -0.33 15.59
CA LEU A 111 -19.38 -0.14 17.04
C LEU A 111 -18.05 -0.23 17.83
N GLU A 112 -16.95 -0.44 17.09
CA GLU A 112 -15.57 -0.47 17.62
C GLU A 112 -14.74 0.60 16.86
N HIS A 113 -15.45 1.57 16.26
CA HIS A 113 -14.86 2.65 15.47
C HIS A 113 -14.18 3.67 16.41
N HIS A 114 -12.88 3.47 16.63
CA HIS A 114 -12.01 4.37 17.42
C HIS A 114 -10.56 4.12 17.02
N HIS A 115 -9.71 5.16 17.09
CA HIS A 115 -8.28 5.04 16.82
C HIS A 115 -7.52 4.84 18.15
N HIS A 116 -7.47 5.94 18.96
CA HIS A 116 -6.64 6.04 20.18
C HIS A 116 -5.16 5.76 19.85
N HIS A 117 -4.76 6.18 18.64
CA HIS A 117 -3.42 5.93 18.09
C HIS A 117 -2.70 7.27 17.94
N HIS A 118 -1.41 7.30 18.27
CA HIS A 118 -0.56 8.47 18.08
C HIS A 118 -0.11 8.54 16.61
N MET A 1 9.89 19.30 -5.98
CA MET A 1 9.82 17.85 -6.23
C MET A 1 11.07 17.35 -6.97
N GLU A 2 11.48 16.12 -6.64
CA GLU A 2 12.51 15.37 -7.40
C GLU A 2 11.81 14.29 -8.23
N PRO A 3 12.12 14.17 -9.57
CA PRO A 3 11.66 13.01 -10.40
C PRO A 3 12.07 11.68 -9.74
N SER A 4 11.13 10.72 -9.67
CA SER A 4 11.39 9.42 -9.02
C SER A 4 12.37 8.58 -9.86
N LYS A 5 13.67 8.82 -9.64
CA LYS A 5 14.77 8.03 -10.22
C LYS A 5 14.90 6.75 -9.37
N LEU A 6 13.83 5.95 -9.42
CA LEU A 6 13.52 4.94 -8.42
C LEU A 6 12.15 4.32 -8.74
N SER A 7 12.11 2.98 -8.88
CA SER A 7 10.85 2.24 -8.96
C SER A 7 10.31 2.01 -7.53
N TYR A 8 8.98 1.96 -7.39
CA TYR A 8 8.30 1.87 -6.08
C TYR A 8 8.67 0.58 -5.33
N GLY A 9 9.08 -0.46 -6.07
CA GLY A 9 9.52 -1.73 -5.49
C GLY A 9 10.82 -1.57 -4.72
N GLU A 10 11.75 -0.81 -5.32
CA GLU A 10 13.05 -0.47 -4.72
C GLU A 10 12.86 0.54 -3.58
N TYR A 11 11.81 1.40 -3.69
CA TYR A 11 11.43 2.36 -2.64
C TYR A 11 10.95 1.61 -1.40
N LEU A 12 10.11 0.58 -1.60
CA LEU A 12 9.54 -0.26 -0.52
C LEU A 12 10.63 -1.05 0.20
N GLU A 13 11.64 -1.51 -0.56
CA GLU A 13 12.80 -2.23 -0.03
C GLU A 13 13.62 -1.32 0.91
N SER A 14 13.94 -0.12 0.44
CA SER A 14 14.77 0.85 1.17
C SER A 14 14.02 1.41 2.40
N TRP A 15 12.71 1.68 2.20
CA TRP A 15 11.76 2.11 3.25
C TRP A 15 11.59 1.00 4.32
N PHE A 16 11.64 -0.27 3.86
CA PHE A 16 11.52 -1.44 4.74
C PHE A 16 12.72 -1.55 5.70
N ASN A 17 13.94 -1.24 5.21
CA ASN A 17 15.16 -1.23 6.05
C ASN A 17 14.97 -0.28 7.25
N THR A 18 14.36 0.88 6.97
CA THR A 18 13.99 1.89 7.99
C THR A 18 12.85 1.38 8.90
N LYS A 19 11.89 0.67 8.28
CA LYS A 19 10.63 0.25 8.92
C LYS A 19 10.88 -0.78 10.04
N ARG A 20 11.92 -1.61 9.85
CA ARG A 20 12.39 -2.62 10.83
C ARG A 20 12.74 -2.00 12.21
N HIS A 21 13.09 -0.70 12.22
CA HIS A 21 13.43 0.04 13.46
C HIS A 21 12.18 0.53 14.20
N SER A 22 11.03 0.59 13.49
CA SER A 22 9.73 0.97 14.06
C SER A 22 8.92 -0.27 14.49
N VAL A 23 9.02 -1.36 13.68
CA VAL A 23 8.24 -2.60 13.87
C VAL A 23 9.15 -3.74 14.37
N GLY A 24 8.56 -4.75 15.01
CA GLY A 24 9.31 -5.92 15.49
C GLY A 24 9.73 -6.85 14.36
N ILE A 25 10.52 -7.89 14.72
CA ILE A 25 11.09 -8.87 13.77
C ILE A 25 9.97 -9.61 12.98
N GLN A 26 8.91 -10.00 13.71
CA GLN A 26 7.78 -10.74 13.13
C GLN A 26 7.02 -9.86 12.13
N THR A 27 6.69 -8.62 12.54
CA THR A 27 5.92 -7.66 11.74
C THR A 27 6.70 -7.25 10.48
N ALA A 28 8.03 -7.19 10.61
CA ALA A 28 8.93 -6.90 9.50
C ALA A 28 8.76 -7.97 8.40
N LYS A 29 8.86 -9.24 8.80
CA LYS A 29 8.71 -10.40 7.90
C LYS A 29 7.29 -10.42 7.25
N VAL A 30 6.28 -9.96 8.01
CA VAL A 30 4.87 -9.88 7.53
C VAL A 30 4.72 -8.82 6.41
N LEU A 31 5.21 -7.59 6.69
CA LEU A 31 5.06 -6.43 5.78
C LEU A 31 5.78 -6.69 4.45
N LYS A 32 7.02 -7.19 4.53
CA LYS A 32 7.87 -7.46 3.36
C LYS A 32 7.26 -8.58 2.49
N GLY A 33 6.64 -9.57 3.19
CA GLY A 33 5.94 -10.67 2.53
C GLY A 33 4.79 -10.19 1.65
N TYR A 34 4.07 -9.17 2.14
CA TYR A 34 2.99 -8.52 1.38
C TYR A 34 3.54 -7.63 0.25
N LEU A 35 4.65 -6.91 0.55
CA LEU A 35 5.25 -5.95 -0.40
C LEU A 35 5.69 -6.66 -1.69
N ASN A 36 6.58 -7.65 -1.54
CA ASN A 36 7.21 -8.35 -2.69
C ASN A 36 6.22 -9.27 -3.42
N SER A 37 5.22 -9.81 -2.70
CA SER A 37 4.20 -10.71 -3.28
C SER A 37 3.20 -9.92 -4.13
N ARG A 38 2.64 -8.86 -3.54
CA ARG A 38 1.49 -8.12 -4.12
C ARG A 38 1.92 -6.86 -4.87
N ILE A 39 2.63 -5.95 -4.17
CA ILE A 39 2.87 -4.60 -4.68
C ILE A 39 4.02 -4.60 -5.73
N ILE A 40 5.16 -5.28 -5.45
CA ILE A 40 6.34 -5.28 -6.35
C ILE A 40 5.97 -5.71 -7.83
N PRO A 41 5.25 -6.86 -8.07
CA PRO A 41 4.83 -7.28 -9.44
C PRO A 41 3.76 -6.35 -10.07
N SER A 42 3.04 -5.55 -9.24
CA SER A 42 1.96 -4.67 -9.73
C SER A 42 2.44 -3.20 -9.85
N LEU A 43 2.63 -2.52 -8.70
CA LEU A 43 2.94 -1.08 -8.61
C LEU A 43 4.45 -0.85 -8.42
N GLY A 44 5.19 -1.93 -8.11
CA GLY A 44 6.61 -1.83 -7.77
C GLY A 44 7.51 -1.57 -8.96
N ASN A 45 7.25 -2.26 -10.08
CA ASN A 45 7.97 -2.04 -11.35
C ASN A 45 7.73 -0.63 -11.90
N ILE A 46 6.59 -0.02 -11.51
CA ILE A 46 6.23 1.37 -11.85
C ILE A 46 7.10 2.34 -11.02
N LYS A 47 7.57 3.44 -11.65
CA LYS A 47 8.30 4.51 -10.94
C LYS A 47 7.37 5.19 -9.92
N LEU A 48 7.94 5.53 -8.75
CA LEU A 48 7.19 6.01 -7.56
C LEU A 48 6.23 7.20 -7.86
N ALA A 49 6.69 8.14 -8.70
CA ALA A 49 5.92 9.35 -9.07
C ALA A 49 4.80 9.03 -10.07
N LYS A 50 5.00 7.97 -10.88
CA LYS A 50 4.06 7.54 -11.92
C LYS A 50 2.85 6.79 -11.32
N LEU A 51 2.89 6.51 -10.00
CA LEU A 51 1.74 5.95 -9.25
C LEU A 51 0.57 6.95 -9.25
N THR A 52 -0.40 6.68 -10.13
CA THR A 52 -1.68 7.41 -10.19
C THR A 52 -2.75 6.61 -9.40
N SER A 53 -3.90 7.27 -9.15
CA SER A 53 -5.03 6.68 -8.39
C SER A 53 -5.67 5.52 -9.19
N LEU A 54 -5.54 5.57 -10.54
CA LEU A 54 -5.97 4.49 -11.45
C LEU A 54 -5.17 3.19 -11.17
N HIS A 55 -3.86 3.33 -10.87
CA HIS A 55 -2.98 2.18 -10.52
C HIS A 55 -3.44 1.53 -9.22
N MET A 56 -3.85 2.36 -8.26
CA MET A 56 -4.33 1.89 -6.94
C MET A 56 -5.69 1.19 -7.07
N GLN A 57 -6.54 1.73 -7.96
CA GLN A 57 -7.87 1.17 -8.23
C GLN A 57 -7.74 -0.24 -8.85
N ASN A 58 -6.90 -0.35 -9.90
CA ASN A 58 -6.66 -1.62 -10.63
C ASN A 58 -5.95 -2.65 -9.73
N TYR A 59 -5.12 -2.15 -8.80
CA TYR A 59 -4.42 -2.98 -7.82
C TYR A 59 -5.43 -3.66 -6.87
N VAL A 60 -6.33 -2.84 -6.31
CA VAL A 60 -7.38 -3.30 -5.37
C VAL A 60 -8.36 -4.27 -6.05
N ASN A 61 -8.65 -4.01 -7.34
CA ASN A 61 -9.47 -4.90 -8.18
C ASN A 61 -8.77 -6.27 -8.32
N SER A 62 -7.44 -6.23 -8.55
CA SER A 62 -6.61 -7.43 -8.70
C SER A 62 -6.62 -8.28 -7.42
N LEU A 63 -6.61 -7.61 -6.25
CA LEU A 63 -6.63 -8.27 -4.92
C LEU A 63 -7.90 -9.12 -4.74
N ARG A 64 -9.03 -8.58 -5.22
CA ARG A 64 -10.32 -9.27 -5.19
C ARG A 64 -10.30 -10.50 -6.12
N ASP A 65 -9.59 -10.36 -7.28
CA ASP A 65 -9.40 -11.44 -8.26
C ASP A 65 -8.48 -12.56 -7.70
N GLU A 66 -7.57 -12.18 -6.76
CA GLU A 66 -6.68 -13.14 -6.07
C GLU A 66 -7.41 -13.85 -4.90
N GLY A 67 -8.65 -13.41 -4.62
CA GLY A 67 -9.46 -13.98 -3.55
C GLY A 67 -8.96 -13.62 -2.16
N LEU A 68 -8.33 -12.43 -2.06
CA LEU A 68 -7.83 -11.89 -0.79
C LEU A 68 -8.98 -11.23 -0.02
N LYS A 69 -9.03 -11.51 1.29
CA LYS A 69 -10.06 -10.96 2.19
C LYS A 69 -9.85 -9.44 2.38
N ARG A 70 -10.92 -8.75 2.79
CA ARG A 70 -10.87 -7.30 3.10
C ARG A 70 -9.83 -6.99 4.19
N GLY A 71 -9.53 -7.98 5.06
CA GLY A 71 -8.45 -7.87 6.05
C GLY A 71 -7.06 -7.79 5.43
N THR A 72 -6.79 -8.61 4.40
CA THR A 72 -5.51 -8.58 3.66
C THR A 72 -5.37 -7.23 2.93
N ILE A 73 -6.45 -6.84 2.25
CA ILE A 73 -6.53 -5.59 1.48
C ILE A 73 -6.35 -4.37 2.43
N GLU A 74 -6.91 -4.49 3.64
CA GLU A 74 -6.84 -3.44 4.69
C GLU A 74 -5.38 -3.13 5.04
N LYS A 75 -4.64 -4.19 5.41
CA LYS A 75 -3.25 -4.09 5.89
C LYS A 75 -2.34 -3.49 4.82
N ILE A 76 -2.37 -4.12 3.64
CA ILE A 76 -1.41 -3.82 2.55
C ILE A 76 -1.61 -2.40 1.99
N ILE A 77 -2.88 -1.92 1.92
CA ILE A 77 -3.18 -0.53 1.49
C ILE A 77 -2.59 0.47 2.51
N LYS A 78 -2.63 0.13 3.83
CA LYS A 78 -2.06 1.02 4.88
C LYS A 78 -0.52 1.09 4.78
N VAL A 79 0.11 -0.04 4.40
CA VAL A 79 1.57 -0.13 4.22
C VAL A 79 2.02 0.72 3.00
N ILE A 80 1.22 0.65 1.92
CA ILE A 80 1.43 1.48 0.71
C ILE A 80 1.26 2.96 1.05
N ARG A 81 0.17 3.28 1.79
CA ARG A 81 -0.14 4.64 2.26
C ARG A 81 1.02 5.22 3.06
N ASN A 82 1.51 4.43 4.03
CA ASN A 82 2.56 4.87 4.98
C ASN A 82 3.89 5.11 4.25
N SER A 83 4.14 4.32 3.21
CA SER A 83 5.32 4.47 2.34
C SER A 83 5.19 5.77 1.49
N LEU A 84 3.99 5.99 0.91
CA LEU A 84 3.68 7.19 0.10
C LEU A 84 3.65 8.47 0.96
N GLU A 85 3.34 8.33 2.26
CA GLU A 85 3.39 9.43 3.25
C GLU A 85 4.82 9.99 3.35
N HIS A 86 5.79 9.06 3.32
CA HIS A 86 7.20 9.40 3.41
C HIS A 86 7.74 9.85 2.03
N ALA A 87 7.07 9.42 0.95
CA ALA A 87 7.41 9.88 -0.42
C ALA A 87 6.96 11.35 -0.63
N ILE A 88 5.85 11.76 0.03
CA ILE A 88 5.42 13.19 0.08
C ILE A 88 6.43 14.02 0.90
N ASP A 89 6.93 13.39 1.98
CA ASP A 89 7.97 13.96 2.86
C ASP A 89 9.25 14.26 2.06
N LEU A 90 9.62 13.30 1.19
CA LEU A 90 10.82 13.40 0.33
C LEU A 90 10.55 14.25 -0.93
N GLU A 91 9.25 14.60 -1.15
CA GLU A 91 8.79 15.39 -2.30
C GLU A 91 9.01 14.63 -3.64
N LEU A 92 9.03 13.28 -3.55
CA LEU A 92 9.08 12.39 -4.73
C LEU A 92 7.67 12.26 -5.35
N ILE A 93 6.65 12.43 -4.51
CA ILE A 93 5.25 12.62 -4.94
C ILE A 93 4.67 13.81 -4.17
N THR A 94 3.64 14.43 -4.75
CA THR A 94 2.92 15.56 -4.13
C THR A 94 1.49 15.14 -3.70
N LYS A 95 1.20 13.81 -3.76
CA LYS A 95 -0.13 13.28 -3.40
C LYS A 95 -0.06 11.76 -3.13
N ASN A 96 -0.59 11.35 -1.97
CA ASN A 96 -0.74 9.93 -1.60
C ASN A 96 -2.02 9.40 -2.28
N VAL A 97 -1.84 8.78 -3.45
CA VAL A 97 -2.94 8.23 -4.26
C VAL A 97 -3.56 6.95 -3.63
N ALA A 98 -2.89 6.38 -2.61
CA ALA A 98 -3.36 5.18 -1.88
C ALA A 98 -4.27 5.60 -0.71
N ALA A 99 -4.06 6.83 -0.19
CA ALA A 99 -4.92 7.41 0.86
C ALA A 99 -6.28 7.83 0.28
N LYS A 100 -6.29 8.12 -1.03
CA LYS A 100 -7.51 8.43 -1.79
C LYS A 100 -8.28 7.13 -2.14
N THR A 101 -7.63 5.97 -1.93
CA THR A 101 -8.23 4.65 -2.13
C THR A 101 -8.67 4.08 -0.77
N LYS A 102 -9.99 3.91 -0.57
CA LYS A 102 -10.56 3.33 0.66
C LYS A 102 -10.45 1.80 0.65
N LEU A 103 -10.71 1.18 1.82
CA LEU A 103 -10.91 -0.26 1.93
C LEU A 103 -12.32 -0.61 1.40
N PRO A 104 -12.43 -1.52 0.37
CA PRO A 104 -13.74 -2.08 -0.03
C PRO A 104 -14.08 -3.35 0.79
N LYS A 105 -15.37 -3.67 0.85
CA LYS A 105 -15.86 -4.92 1.45
C LYS A 105 -15.81 -6.03 0.40
N ALA A 106 -14.85 -6.95 0.54
CA ALA A 106 -14.71 -8.14 -0.33
C ALA A 106 -15.64 -9.27 0.19
N ASP A 107 -16.93 -8.95 0.31
CA ASP A 107 -17.93 -9.75 1.05
C ASP A 107 -19.08 -10.18 0.13
N LYS A 108 -20.15 -10.71 0.75
CA LYS A 108 -21.43 -10.99 0.10
C LYS A 108 -22.60 -10.64 1.05
N GLU A 109 -22.32 -9.69 1.98
CA GLU A 109 -23.28 -9.26 3.04
C GLU A 109 -24.26 -8.18 2.54
N GLU A 110 -24.50 -8.15 1.21
CA GLU A 110 -25.48 -7.25 0.54
C GLU A 110 -26.94 -7.77 0.68
N LEU A 111 -27.23 -8.44 1.82
CA LEU A 111 -28.56 -8.94 2.19
C LEU A 111 -29.27 -7.81 2.96
N GLU A 112 -29.43 -6.68 2.27
CA GLU A 112 -30.04 -5.45 2.80
C GLU A 112 -30.88 -4.82 1.67
N HIS A 113 -32.15 -4.49 1.98
CA HIS A 113 -33.20 -4.17 1.00
C HIS A 113 -32.87 -2.90 0.17
N HIS A 114 -32.06 -1.98 0.73
CA HIS A 114 -31.55 -0.79 0.00
C HIS A 114 -30.26 -1.18 -0.76
N HIS A 115 -30.38 -2.19 -1.62
CA HIS A 115 -29.26 -2.72 -2.42
C HIS A 115 -28.86 -1.68 -3.49
N HIS A 116 -27.88 -0.82 -3.15
CA HIS A 116 -27.39 0.25 -4.04
C HIS A 116 -26.58 -0.36 -5.20
N HIS A 117 -27.29 -0.61 -6.31
CA HIS A 117 -26.72 -1.17 -7.54
C HIS A 117 -26.24 -0.05 -8.48
N HIS A 118 -27.07 1.01 -8.58
CA HIS A 118 -26.84 2.18 -9.45
C HIS A 118 -27.72 3.34 -8.91
N MET A 1 13.48 15.82 -2.58
CA MET A 1 14.79 15.21 -2.25
C MET A 1 15.03 14.01 -3.18
N GLU A 2 15.97 14.18 -4.15
CA GLU A 2 16.30 13.18 -5.21
C GLU A 2 15.11 12.95 -6.19
N PRO A 3 15.37 12.78 -7.53
CA PRO A 3 14.28 12.68 -8.54
C PRO A 3 13.33 11.47 -8.30
N SER A 4 12.08 11.59 -8.78
CA SER A 4 11.02 10.57 -8.63
C SER A 4 11.14 9.42 -9.66
N LYS A 5 12.36 9.30 -10.24
CA LYS A 5 12.72 8.28 -11.23
C LYS A 5 13.02 6.92 -10.54
N LEU A 6 12.99 6.92 -9.19
CA LEU A 6 13.07 5.70 -8.38
C LEU A 6 11.75 4.92 -8.53
N SER A 7 11.85 3.62 -8.88
CA SER A 7 10.69 2.71 -8.95
C SER A 7 10.19 2.41 -7.52
N TYR A 8 8.86 2.22 -7.39
CA TYR A 8 8.23 2.02 -6.09
C TYR A 8 8.75 0.75 -5.38
N GLY A 9 9.09 -0.27 -6.17
CA GLY A 9 9.63 -1.53 -5.63
C GLY A 9 10.97 -1.35 -4.93
N GLU A 10 11.88 -0.61 -5.60
CA GLU A 10 13.22 -0.31 -5.05
C GLU A 10 13.11 0.66 -3.86
N TYR A 11 12.08 1.52 -3.88
CA TYR A 11 11.75 2.41 -2.76
C TYR A 11 11.33 1.60 -1.53
N LEU A 12 10.49 0.58 -1.76
CA LEU A 12 9.93 -0.29 -0.68
C LEU A 12 11.02 -1.09 0.04
N GLU A 13 12.13 -1.38 -0.67
CA GLU A 13 13.30 -2.05 -0.09
C GLU A 13 13.95 -1.16 0.99
N SER A 14 14.26 0.09 0.60
CA SER A 14 14.89 1.09 1.48
C SER A 14 13.95 1.46 2.65
N TRP A 15 12.68 1.73 2.31
CA TRP A 15 11.61 2.11 3.25
C TRP A 15 11.46 1.03 4.33
N PHE A 16 11.42 -0.24 3.88
CA PHE A 16 11.31 -1.44 4.75
C PHE A 16 12.39 -1.45 5.85
N ASN A 17 13.67 -1.30 5.43
CA ASN A 17 14.84 -1.39 6.33
C ASN A 17 14.73 -0.40 7.51
N THR A 18 14.41 0.86 7.19
CA THR A 18 14.31 1.94 8.19
C THR A 18 12.96 1.85 8.97
N LYS A 19 11.97 1.12 8.40
CA LYS A 19 10.63 0.97 8.99
C LYS A 19 10.61 -0.13 10.08
N ARG A 20 11.48 -1.16 9.92
CA ARG A 20 11.63 -2.26 10.92
C ARG A 20 11.83 -1.72 12.36
N HIS A 21 12.55 -0.59 12.45
CA HIS A 21 12.87 0.09 13.73
C HIS A 21 11.61 0.57 14.48
N SER A 22 10.54 0.87 13.72
CA SER A 22 9.28 1.42 14.27
C SER A 22 8.24 0.31 14.50
N VAL A 23 8.01 -0.53 13.46
CA VAL A 23 6.94 -1.55 13.48
C VAL A 23 7.34 -2.81 14.28
N GLY A 24 8.65 -3.11 14.29
CA GLY A 24 9.17 -4.34 14.88
C GLY A 24 9.62 -5.32 13.81
N ILE A 25 10.59 -6.17 14.14
CA ILE A 25 11.25 -7.11 13.20
C ILE A 25 10.24 -8.13 12.61
N GLN A 26 9.44 -8.75 13.50
CA GLN A 26 8.45 -9.77 13.11
C GLN A 26 7.29 -9.16 12.30
N THR A 27 6.82 -7.99 12.77
CA THR A 27 5.77 -7.21 12.10
C THR A 27 6.19 -6.82 10.68
N ALA A 28 7.46 -6.43 10.55
CA ALA A 28 8.06 -5.97 9.29
C ALA A 28 8.14 -7.12 8.28
N LYS A 29 8.54 -8.31 8.76
CA LYS A 29 8.64 -9.55 7.94
C LYS A 29 7.30 -9.82 7.22
N VAL A 30 6.21 -9.56 7.95
CA VAL A 30 4.83 -9.76 7.46
C VAL A 30 4.47 -8.66 6.42
N LEU A 31 4.87 -7.40 6.73
CA LEU A 31 4.59 -6.22 5.86
C LEU A 31 5.24 -6.39 4.47
N LYS A 32 6.50 -6.86 4.47
CA LYS A 32 7.25 -7.07 3.22
C LYS A 32 6.79 -8.36 2.54
N GLY A 33 6.33 -9.34 3.35
CA GLY A 33 5.70 -10.55 2.82
C GLY A 33 4.51 -10.23 1.91
N TYR A 34 3.84 -9.11 2.24
CA TYR A 34 2.78 -8.53 1.44
C TYR A 34 3.34 -7.74 0.24
N LEU A 35 4.46 -7.02 0.45
CA LEU A 35 5.09 -6.17 -0.59
C LEU A 35 5.54 -7.01 -1.79
N ASN A 36 6.50 -7.94 -1.57
CA ASN A 36 7.11 -8.73 -2.66
C ASN A 36 6.09 -9.69 -3.31
N SER A 37 4.99 -10.00 -2.60
CA SER A 37 3.92 -10.86 -3.14
C SER A 37 2.97 -10.05 -4.05
N ARG A 38 2.44 -8.93 -3.53
CA ARG A 38 1.37 -8.16 -4.19
C ARG A 38 1.90 -6.94 -4.96
N ILE A 39 2.60 -6.04 -4.23
CA ILE A 39 2.91 -4.69 -4.73
C ILE A 39 4.07 -4.71 -5.76
N ILE A 40 5.18 -5.43 -5.47
CA ILE A 40 6.36 -5.50 -6.37
C ILE A 40 5.97 -6.02 -7.82
N PRO A 41 5.18 -7.15 -7.97
CA PRO A 41 4.66 -7.58 -9.31
C PRO A 41 3.69 -6.57 -10.01
N SER A 42 3.10 -5.64 -9.24
CA SER A 42 2.10 -4.68 -9.78
C SER A 42 2.68 -3.25 -9.94
N LEU A 43 2.90 -2.58 -8.80
CA LEU A 43 3.37 -1.17 -8.72
C LEU A 43 4.91 -1.06 -8.65
N GLY A 44 5.58 -2.20 -8.36
CA GLY A 44 7.02 -2.23 -8.05
C GLY A 44 7.91 -1.84 -9.23
N ASN A 45 7.59 -2.39 -10.42
CA ASN A 45 8.36 -2.12 -11.66
C ASN A 45 7.94 -0.79 -12.32
N ILE A 46 7.00 -0.06 -11.69
CA ILE A 46 6.53 1.27 -12.14
C ILE A 46 7.30 2.35 -11.34
N LYS A 47 7.55 3.51 -11.99
CA LYS A 47 8.11 4.70 -11.30
C LYS A 47 7.15 5.17 -10.20
N LEU A 48 7.71 5.58 -9.06
CA LEU A 48 6.94 6.07 -7.90
C LEU A 48 6.12 7.32 -8.27
N ALA A 49 6.66 8.15 -9.19
CA ALA A 49 5.96 9.34 -9.74
C ALA A 49 4.64 8.95 -10.45
N LYS A 50 4.67 7.81 -11.15
CA LYS A 50 3.58 7.38 -12.05
C LYS A 50 2.44 6.66 -11.29
N LEU A 51 2.64 6.40 -9.97
CA LEU A 51 1.57 5.87 -9.11
C LEU A 51 0.44 6.91 -8.99
N THR A 52 -0.60 6.71 -9.80
CA THR A 52 -1.79 7.57 -9.83
C THR A 52 -3.01 6.80 -9.28
N SER A 53 -4.17 7.48 -9.23
CA SER A 53 -5.43 6.93 -8.68
C SER A 53 -5.97 5.77 -9.56
N LEU A 54 -5.63 5.76 -10.87
CA LEU A 54 -6.00 4.66 -11.79
C LEU A 54 -5.27 3.36 -11.39
N HIS A 55 -3.99 3.51 -10.99
CA HIS A 55 -3.14 2.39 -10.51
C HIS A 55 -3.71 1.79 -9.22
N MET A 56 -4.23 2.69 -8.36
CA MET A 56 -4.82 2.33 -7.06
C MET A 56 -6.14 1.55 -7.25
N GLN A 57 -7.01 2.09 -8.13
CA GLN A 57 -8.33 1.51 -8.45
C GLN A 57 -8.18 0.08 -9.02
N ASN A 58 -7.33 -0.03 -10.06
CA ASN A 58 -7.08 -1.29 -10.78
C ASN A 58 -6.31 -2.29 -9.89
N TYR A 59 -5.56 -1.75 -8.91
CA TYR A 59 -4.84 -2.59 -7.93
C TYR A 59 -5.83 -3.33 -7.02
N VAL A 60 -6.85 -2.59 -6.50
CA VAL A 60 -7.88 -3.17 -5.61
C VAL A 60 -8.76 -4.18 -6.37
N ASN A 61 -8.98 -3.92 -7.67
CA ASN A 61 -9.69 -4.85 -8.59
C ASN A 61 -8.89 -6.16 -8.73
N SER A 62 -7.54 -6.03 -8.78
CA SER A 62 -6.61 -7.18 -8.84
C SER A 62 -6.70 -8.00 -7.54
N LEU A 63 -6.80 -7.32 -6.37
CA LEU A 63 -6.83 -7.96 -5.03
C LEU A 63 -8.09 -8.83 -4.86
N ARG A 64 -9.21 -8.31 -5.39
CA ARG A 64 -10.51 -9.01 -5.42
C ARG A 64 -10.44 -10.24 -6.36
N ASP A 65 -9.68 -10.09 -7.46
CA ASP A 65 -9.45 -11.17 -8.45
C ASP A 65 -8.45 -12.22 -7.92
N GLU A 66 -7.59 -11.80 -6.97
CA GLU A 66 -6.70 -12.74 -6.24
C GLU A 66 -7.51 -13.58 -5.25
N GLY A 67 -8.67 -13.04 -4.85
CA GLY A 67 -9.53 -13.68 -3.86
C GLY A 67 -9.01 -13.49 -2.44
N LEU A 68 -8.25 -12.39 -2.23
CA LEU A 68 -7.71 -12.03 -0.91
C LEU A 68 -8.86 -11.67 0.06
N LYS A 69 -8.67 -12.03 1.33
CA LYS A 69 -9.60 -11.65 2.41
C LYS A 69 -9.40 -10.16 2.74
N ARG A 70 -10.50 -9.49 3.14
CA ARG A 70 -10.53 -8.04 3.43
C ARG A 70 -9.46 -7.61 4.46
N GLY A 71 -9.12 -8.51 5.40
CA GLY A 71 -8.04 -8.28 6.36
C GLY A 71 -6.67 -8.14 5.70
N THR A 72 -6.33 -9.10 4.82
CA THR A 72 -5.08 -9.08 4.02
C THR A 72 -5.00 -7.79 3.17
N ILE A 73 -6.12 -7.47 2.49
CA ILE A 73 -6.23 -6.27 1.63
C ILE A 73 -6.07 -4.98 2.46
N GLU A 74 -6.63 -5.00 3.69
CA GLU A 74 -6.59 -3.85 4.61
C GLU A 74 -5.14 -3.56 5.05
N LYS A 75 -4.40 -4.64 5.37
CA LYS A 75 -3.02 -4.55 5.86
C LYS A 75 -2.08 -4.00 4.77
N ILE A 76 -2.28 -4.45 3.51
CA ILE A 76 -1.40 -4.04 2.40
C ILE A 76 -1.69 -2.58 2.01
N ILE A 77 -2.97 -2.16 2.14
CA ILE A 77 -3.37 -0.74 1.95
C ILE A 77 -2.62 0.14 2.96
N LYS A 78 -2.51 -0.33 4.23
CA LYS A 78 -1.76 0.39 5.29
C LYS A 78 -0.30 0.62 4.86
N VAL A 79 0.34 -0.47 4.40
CA VAL A 79 1.78 -0.47 4.03
C VAL A 79 2.04 0.51 2.86
N ILE A 80 1.16 0.48 1.84
CA ILE A 80 1.27 1.36 0.64
C ILE A 80 1.11 2.84 1.03
N ARG A 81 0.03 3.16 1.79
CA ARG A 81 -0.25 4.54 2.26
C ARG A 81 0.95 5.11 3.03
N ASN A 82 1.49 4.30 3.95
CA ASN A 82 2.59 4.70 4.85
C ASN A 82 3.88 4.94 4.04
N SER A 83 4.12 4.11 3.02
CA SER A 83 5.25 4.30 2.09
C SER A 83 5.09 5.62 1.33
N LEU A 84 3.86 5.91 0.87
CA LEU A 84 3.54 7.13 0.12
C LEU A 84 3.54 8.39 1.02
N GLU A 85 3.30 8.20 2.34
CA GLU A 85 3.42 9.29 3.36
C GLU A 85 4.89 9.71 3.46
N HIS A 86 5.78 8.71 3.45
CA HIS A 86 7.22 8.92 3.55
C HIS A 86 7.81 9.35 2.20
N ALA A 87 7.13 8.99 1.10
CA ALA A 87 7.52 9.42 -0.27
C ALA A 87 7.19 10.91 -0.47
N ILE A 88 6.09 11.39 0.14
CA ILE A 88 5.77 12.85 0.22
C ILE A 88 6.85 13.57 1.06
N ASP A 89 7.24 12.91 2.15
CA ASP A 89 8.29 13.40 3.07
C ASP A 89 9.66 13.54 2.36
N LEU A 90 9.93 12.63 1.41
CA LEU A 90 11.17 12.65 0.57
C LEU A 90 10.93 13.40 -0.76
N GLU A 91 9.71 13.94 -0.93
CA GLU A 91 9.27 14.72 -2.13
C GLU A 91 9.26 13.88 -3.44
N LEU A 92 9.36 12.54 -3.29
CA LEU A 92 9.34 11.59 -4.42
C LEU A 92 7.95 11.54 -5.09
N ILE A 93 6.93 11.96 -4.32
CA ILE A 93 5.58 12.26 -4.84
C ILE A 93 5.07 13.52 -4.11
N THR A 94 4.13 14.22 -4.75
CA THR A 94 3.51 15.44 -4.20
C THR A 94 2.08 15.14 -3.71
N LYS A 95 1.71 13.85 -3.64
CA LYS A 95 0.32 13.42 -3.39
C LYS A 95 0.27 11.91 -3.08
N ASN A 96 -0.28 11.56 -1.90
CA ASN A 96 -0.51 10.16 -1.50
C ASN A 96 -1.80 9.66 -2.17
N VAL A 97 -1.64 8.92 -3.27
CA VAL A 97 -2.75 8.43 -4.08
C VAL A 97 -3.50 7.25 -3.40
N ALA A 98 -2.84 6.61 -2.41
CA ALA A 98 -3.42 5.47 -1.65
C ALA A 98 -4.26 5.98 -0.46
N ALA A 99 -4.06 7.27 -0.08
CA ALA A 99 -4.84 7.95 0.97
C ALA A 99 -6.32 8.10 0.54
N LYS A 100 -6.54 8.25 -0.79
CA LYS A 100 -7.89 8.32 -1.39
C LYS A 100 -8.47 6.90 -1.65
N THR A 101 -7.62 5.87 -1.50
CA THR A 101 -7.98 4.47 -1.79
C THR A 101 -8.17 3.68 -0.49
N LYS A 102 -9.45 3.54 -0.12
CA LYS A 102 -9.90 2.86 1.11
C LYS A 102 -10.14 1.36 0.82
N LEU A 103 -10.31 0.58 1.90
CA LEU A 103 -10.69 -0.84 1.82
C LEU A 103 -12.13 -0.93 1.24
N PRO A 104 -12.38 -1.80 0.19
CA PRO A 104 -13.72 -1.99 -0.44
C PRO A 104 -14.88 -2.18 0.58
N LYS A 105 -14.92 -3.35 1.25
CA LYS A 105 -15.91 -3.65 2.31
C LYS A 105 -15.22 -4.37 3.47
N ALA A 106 -15.36 -3.80 4.67
CA ALA A 106 -14.78 -4.32 5.91
C ALA A 106 -15.87 -4.88 6.84
N ASP A 107 -15.55 -5.97 7.57
CA ASP A 107 -16.48 -6.61 8.52
C ASP A 107 -15.68 -7.44 9.54
N LYS A 108 -15.08 -6.72 10.50
CA LYS A 108 -14.44 -7.30 11.71
C LYS A 108 -14.27 -6.17 12.76
N GLU A 109 -13.52 -6.44 13.84
CA GLU A 109 -13.25 -5.43 14.89
C GLU A 109 -11.76 -5.01 14.85
N GLU A 110 -11.49 -3.72 14.56
CA GLU A 110 -10.15 -3.12 14.73
C GLU A 110 -9.89 -2.84 16.23
N LEU A 111 -10.92 -3.03 17.07
CA LEU A 111 -10.82 -2.95 18.54
C LEU A 111 -10.19 -4.22 19.13
N GLU A 112 -9.93 -5.24 18.28
CA GLU A 112 -9.19 -6.47 18.71
C GLU A 112 -7.75 -6.11 19.12
N HIS A 113 -7.59 -5.73 20.39
CA HIS A 113 -6.35 -5.17 20.94
C HIS A 113 -5.23 -6.21 20.91
N HIS A 114 -4.13 -5.87 20.21
CA HIS A 114 -2.92 -6.68 20.19
C HIS A 114 -2.24 -6.57 21.55
N HIS A 115 -2.15 -7.70 22.28
CA HIS A 115 -1.47 -7.76 23.58
C HIS A 115 -0.01 -7.35 23.40
N HIS A 116 0.33 -6.14 23.85
CA HIS A 116 1.70 -5.60 23.72
C HIS A 116 2.66 -6.45 24.58
N HIS A 117 3.33 -7.39 23.90
CA HIS A 117 4.24 -8.35 24.53
C HIS A 117 5.49 -7.62 25.04
N HIS A 118 5.93 -6.60 24.28
CA HIS A 118 7.05 -5.72 24.67
C HIS A 118 6.47 -4.43 25.32
N MET A 1 17.21 18.60 -11.89
CA MET A 1 18.20 17.53 -11.64
C MET A 1 17.57 16.40 -10.80
N GLU A 2 16.78 16.79 -9.77
CA GLU A 2 16.14 15.88 -8.79
C GLU A 2 15.35 14.74 -9.49
N PRO A 3 15.83 13.46 -9.42
CA PRO A 3 15.27 12.33 -10.17
C PRO A 3 13.97 11.78 -9.53
N SER A 4 12.83 12.12 -10.14
CA SER A 4 11.52 11.49 -9.86
C SER A 4 11.36 10.19 -10.69
N LYS A 5 12.47 9.44 -10.76
CA LYS A 5 12.67 8.29 -11.65
C LYS A 5 12.79 6.98 -10.86
N LEU A 6 12.67 7.09 -9.53
CA LEU A 6 12.74 5.95 -8.59
C LEU A 6 11.52 5.03 -8.77
N SER A 7 11.77 3.75 -9.11
CA SER A 7 10.73 2.71 -9.19
C SER A 7 10.23 2.41 -7.78
N TYR A 8 8.90 2.25 -7.66
CA TYR A 8 8.22 2.07 -6.38
C TYR A 8 8.66 0.78 -5.66
N GLY A 9 8.98 -0.26 -6.43
CA GLY A 9 9.46 -1.54 -5.88
C GLY A 9 10.83 -1.43 -5.24
N GLU A 10 11.69 -0.58 -5.85
CA GLU A 10 13.02 -0.26 -5.31
C GLU A 10 12.86 0.62 -4.06
N TYR A 11 11.87 1.54 -4.14
CA TYR A 11 11.54 2.45 -3.05
C TYR A 11 11.06 1.67 -1.80
N LEU A 12 10.26 0.61 -2.01
CA LEU A 12 9.67 -0.19 -0.92
C LEU A 12 10.72 -0.95 -0.11
N GLU A 13 11.79 -1.37 -0.79
CA GLU A 13 12.93 -2.06 -0.14
C GLU A 13 13.76 -1.06 0.69
N SER A 14 13.94 0.16 0.15
CA SER A 14 14.62 1.26 0.84
C SER A 14 13.83 1.69 2.11
N TRP A 15 12.50 1.83 1.91
CA TRP A 15 11.52 2.16 2.95
C TRP A 15 11.52 1.10 4.05
N PHE A 16 11.54 -0.17 3.60
CA PHE A 16 11.52 -1.35 4.48
C PHE A 16 12.71 -1.33 5.44
N ASN A 17 13.91 -1.04 4.89
CA ASN A 17 15.18 -1.01 5.66
C ASN A 17 15.10 0.01 6.82
N THR A 18 14.50 1.19 6.52
CA THR A 18 14.22 2.23 7.52
C THR A 18 13.11 1.76 8.51
N LYS A 19 12.09 1.08 7.97
CA LYS A 19 10.84 0.74 8.67
C LYS A 19 11.09 -0.28 9.79
N ARG A 20 12.07 -1.19 9.56
CA ARG A 20 12.48 -2.25 10.52
C ARG A 20 12.82 -1.67 11.92
N HIS A 21 13.34 -0.43 11.93
CA HIS A 21 13.75 0.28 13.16
C HIS A 21 12.54 0.94 13.85
N SER A 22 11.49 1.24 13.08
CA SER A 22 10.28 1.93 13.56
C SER A 22 9.15 0.94 13.95
N VAL A 23 9.26 -0.31 13.46
CA VAL A 23 8.31 -1.42 13.80
C VAL A 23 9.09 -2.59 14.40
N GLY A 24 8.36 -3.63 14.86
CA GLY A 24 8.97 -4.88 15.26
C GLY A 24 9.58 -5.61 14.07
N ILE A 25 10.71 -6.28 14.26
CA ILE A 25 11.43 -7.02 13.18
C ILE A 25 10.56 -8.19 12.67
N GLN A 26 9.84 -8.85 13.59
CA GLN A 26 8.88 -9.91 13.25
C GLN A 26 7.69 -9.34 12.44
N THR A 27 7.29 -8.10 12.80
CA THR A 27 6.18 -7.38 12.15
C THR A 27 6.62 -6.85 10.76
N ALA A 28 7.92 -6.52 10.65
CA ALA A 28 8.52 -5.96 9.43
C ALA A 28 8.55 -7.02 8.33
N LYS A 29 8.91 -8.25 8.73
CA LYS A 29 8.91 -9.45 7.86
C LYS A 29 7.52 -9.65 7.23
N VAL A 30 6.47 -9.38 8.02
CA VAL A 30 5.06 -9.50 7.60
C VAL A 30 4.73 -8.43 6.52
N LEU A 31 5.22 -7.18 6.75
CA LEU A 31 5.01 -6.05 5.84
C LEU A 31 5.70 -6.29 4.47
N LYS A 32 6.92 -6.84 4.52
CA LYS A 32 7.70 -7.18 3.30
C LYS A 32 7.07 -8.38 2.57
N GLY A 33 6.43 -9.27 3.37
CA GLY A 33 5.65 -10.38 2.83
C GLY A 33 4.47 -9.88 1.99
N TYR A 34 3.92 -8.72 2.39
CA TYR A 34 2.88 -8.01 1.62
C TYR A 34 3.50 -7.30 0.42
N LEU A 35 4.66 -6.64 0.64
CA LEU A 35 5.32 -5.81 -0.39
C LEU A 35 5.65 -6.63 -1.64
N ASN A 36 6.49 -7.66 -1.47
CA ASN A 36 7.08 -8.41 -2.58
C ASN A 36 6.06 -9.34 -3.27
N SER A 37 5.05 -9.82 -2.51
CA SER A 37 4.03 -10.76 -3.04
C SER A 37 2.84 -10.02 -3.70
N ARG A 38 2.39 -8.92 -3.09
CA ARG A 38 1.20 -8.17 -3.56
C ARG A 38 1.59 -6.97 -4.44
N ILE A 39 2.41 -6.05 -3.89
CA ILE A 39 2.68 -4.74 -4.52
C ILE A 39 3.74 -4.84 -5.65
N ILE A 40 4.82 -5.61 -5.45
CA ILE A 40 5.95 -5.69 -6.42
C ILE A 40 5.50 -6.19 -7.84
N PRO A 41 4.65 -7.28 -7.99
CA PRO A 41 4.13 -7.68 -9.32
C PRO A 41 3.19 -6.62 -9.97
N SER A 42 2.65 -5.70 -9.14
CA SER A 42 1.70 -4.65 -9.58
C SER A 42 2.41 -3.29 -9.83
N LEU A 43 2.79 -2.61 -8.74
CA LEU A 43 3.34 -1.25 -8.74
C LEU A 43 4.89 -1.24 -8.67
N GLY A 44 5.50 -2.43 -8.52
CA GLY A 44 6.95 -2.56 -8.29
C GLY A 44 7.83 -2.00 -9.41
N ASN A 45 7.53 -2.37 -10.65
CA ASN A 45 8.27 -1.89 -11.83
C ASN A 45 7.80 -0.49 -12.25
N ILE A 46 6.63 -0.08 -11.76
CA ILE A 46 6.06 1.25 -12.01
C ILE A 46 6.82 2.29 -11.16
N LYS A 47 7.11 3.45 -11.76
CA LYS A 47 7.78 4.56 -11.08
C LYS A 47 6.84 5.20 -10.05
N LEU A 48 7.42 5.65 -8.94
CA LEU A 48 6.72 6.31 -7.82
C LEU A 48 5.86 7.51 -8.29
N ALA A 49 6.44 8.29 -9.23
CA ALA A 49 5.80 9.46 -9.86
C ALA A 49 4.57 9.08 -10.71
N LYS A 50 4.57 7.84 -11.21
CA LYS A 50 3.53 7.33 -12.13
C LYS A 50 2.34 6.70 -11.40
N LEU A 51 2.48 6.40 -10.08
CA LEU A 51 1.39 5.83 -9.28
C LEU A 51 0.20 6.82 -9.24
N THR A 52 -0.83 6.52 -10.04
CA THR A 52 -2.05 7.32 -10.14
C THR A 52 -3.27 6.50 -9.64
N SER A 53 -4.46 7.11 -9.68
CA SER A 53 -5.70 6.49 -9.20
C SER A 53 -6.12 5.28 -10.07
N LEU A 54 -5.69 5.28 -11.35
CA LEU A 54 -5.89 4.12 -12.25
C LEU A 54 -5.06 2.93 -11.76
N HIS A 55 -3.80 3.20 -11.35
CA HIS A 55 -2.88 2.17 -10.82
C HIS A 55 -3.39 1.61 -9.49
N MET A 56 -4.08 2.48 -8.72
CA MET A 56 -4.73 2.10 -7.46
C MET A 56 -5.89 1.11 -7.72
N GLN A 57 -6.72 1.45 -8.73
CA GLN A 57 -7.86 0.62 -9.15
C GLN A 57 -7.37 -0.75 -9.67
N ASN A 58 -6.32 -0.72 -10.53
CA ASN A 58 -5.71 -1.93 -11.14
C ASN A 58 -5.17 -2.86 -10.05
N TYR A 59 -4.65 -2.27 -8.95
CA TYR A 59 -4.15 -3.01 -7.79
C TYR A 59 -5.31 -3.75 -7.09
N VAL A 60 -6.42 -3.01 -6.81
CA VAL A 60 -7.62 -3.56 -6.12
C VAL A 60 -8.31 -4.63 -6.97
N ASN A 61 -8.19 -4.51 -8.30
CA ASN A 61 -8.72 -5.50 -9.26
C ASN A 61 -8.01 -6.86 -9.09
N SER A 62 -6.67 -6.80 -8.84
CA SER A 62 -5.84 -7.99 -8.59
C SER A 62 -6.15 -8.61 -7.20
N LEU A 63 -6.42 -7.75 -6.20
CA LEU A 63 -6.78 -8.21 -4.83
C LEU A 63 -8.10 -9.01 -4.87
N ARG A 64 -9.02 -8.48 -5.66
CA ARG A 64 -10.35 -9.05 -5.89
C ARG A 64 -10.22 -10.36 -6.72
N ASP A 65 -9.25 -10.39 -7.66
CA ASP A 65 -8.93 -11.58 -8.47
C ASP A 65 -8.37 -12.72 -7.60
N GLU A 66 -7.60 -12.34 -6.57
CA GLU A 66 -7.05 -13.28 -5.58
C GLU A 66 -8.15 -13.80 -4.63
N GLY A 67 -9.21 -12.98 -4.47
CA GLY A 67 -10.27 -13.25 -3.50
C GLY A 67 -9.83 -12.96 -2.08
N LEU A 68 -9.03 -11.89 -1.92
CA LEU A 68 -8.53 -11.44 -0.61
C LEU A 68 -9.70 -10.90 0.24
N LYS A 69 -9.64 -11.19 1.55
CA LYS A 69 -10.67 -10.76 2.51
C LYS A 69 -10.38 -9.33 3.00
N ARG A 70 -11.40 -8.74 3.66
CA ARG A 70 -11.36 -7.36 4.21
C ARG A 70 -10.07 -7.05 5.00
N GLY A 71 -9.63 -8.02 5.84
CA GLY A 71 -8.42 -7.87 6.63
C GLY A 71 -7.15 -7.78 5.81
N THR A 72 -6.98 -8.71 4.85
CA THR A 72 -5.80 -8.78 3.98
C THR A 72 -5.66 -7.49 3.14
N ILE A 73 -6.78 -7.08 2.52
CA ILE A 73 -6.83 -5.87 1.69
C ILE A 73 -6.51 -4.62 2.54
N GLU A 74 -7.16 -4.52 3.72
CA GLU A 74 -7.01 -3.36 4.62
C GLU A 74 -5.54 -3.15 5.00
N LYS A 75 -4.86 -4.24 5.40
CA LYS A 75 -3.46 -4.22 5.85
C LYS A 75 -2.53 -3.74 4.72
N ILE A 76 -2.63 -4.39 3.55
CA ILE A 76 -1.70 -4.14 2.41
C ILE A 76 -1.90 -2.72 1.82
N ILE A 77 -3.15 -2.21 1.88
CA ILE A 77 -3.48 -0.83 1.48
C ILE A 77 -2.85 0.17 2.46
N LYS A 78 -2.88 -0.16 3.77
CA LYS A 78 -2.26 0.69 4.82
C LYS A 78 -0.72 0.68 4.71
N VAL A 79 -0.14 -0.43 4.20
CA VAL A 79 1.31 -0.55 3.94
C VAL A 79 1.73 0.43 2.81
N ILE A 80 0.92 0.45 1.72
CA ILE A 80 1.14 1.38 0.57
C ILE A 80 0.93 2.84 1.00
N ARG A 81 -0.16 3.04 1.75
CA ARG A 81 -0.64 4.37 2.17
C ARG A 81 0.34 5.00 3.18
N ASN A 82 1.04 4.14 3.94
CA ASN A 82 2.09 4.57 4.90
C ASN A 82 3.44 4.79 4.19
N SER A 83 3.77 3.92 3.21
CA SER A 83 5.05 4.02 2.46
C SER A 83 5.08 5.29 1.61
N LEU A 84 3.96 5.60 0.98
CA LEU A 84 3.80 6.83 0.19
C LEU A 84 3.91 8.10 1.07
N GLU A 85 3.52 7.99 2.37
CA GLU A 85 3.71 9.09 3.37
C GLU A 85 5.21 9.37 3.58
N HIS A 86 6.01 8.30 3.62
CA HIS A 86 7.47 8.40 3.80
C HIS A 86 8.11 9.03 2.55
N ALA A 87 7.48 8.84 1.38
CA ALA A 87 7.89 9.47 0.11
C ALA A 87 7.56 10.97 0.12
N ILE A 88 6.45 11.35 0.78
CA ILE A 88 6.08 12.76 1.03
C ILE A 88 7.09 13.40 2.02
N ASP A 89 7.50 12.59 3.00
CA ASP A 89 8.51 12.99 4.01
C ASP A 89 9.91 13.16 3.39
N LEU A 90 10.22 12.32 2.38
CA LEU A 90 11.48 12.41 1.60
C LEU A 90 11.38 13.47 0.48
N GLU A 91 10.15 14.02 0.29
CA GLU A 91 9.86 15.07 -0.73
C GLU A 91 10.00 14.52 -2.17
N LEU A 92 9.86 13.18 -2.29
CA LEU A 92 9.77 12.47 -3.58
C LEU A 92 8.43 12.79 -4.26
N ILE A 93 7.37 12.84 -3.43
CA ILE A 93 6.01 13.27 -3.81
C ILE A 93 5.50 14.22 -2.71
N THR A 94 4.29 14.77 -2.88
CA THR A 94 3.69 15.70 -1.89
C THR A 94 2.30 15.21 -1.44
N LYS A 95 1.76 14.20 -2.14
CA LYS A 95 0.40 13.69 -1.94
C LYS A 95 0.36 12.21 -2.34
N ASN A 96 -0.18 11.35 -1.46
CA ASN A 96 -0.30 9.90 -1.74
C ASN A 96 -1.65 9.59 -2.43
N VAL A 97 -1.59 8.72 -3.45
CA VAL A 97 -2.77 8.29 -4.24
C VAL A 97 -3.49 7.08 -3.57
N ALA A 98 -2.89 6.50 -2.52
CA ALA A 98 -3.48 5.39 -1.75
C ALA A 98 -4.53 5.92 -0.75
N ALA A 99 -4.60 7.26 -0.63
CA ALA A 99 -5.64 7.97 0.10
C ALA A 99 -6.97 7.92 -0.67
N LYS A 100 -6.87 7.72 -2.00
CA LYS A 100 -8.03 7.49 -2.89
C LYS A 100 -8.48 6.04 -2.80
N THR A 101 -7.56 5.16 -2.37
CA THR A 101 -7.82 3.74 -2.19
C THR A 101 -8.31 3.48 -0.75
N LYS A 102 -9.64 3.43 -0.60
CA LYS A 102 -10.29 3.02 0.66
C LYS A 102 -10.64 1.53 0.57
N LEU A 103 -10.89 0.91 1.73
CA LEU A 103 -11.34 -0.48 1.81
C LEU A 103 -12.81 -0.58 1.29
N PRO A 104 -13.09 -1.45 0.25
CA PRO A 104 -14.47 -1.68 -0.28
C PRO A 104 -15.48 -2.15 0.80
N LYS A 105 -16.79 -2.19 0.44
CA LYS A 105 -17.87 -2.65 1.32
C LYS A 105 -17.83 -4.20 1.47
N ALA A 106 -16.85 -4.64 2.26
CA ALA A 106 -16.59 -6.04 2.63
C ALA A 106 -16.19 -6.07 4.13
N ASP A 107 -16.05 -4.86 4.71
CA ASP A 107 -15.65 -4.64 6.10
C ASP A 107 -16.89 -4.75 7.01
N LYS A 108 -17.68 -3.66 7.05
CA LYS A 108 -18.95 -3.60 7.80
C LYS A 108 -20.08 -3.23 6.84
N GLU A 109 -21.32 -3.59 7.21
CA GLU A 109 -22.54 -3.22 6.50
C GLU A 109 -22.89 -1.75 6.83
N GLU A 110 -22.25 -0.83 6.10
CA GLU A 110 -22.23 0.62 6.42
C GLU A 110 -23.28 1.41 5.63
N LEU A 111 -24.32 0.70 5.17
CA LEU A 111 -25.53 1.30 4.54
C LEU A 111 -25.19 2.16 3.31
N GLU A 112 -24.18 1.71 2.53
CA GLU A 112 -23.77 2.35 1.26
C GLU A 112 -24.77 1.94 0.14
N HIS A 113 -26.01 2.45 0.28
CA HIS A 113 -27.14 2.09 -0.59
C HIS A 113 -27.17 2.94 -1.88
N HIS A 114 -26.21 3.88 -1.98
CA HIS A 114 -26.08 4.77 -3.14
C HIS A 114 -25.50 3.97 -4.32
N HIS A 115 -26.31 3.81 -5.39
CA HIS A 115 -25.98 2.98 -6.58
C HIS A 115 -25.07 3.73 -7.60
N HIS A 116 -23.97 4.28 -7.08
CA HIS A 116 -22.91 4.96 -7.86
C HIS A 116 -21.63 5.06 -7.00
N HIS A 117 -21.59 4.29 -5.89
CA HIS A 117 -20.54 4.38 -4.86
C HIS A 117 -19.16 3.96 -5.44
N HIS A 118 -18.43 4.96 -5.92
CA HIS A 118 -17.06 4.81 -6.44
C HIS A 118 -16.06 4.74 -5.25
N MET A 1 13.69 15.88 -1.23
CA MET A 1 15.09 15.59 -1.58
C MET A 1 15.16 14.91 -2.97
N GLU A 2 15.76 15.63 -3.96
CA GLU A 2 15.99 15.14 -5.34
C GLU A 2 14.68 14.87 -6.13
N PRO A 3 14.74 14.87 -7.51
CA PRO A 3 13.57 14.45 -8.35
C PRO A 3 13.23 12.95 -8.15
N SER A 4 12.11 12.51 -8.76
CA SER A 4 11.59 11.14 -8.63
C SER A 4 12.47 10.13 -9.38
N LYS A 5 13.61 9.80 -8.76
CA LYS A 5 14.65 8.93 -9.35
C LYS A 5 14.39 7.47 -8.99
N LEU A 6 13.89 7.27 -7.77
CA LEU A 6 13.70 5.93 -7.20
C LEU A 6 12.36 5.32 -7.66
N SER A 7 12.44 4.10 -8.21
CA SER A 7 11.28 3.25 -8.55
C SER A 7 10.59 2.80 -7.25
N TYR A 8 9.27 2.59 -7.30
CA TYR A 8 8.48 2.28 -6.10
C TYR A 8 8.90 0.96 -5.44
N GLY A 9 9.24 -0.05 -6.25
CA GLY A 9 9.71 -1.35 -5.74
C GLY A 9 11.02 -1.24 -4.97
N GLU A 10 11.93 -0.41 -5.51
CA GLU A 10 13.22 -0.11 -4.87
C GLU A 10 13.03 0.82 -3.66
N TYR A 11 11.95 1.64 -3.70
CA TYR A 11 11.58 2.53 -2.60
C TYR A 11 11.02 1.71 -1.44
N LEU A 12 10.38 0.58 -1.73
CA LEU A 12 9.87 -0.35 -0.71
C LEU A 12 11.03 -1.05 0.00
N GLU A 13 12.18 -1.16 -0.68
CA GLU A 13 13.42 -1.73 -0.10
C GLU A 13 14.03 -0.74 0.92
N SER A 14 14.16 0.53 0.51
CA SER A 14 14.72 1.60 1.36
C SER A 14 13.77 1.93 2.54
N TRP A 15 12.46 1.96 2.24
CA TRP A 15 11.41 2.22 3.25
C TRP A 15 11.37 1.07 4.28
N PHE A 16 11.43 -0.18 3.79
CA PHE A 16 11.39 -1.37 4.66
C PHE A 16 12.55 -1.38 5.67
N ASN A 17 13.75 -1.02 5.17
CA ASN A 17 14.99 -1.03 5.94
C ASN A 17 14.86 -0.10 7.17
N THR A 18 14.41 1.15 6.93
CA THR A 18 14.19 2.14 8.00
C THR A 18 12.94 1.78 8.84
N LYS A 19 11.98 1.04 8.24
CA LYS A 19 10.71 0.67 8.88
C LYS A 19 10.94 -0.40 9.96
N ARG A 20 12.04 -1.18 9.84
CA ARG A 20 12.44 -2.18 10.85
C ARG A 20 12.74 -1.56 12.23
N HIS A 21 13.02 -0.23 12.27
CA HIS A 21 13.20 0.52 13.53
C HIS A 21 11.86 1.02 14.10
N SER A 22 10.85 1.12 13.22
CA SER A 22 9.50 1.58 13.59
C SER A 22 8.63 0.41 14.11
N VAL A 23 8.71 -0.73 13.39
CA VAL A 23 7.93 -1.95 13.69
C VAL A 23 8.89 -3.12 14.00
N GLY A 24 8.35 -4.16 14.67
CA GLY A 24 9.13 -5.37 14.99
C GLY A 24 9.56 -6.14 13.74
N ILE A 25 10.64 -6.93 13.87
CA ILE A 25 11.23 -7.71 12.74
C ILE A 25 10.24 -8.77 12.22
N GLN A 26 9.50 -9.40 13.15
CA GLN A 26 8.46 -10.40 12.82
C GLN A 26 7.26 -9.76 12.09
N THR A 27 6.95 -8.51 12.49
CA THR A 27 5.86 -7.72 11.91
C THR A 27 6.26 -7.22 10.50
N ALA A 28 7.54 -6.84 10.39
CA ALA A 28 8.12 -6.27 9.17
C ALA A 28 8.21 -7.35 8.08
N LYS A 29 8.59 -8.57 8.50
CA LYS A 29 8.68 -9.76 7.63
C LYS A 29 7.33 -10.01 6.90
N VAL A 30 6.23 -9.76 7.64
CA VAL A 30 4.86 -9.91 7.14
C VAL A 30 4.52 -8.78 6.14
N LEU A 31 4.93 -7.53 6.47
CA LEU A 31 4.69 -6.33 5.63
C LEU A 31 5.36 -6.48 4.26
N LYS A 32 6.62 -6.96 4.25
CA LYS A 32 7.39 -7.17 3.01
C LYS A 32 6.96 -8.49 2.33
N GLY A 33 6.39 -9.41 3.12
CA GLY A 33 5.75 -10.61 2.59
C GLY A 33 4.55 -10.25 1.71
N TYR A 34 3.94 -9.09 2.01
CA TYR A 34 2.87 -8.51 1.20
C TYR A 34 3.43 -7.70 0.03
N LEU A 35 4.56 -6.99 0.27
CA LEU A 35 5.20 -6.13 -0.75
C LEU A 35 5.67 -6.97 -1.95
N ASN A 36 6.55 -7.94 -1.68
CA ASN A 36 7.17 -8.80 -2.72
C ASN A 36 6.13 -9.61 -3.49
N SER A 37 5.09 -10.06 -2.78
CA SER A 37 4.03 -10.92 -3.34
C SER A 37 3.08 -10.09 -4.24
N ARG A 38 2.50 -9.02 -3.67
CA ARG A 38 1.40 -8.26 -4.29
C ARG A 38 1.90 -7.03 -5.04
N ILE A 39 2.66 -6.16 -4.33
CA ILE A 39 2.97 -4.81 -4.83
C ILE A 39 4.13 -4.83 -5.88
N ILE A 40 5.16 -5.66 -5.67
CA ILE A 40 6.36 -5.71 -6.56
C ILE A 40 5.97 -6.01 -8.06
N PRO A 41 5.10 -7.04 -8.39
CA PRO A 41 4.64 -7.27 -9.78
C PRO A 41 3.62 -6.20 -10.27
N SER A 42 3.03 -5.43 -9.34
CA SER A 42 1.98 -4.44 -9.66
C SER A 42 2.55 -3.01 -9.78
N LEU A 43 2.89 -2.41 -8.63
CA LEU A 43 3.34 -1.01 -8.51
C LEU A 43 4.89 -0.92 -8.40
N GLY A 44 5.53 -2.08 -8.20
CA GLY A 44 6.97 -2.16 -7.94
C GLY A 44 7.84 -1.79 -9.14
N ASN A 45 7.48 -2.35 -10.31
CA ASN A 45 8.12 -2.02 -11.61
C ASN A 45 7.99 -0.53 -11.95
N ILE A 46 6.86 0.06 -11.52
CA ILE A 46 6.47 1.43 -11.83
C ILE A 46 7.29 2.44 -11.00
N LYS A 47 7.55 3.61 -11.58
CA LYS A 47 8.23 4.71 -10.90
C LYS A 47 7.29 5.32 -9.82
N LEU A 48 7.90 5.75 -8.71
CA LEU A 48 7.22 6.18 -7.47
C LEU A 48 6.09 7.23 -7.70
N ALA A 49 6.40 8.28 -8.48
CA ALA A 49 5.45 9.38 -8.77
C ALA A 49 4.39 8.98 -9.82
N LYS A 50 4.68 7.93 -10.61
CA LYS A 50 3.79 7.46 -11.67
C LYS A 50 2.69 6.53 -11.15
N LEU A 51 2.68 6.30 -9.83
CA LEU A 51 1.54 5.69 -9.15
C LEU A 51 0.35 6.67 -9.18
N THR A 52 -0.50 6.52 -10.20
CA THR A 52 -1.75 7.30 -10.35
C THR A 52 -2.93 6.48 -9.77
N SER A 53 -4.11 7.13 -9.63
CA SER A 53 -5.30 6.53 -8.97
C SER A 53 -5.85 5.32 -9.77
N LEU A 54 -5.54 5.30 -11.08
CA LEU A 54 -5.87 4.15 -11.97
C LEU A 54 -5.18 2.86 -11.46
N HIS A 55 -3.93 3.02 -11.03
CA HIS A 55 -3.09 1.91 -10.52
C HIS A 55 -3.62 1.39 -9.18
N MET A 56 -4.25 2.28 -8.38
CA MET A 56 -4.85 1.93 -7.08
C MET A 56 -6.13 1.14 -7.26
N GLN A 57 -7.00 1.62 -8.17
CA GLN A 57 -8.27 0.95 -8.48
C GLN A 57 -8.02 -0.46 -9.03
N ASN A 58 -7.08 -0.57 -9.99
CA ASN A 58 -6.68 -1.84 -10.60
C ASN A 58 -6.02 -2.78 -9.58
N TYR A 59 -5.37 -2.18 -8.54
CA TYR A 59 -4.75 -2.97 -7.46
C TYR A 59 -5.85 -3.62 -6.59
N VAL A 60 -6.86 -2.82 -6.20
CA VAL A 60 -7.99 -3.30 -5.36
C VAL A 60 -8.83 -4.36 -6.12
N ASN A 61 -8.91 -4.19 -7.46
CA ASN A 61 -9.56 -5.17 -8.36
C ASN A 61 -8.79 -6.50 -8.31
N SER A 62 -7.45 -6.40 -8.38
CA SER A 62 -6.54 -7.57 -8.35
C SER A 62 -6.75 -8.41 -7.08
N LEU A 63 -7.03 -7.73 -5.95
CA LEU A 63 -7.22 -8.37 -4.63
C LEU A 63 -8.50 -9.23 -4.61
N ARG A 64 -9.51 -8.80 -5.39
CA ARG A 64 -10.76 -9.55 -5.59
C ARG A 64 -10.51 -10.80 -6.46
N ASP A 65 -9.65 -10.66 -7.49
CA ASP A 65 -9.25 -11.79 -8.38
C ASP A 65 -8.44 -12.84 -7.59
N GLU A 66 -7.62 -12.37 -6.65
CA GLU A 66 -6.85 -13.25 -5.74
C GLU A 66 -7.75 -13.80 -4.63
N GLY A 67 -8.89 -13.11 -4.41
CA GLY A 67 -9.90 -13.53 -3.44
C GLY A 67 -9.54 -13.24 -2.00
N LEU A 68 -8.64 -12.26 -1.81
CA LEU A 68 -8.16 -11.83 -0.48
C LEU A 68 -9.33 -11.31 0.37
N LYS A 69 -9.33 -11.69 1.66
CA LYS A 69 -10.38 -11.27 2.62
C LYS A 69 -10.13 -9.83 3.08
N ARG A 70 -11.20 -9.12 3.47
CA ARG A 70 -11.18 -7.67 3.80
C ARG A 70 -10.10 -7.30 4.85
N GLY A 71 -9.76 -8.25 5.74
CA GLY A 71 -8.67 -8.06 6.70
C GLY A 71 -7.29 -8.01 6.06
N THR A 72 -7.02 -8.96 5.14
CA THR A 72 -5.76 -9.03 4.37
C THR A 72 -5.62 -7.77 3.49
N ILE A 73 -6.72 -7.41 2.80
CA ILE A 73 -6.81 -6.23 1.94
C ILE A 73 -6.47 -4.96 2.70
N GLU A 74 -7.13 -4.77 3.87
CA GLU A 74 -6.98 -3.56 4.69
C GLU A 74 -5.49 -3.28 5.01
N LYS A 75 -4.76 -4.34 5.41
CA LYS A 75 -3.35 -4.23 5.82
C LYS A 75 -2.45 -3.82 4.65
N ILE A 76 -2.57 -4.55 3.52
CA ILE A 76 -1.69 -4.36 2.35
C ILE A 76 -1.92 -2.97 1.70
N ILE A 77 -3.17 -2.48 1.78
CA ILE A 77 -3.55 -1.11 1.41
C ILE A 77 -2.80 -0.10 2.31
N LYS A 78 -2.80 -0.37 3.63
CA LYS A 78 -2.15 0.53 4.63
C LYS A 78 -0.62 0.56 4.44
N VAL A 79 -0.01 -0.56 4.03
CA VAL A 79 1.45 -0.66 3.82
C VAL A 79 1.89 0.24 2.63
N ILE A 80 1.08 0.22 1.55
CA ILE A 80 1.27 1.10 0.38
C ILE A 80 1.13 2.58 0.78
N ARG A 81 0.11 2.84 1.62
CA ARG A 81 -0.16 4.18 2.17
C ARG A 81 1.04 4.68 3.00
N ASN A 82 1.57 3.82 3.88
CA ASN A 82 2.67 4.17 4.81
C ASN A 82 3.94 4.62 4.06
N SER A 83 4.24 3.96 2.94
CA SER A 83 5.41 4.29 2.11
C SER A 83 5.17 5.59 1.32
N LEU A 84 3.98 5.74 0.73
CA LEU A 84 3.65 6.92 -0.12
C LEU A 84 3.42 8.22 0.71
N GLU A 85 2.95 8.07 1.96
CA GLU A 85 2.85 9.20 2.92
C GLU A 85 4.26 9.70 3.26
N HIS A 86 5.16 8.70 3.41
CA HIS A 86 6.57 8.91 3.73
C HIS A 86 7.31 9.47 2.51
N ALA A 87 6.83 9.17 1.29
CA ALA A 87 7.43 9.65 0.03
C ALA A 87 7.10 11.15 -0.21
N ILE A 88 5.91 11.60 0.26
CA ILE A 88 5.56 13.04 0.31
C ILE A 88 6.47 13.76 1.32
N ASP A 89 6.71 13.08 2.45
CA ASP A 89 7.61 13.55 3.51
C ASP A 89 9.07 13.66 3.01
N LEU A 90 9.45 12.76 2.09
CA LEU A 90 10.79 12.78 1.44
C LEU A 90 10.79 13.65 0.16
N GLU A 91 9.60 14.24 -0.17
CA GLU A 91 9.40 15.18 -1.31
C GLU A 91 9.67 14.50 -2.68
N LEU A 92 9.72 13.16 -2.68
CA LEU A 92 9.90 12.35 -3.89
C LEU A 92 8.62 12.39 -4.74
N ILE A 93 7.50 12.65 -4.05
CA ILE A 93 6.20 12.93 -4.66
C ILE A 93 5.60 14.14 -3.91
N THR A 94 4.92 15.01 -4.65
CA THR A 94 4.26 16.20 -4.08
C THR A 94 2.85 15.83 -3.58
N LYS A 95 2.33 14.70 -4.09
CA LYS A 95 1.03 14.14 -3.69
C LYS A 95 1.04 12.63 -3.95
N ASN A 96 0.33 11.87 -3.09
CA ASN A 96 0.11 10.43 -3.29
C ASN A 96 -1.36 10.17 -3.64
N VAL A 97 -1.59 9.06 -4.32
CA VAL A 97 -2.94 8.55 -4.61
C VAL A 97 -3.33 7.47 -3.56
N ALA A 98 -2.51 7.36 -2.51
CA ALA A 98 -2.67 6.35 -1.44
C ALA A 98 -3.73 6.80 -0.44
N ALA A 99 -3.87 8.13 -0.29
CA ALA A 99 -4.90 8.76 0.55
C ALA A 99 -6.31 8.37 0.07
N LYS A 100 -6.45 8.16 -1.26
CA LYS A 100 -7.72 7.75 -1.90
C LYS A 100 -7.96 6.23 -1.73
N THR A 101 -6.87 5.47 -1.53
CA THR A 101 -6.90 4.00 -1.48
C THR A 101 -7.50 3.52 -0.14
N LYS A 102 -8.80 3.21 -0.16
CA LYS A 102 -9.55 2.75 1.03
C LYS A 102 -9.94 1.27 0.91
N LEU A 103 -10.36 0.70 2.04
CA LEU A 103 -11.08 -0.59 2.08
C LEU A 103 -12.59 -0.29 1.82
N PRO A 104 -13.18 -0.78 0.69
CA PRO A 104 -14.62 -0.59 0.40
C PRO A 104 -15.50 -1.49 1.30
N LYS A 105 -16.84 -1.36 1.17
CA LYS A 105 -17.81 -2.18 1.89
C LYS A 105 -17.78 -3.63 1.35
N ALA A 106 -16.79 -4.39 1.83
CA ALA A 106 -16.51 -5.76 1.37
C ALA A 106 -17.55 -6.75 1.94
N ASP A 107 -17.76 -7.86 1.21
CA ASP A 107 -18.75 -8.90 1.54
C ASP A 107 -18.50 -9.47 2.95
N LYS A 108 -19.45 -9.20 3.86
CA LYS A 108 -19.42 -9.70 5.24
C LYS A 108 -20.81 -9.53 5.86
N GLU A 109 -21.27 -10.55 6.62
CA GLU A 109 -22.60 -10.58 7.27
C GLU A 109 -22.74 -9.45 8.33
N GLU A 110 -23.99 -9.15 8.72
CA GLU A 110 -24.33 -7.94 9.52
C GLU A 110 -24.59 -8.27 11.01
N LEU A 111 -24.02 -9.37 11.53
CA LEU A 111 -24.20 -9.78 12.96
C LEU A 111 -23.56 -8.74 13.90
N GLU A 112 -22.46 -8.12 13.45
CA GLU A 112 -21.74 -7.04 14.19
C GLU A 112 -22.61 -5.76 14.32
N HIS A 113 -23.62 -5.64 13.45
CA HIS A 113 -24.54 -4.48 13.40
C HIS A 113 -25.76 -4.70 14.33
N HIS A 114 -25.99 -5.97 14.73
CA HIS A 114 -27.20 -6.37 15.49
C HIS A 114 -27.01 -6.11 17.00
N HIS A 115 -27.89 -5.28 17.56
CA HIS A 115 -27.94 -5.00 19.01
C HIS A 115 -29.27 -4.29 19.32
N HIS A 116 -30.31 -5.08 19.65
CA HIS A 116 -31.70 -4.60 19.78
C HIS A 116 -31.92 -3.96 21.16
N HIS A 117 -31.90 -4.78 22.22
CA HIS A 117 -32.00 -4.34 23.63
C HIS A 117 -30.58 -4.23 24.24
N HIS A 118 -29.55 -4.33 23.37
CA HIS A 118 -28.14 -4.26 23.78
C HIS A 118 -27.58 -2.87 23.38
N MET A 1 17.78 17.37 -5.97
CA MET A 1 19.19 17.08 -6.37
C MET A 1 19.29 15.80 -7.22
N GLU A 2 18.34 14.88 -7.06
CA GLU A 2 18.34 13.57 -7.75
C GLU A 2 17.04 13.38 -8.55
N PRO A 3 17.10 13.04 -9.88
CA PRO A 3 15.88 12.77 -10.72
C PRO A 3 15.04 11.60 -10.18
N SER A 4 13.88 11.35 -10.81
CA SER A 4 12.89 10.36 -10.34
C SER A 4 13.22 8.93 -10.84
N LYS A 5 14.51 8.55 -10.75
CA LYS A 5 15.03 7.24 -11.19
C LYS A 5 14.61 6.11 -10.22
N LEU A 6 14.12 6.50 -9.03
CA LEU A 6 13.65 5.56 -8.01
C LEU A 6 12.29 4.95 -8.41
N SER A 7 12.28 3.63 -8.66
CA SER A 7 11.04 2.86 -8.86
C SER A 7 10.37 2.64 -7.48
N TYR A 8 9.07 2.34 -7.49
CA TYR A 8 8.32 2.16 -6.23
C TYR A 8 8.81 0.90 -5.46
N GLY A 9 9.09 -0.18 -6.21
CA GLY A 9 9.59 -1.42 -5.61
C GLY A 9 10.96 -1.24 -4.95
N GLU A 10 11.78 -0.39 -5.62
CA GLU A 10 13.12 -0.01 -5.15
C GLU A 10 13.03 0.91 -3.91
N TYR A 11 11.99 1.77 -3.90
CA TYR A 11 11.71 2.67 -2.78
C TYR A 11 11.26 1.85 -1.56
N LEU A 12 10.44 0.82 -1.81
CA LEU A 12 9.91 -0.06 -0.75
C LEU A 12 11.03 -0.82 -0.04
N GLU A 13 12.15 -1.07 -0.73
CA GLU A 13 13.34 -1.71 -0.13
C GLU A 13 13.93 -0.80 0.97
N SER A 14 14.26 0.44 0.57
CA SER A 14 14.88 1.45 1.46
C SER A 14 13.91 1.88 2.58
N TRP A 15 12.64 2.07 2.19
CA TRP A 15 11.52 2.46 3.09
C TRP A 15 11.36 1.42 4.21
N PHE A 16 11.30 0.14 3.80
CA PHE A 16 11.07 -1.01 4.71
C PHE A 16 12.23 -1.17 5.70
N ASN A 17 13.48 -1.00 5.20
CA ASN A 17 14.71 -1.11 6.03
C ASN A 17 14.73 0.01 7.10
N THR A 18 14.26 1.21 6.70
CA THR A 18 14.05 2.34 7.62
C THR A 18 12.92 2.00 8.61
N LYS A 19 11.85 1.39 8.09
CA LYS A 19 10.57 1.18 8.83
C LYS A 19 10.69 0.00 9.83
N ARG A 20 11.75 -0.83 9.64
CA ARG A 20 12.12 -1.90 10.61
C ARG A 20 12.62 -1.31 11.94
N HIS A 21 12.96 -0.01 11.97
CA HIS A 21 13.24 0.72 13.23
C HIS A 21 11.94 0.99 14.01
N SER A 22 10.79 0.90 13.32
CA SER A 22 9.46 1.13 13.90
C SER A 22 8.67 -0.20 14.04
N VAL A 23 9.08 -1.26 13.32
CA VAL A 23 8.40 -2.59 13.36
C VAL A 23 9.36 -3.70 13.83
N GLY A 24 8.83 -4.73 14.50
CA GLY A 24 9.62 -5.91 14.89
C GLY A 24 9.78 -6.90 13.76
N ILE A 25 10.59 -7.96 13.97
CA ILE A 25 10.86 -9.00 12.95
C ILE A 25 9.57 -9.74 12.54
N GLN A 26 8.70 -10.04 13.52
CA GLN A 26 7.42 -10.75 13.27
C GLN A 26 6.49 -9.91 12.39
N THR A 27 6.51 -8.59 12.61
CA THR A 27 5.67 -7.63 11.88
C THR A 27 6.27 -7.38 10.49
N ALA A 28 7.61 -7.29 10.44
CA ALA A 28 8.37 -6.97 9.23
C ALA A 28 8.23 -8.09 8.18
N LYS A 29 8.26 -9.34 8.68
CA LYS A 29 8.13 -10.55 7.86
C LYS A 29 6.76 -10.57 7.14
N VAL A 30 5.73 -10.12 7.87
CA VAL A 30 4.33 -10.07 7.35
C VAL A 30 4.21 -9.01 6.24
N LEU A 31 4.76 -7.80 6.49
CA LEU A 31 4.70 -6.66 5.56
C LEU A 31 5.50 -6.95 4.28
N LYS A 32 6.69 -7.56 4.47
CA LYS A 32 7.62 -7.91 3.37
C LYS A 32 7.05 -9.04 2.51
N GLY A 33 6.36 -9.98 3.18
CA GLY A 33 5.66 -11.08 2.52
C GLY A 33 4.57 -10.59 1.58
N TYR A 34 4.01 -9.42 1.91
CA TYR A 34 3.01 -8.75 1.10
C TYR A 34 3.67 -7.97 -0.03
N LEU A 35 4.83 -7.34 0.27
CA LEU A 35 5.52 -6.45 -0.68
C LEU A 35 5.92 -7.20 -1.95
N ASN A 36 6.77 -8.23 -1.82
CA ASN A 36 7.30 -9.01 -2.97
C ASN A 36 6.19 -9.75 -3.76
N SER A 37 5.12 -10.15 -3.06
CA SER A 37 4.04 -10.97 -3.63
C SER A 37 3.00 -10.10 -4.37
N ARG A 38 2.56 -9.03 -3.69
CA ARG A 38 1.44 -8.18 -4.15
C ARG A 38 1.92 -6.91 -4.86
N ILE A 39 2.68 -6.07 -4.15
CA ILE A 39 2.97 -4.69 -4.61
C ILE A 39 4.08 -4.66 -5.70
N ILE A 40 5.20 -5.36 -5.45
CA ILE A 40 6.39 -5.36 -6.36
C ILE A 40 6.05 -5.75 -7.84
N PRO A 41 5.28 -6.87 -8.13
CA PRO A 41 4.89 -7.21 -9.54
C PRO A 41 3.93 -6.19 -10.19
N SER A 42 3.15 -5.49 -9.35
CA SER A 42 2.12 -4.56 -9.84
C SER A 42 2.64 -3.10 -9.88
N LEU A 43 2.78 -2.50 -8.68
CA LEU A 43 3.13 -1.07 -8.52
C LEU A 43 4.65 -0.88 -8.37
N GLY A 44 5.37 -1.97 -8.08
CA GLY A 44 6.82 -1.92 -7.87
C GLY A 44 7.61 -1.75 -9.16
N ASN A 45 7.14 -2.45 -10.23
CA ASN A 45 7.66 -2.27 -11.62
C ASN A 45 7.38 -0.85 -12.14
N ILE A 46 6.35 -0.20 -11.58
CA ILE A 46 6.02 1.21 -11.88
C ILE A 46 6.97 2.15 -11.09
N LYS A 47 7.29 3.31 -11.69
CA LYS A 47 8.14 4.32 -11.06
C LYS A 47 7.35 5.04 -9.94
N LEU A 48 8.04 5.38 -8.84
CA LEU A 48 7.42 5.94 -7.61
C LEU A 48 6.51 7.16 -7.90
N ALA A 49 7.04 8.14 -8.66
CA ALA A 49 6.31 9.40 -8.97
C ALA A 49 5.21 9.18 -10.04
N LYS A 50 5.26 8.04 -10.74
CA LYS A 50 4.25 7.67 -11.77
C LYS A 50 3.03 6.96 -11.18
N LEU A 51 3.05 6.70 -9.85
CA LEU A 51 1.89 6.10 -9.14
C LEU A 51 0.69 7.07 -9.16
N THR A 52 -0.29 6.78 -10.03
CA THR A 52 -1.59 7.46 -10.06
C THR A 52 -2.66 6.60 -9.34
N SER A 53 -3.83 7.20 -9.04
CA SER A 53 -4.92 6.52 -8.29
C SER A 53 -5.57 5.40 -9.14
N LEU A 54 -5.40 5.48 -10.48
CA LEU A 54 -5.81 4.42 -11.43
C LEU A 54 -5.06 3.11 -11.09
N HIS A 55 -3.75 3.23 -10.77
CA HIS A 55 -2.88 2.09 -10.40
C HIS A 55 -3.37 1.41 -9.12
N MET A 56 -3.89 2.22 -8.21
CA MET A 56 -4.39 1.76 -6.90
C MET A 56 -5.73 1.03 -7.07
N GLN A 57 -6.55 1.53 -8.02
CA GLN A 57 -7.84 0.91 -8.39
C GLN A 57 -7.59 -0.48 -9.01
N ASN A 58 -6.63 -0.54 -9.97
CA ASN A 58 -6.21 -1.79 -10.65
C ASN A 58 -5.73 -2.82 -9.61
N TYR A 59 -4.99 -2.31 -8.61
CA TYR A 59 -4.42 -3.11 -7.53
C TYR A 59 -5.54 -3.78 -6.70
N VAL A 60 -6.51 -2.96 -6.22
CA VAL A 60 -7.64 -3.42 -5.37
C VAL A 60 -8.54 -4.42 -6.12
N ASN A 61 -8.70 -4.20 -7.44
CA ASN A 61 -9.48 -5.10 -8.31
C ASN A 61 -8.77 -6.46 -8.45
N SER A 62 -7.42 -6.43 -8.48
CA SER A 62 -6.58 -7.64 -8.53
C SER A 62 -6.64 -8.41 -7.20
N LEU A 63 -6.86 -7.70 -6.08
CA LEU A 63 -7.02 -8.31 -4.73
C LEU A 63 -8.35 -9.09 -4.67
N ARG A 64 -9.35 -8.58 -5.38
CA ARG A 64 -10.66 -9.22 -5.54
C ARG A 64 -10.52 -10.47 -6.44
N ASP A 65 -9.62 -10.39 -7.46
CA ASP A 65 -9.26 -11.55 -8.32
C ASP A 65 -8.52 -12.63 -7.50
N GLU A 66 -7.74 -12.20 -6.49
CA GLU A 66 -7.07 -13.12 -5.54
C GLU A 66 -8.06 -13.67 -4.51
N GLY A 67 -9.14 -12.92 -4.27
CA GLY A 67 -10.14 -13.27 -3.28
C GLY A 67 -9.64 -13.10 -1.85
N LEU A 68 -8.84 -12.03 -1.63
CA LEU A 68 -8.26 -11.69 -0.32
C LEU A 68 -9.34 -11.19 0.64
N LYS A 69 -9.06 -11.33 1.94
CA LYS A 69 -9.98 -10.90 3.02
C LYS A 69 -9.74 -9.44 3.42
N ARG A 70 -10.72 -8.88 4.15
CA ARG A 70 -10.70 -7.46 4.63
C ARG A 70 -9.38 -7.11 5.33
N GLY A 71 -8.84 -8.07 6.10
CA GLY A 71 -7.58 -7.90 6.80
C GLY A 71 -6.40 -7.66 5.88
N THR A 72 -6.15 -8.64 4.99
CA THR A 72 -5.00 -8.62 4.06
C THR A 72 -5.05 -7.39 3.13
N ILE A 73 -6.25 -7.12 2.56
CA ILE A 73 -6.47 -5.94 1.68
C ILE A 73 -6.17 -4.65 2.44
N GLU A 74 -6.68 -4.54 3.68
CA GLU A 74 -6.46 -3.36 4.52
C GLU A 74 -4.96 -3.16 4.79
N LYS A 75 -4.26 -4.25 5.18
CA LYS A 75 -2.83 -4.22 5.59
C LYS A 75 -1.96 -3.67 4.45
N ILE A 76 -2.13 -4.26 3.25
CA ILE A 76 -1.29 -3.94 2.08
C ILE A 76 -1.58 -2.52 1.56
N ILE A 77 -2.85 -2.08 1.67
CA ILE A 77 -3.25 -0.69 1.36
C ILE A 77 -2.60 0.28 2.36
N LYS A 78 -2.53 -0.11 3.65
CA LYS A 78 -1.91 0.71 4.73
C LYS A 78 -0.38 0.81 4.53
N VAL A 79 0.23 -0.26 4.00
CA VAL A 79 1.68 -0.30 3.69
C VAL A 79 2.01 0.67 2.54
N ILE A 80 1.18 0.61 1.47
CA ILE A 80 1.33 1.49 0.30
C ILE A 80 1.11 2.96 0.70
N ARG A 81 0.06 3.20 1.50
CA ARG A 81 -0.28 4.53 2.02
C ARG A 81 0.86 5.10 2.87
N ASN A 82 1.39 4.28 3.78
CA ASN A 82 2.48 4.68 4.71
C ASN A 82 3.76 5.02 3.92
N SER A 83 4.00 4.25 2.85
CA SER A 83 5.15 4.43 1.96
C SER A 83 5.04 5.75 1.20
N LEU A 84 3.84 6.01 0.63
CA LEU A 84 3.57 7.23 -0.15
C LEU A 84 3.53 8.48 0.75
N GLU A 85 3.08 8.33 2.01
CA GLU A 85 3.10 9.40 3.04
C GLU A 85 4.54 9.82 3.32
N HIS A 86 5.42 8.81 3.43
CA HIS A 86 6.85 9.00 3.68
C HIS A 86 7.56 9.52 2.40
N ALA A 87 6.96 9.25 1.23
CA ALA A 87 7.47 9.75 -0.06
C ALA A 87 7.14 11.26 -0.25
N ILE A 88 5.97 11.71 0.26
CA ILE A 88 5.60 13.15 0.29
C ILE A 88 6.53 13.89 1.28
N ASP A 89 6.81 13.19 2.39
CA ASP A 89 7.76 13.64 3.44
C ASP A 89 9.17 13.84 2.85
N LEU A 90 9.60 12.89 2.00
CA LEU A 90 10.90 12.94 1.30
C LEU A 90 10.82 13.72 -0.04
N GLU A 91 9.64 14.37 -0.29
CA GLU A 91 9.39 15.25 -1.48
C GLU A 91 9.50 14.51 -2.83
N LEU A 92 9.48 13.17 -2.79
CA LEU A 92 9.57 12.31 -3.98
C LEU A 92 8.25 12.33 -4.78
N ILE A 93 7.13 12.59 -4.06
CA ILE A 93 5.80 12.80 -4.68
C ILE A 93 5.11 13.98 -3.95
N THR A 94 4.08 14.54 -4.59
CA THR A 94 3.31 15.69 -4.06
C THR A 94 2.04 15.21 -3.34
N LYS A 95 1.49 14.06 -3.78
CA LYS A 95 0.17 13.58 -3.34
C LYS A 95 0.18 12.05 -3.16
N ASN A 96 -0.46 11.59 -2.06
CA ASN A 96 -0.69 10.16 -1.82
C ASN A 96 -1.96 9.74 -2.59
N VAL A 97 -1.77 8.98 -3.67
CA VAL A 97 -2.87 8.51 -4.54
C VAL A 97 -3.56 7.25 -3.96
N ALA A 98 -2.94 6.64 -2.93
CA ALA A 98 -3.52 5.50 -2.20
C ALA A 98 -4.37 6.00 -1.01
N ALA A 99 -4.28 7.33 -0.73
CA ALA A 99 -5.16 8.01 0.24
C ALA A 99 -6.59 8.15 -0.34
N LYS A 100 -6.68 8.13 -1.68
CA LYS A 100 -7.97 8.08 -2.40
C LYS A 100 -8.57 6.65 -2.38
N THR A 101 -7.73 5.69 -1.99
CA THR A 101 -8.07 4.27 -1.98
C THR A 101 -8.39 3.80 -0.56
N LYS A 102 -9.64 3.36 -0.35
CA LYS A 102 -10.15 2.85 0.93
C LYS A 102 -10.32 1.32 0.88
N LEU A 103 -10.50 0.71 2.07
CA LEU A 103 -10.90 -0.70 2.19
C LEU A 103 -12.35 -0.88 1.69
N PRO A 104 -12.60 -1.75 0.66
CA PRO A 104 -13.98 -2.07 0.22
C PRO A 104 -14.80 -2.73 1.36
N LYS A 105 -15.92 -2.09 1.74
CA LYS A 105 -16.78 -2.52 2.86
C LYS A 105 -17.39 -3.90 2.55
N ALA A 106 -17.15 -4.86 3.46
CA ALA A 106 -17.58 -6.28 3.31
C ALA A 106 -18.41 -6.70 4.55
N ASP A 107 -18.94 -5.70 5.27
CA ASP A 107 -19.60 -5.87 6.58
C ASP A 107 -21.10 -6.13 6.43
N LYS A 108 -21.71 -6.60 7.53
CA LYS A 108 -23.16 -6.65 7.68
C LYS A 108 -23.66 -5.25 8.05
N GLU A 109 -23.73 -4.38 7.04
CA GLU A 109 -24.18 -3.00 7.18
C GLU A 109 -25.69 -2.92 7.42
N GLU A 110 -26.17 -1.73 7.79
CA GLU A 110 -27.56 -1.52 8.23
C GLU A 110 -28.50 -1.24 7.04
N LEU A 111 -28.40 -2.10 6.00
CA LEU A 111 -29.24 -2.01 4.78
C LEU A 111 -30.69 -2.50 5.05
N GLU A 112 -30.92 -3.03 6.26
CA GLU A 112 -32.24 -3.51 6.73
C GLU A 112 -33.22 -2.34 7.02
N HIS A 113 -34.34 -2.66 7.72
CA HIS A 113 -35.43 -1.71 8.03
C HIS A 113 -34.94 -0.37 8.65
N HIS A 114 -35.05 0.70 7.86
CA HIS A 114 -34.95 2.10 8.31
C HIS A 114 -36.31 2.78 8.10
N HIS A 115 -37.39 1.96 8.24
CA HIS A 115 -38.76 2.32 7.85
C HIS A 115 -39.26 3.55 8.62
N HIS A 116 -39.42 4.64 7.86
CA HIS A 116 -39.99 5.91 8.34
C HIS A 116 -41.52 5.79 8.37
N HIS A 117 -42.18 6.59 9.21
CA HIS A 117 -43.65 6.52 9.38
C HIS A 117 -44.36 7.50 8.42
N HIS A 118 -43.92 7.47 7.16
CA HIS A 118 -44.45 8.31 6.07
C HIS A 118 -45.58 7.52 5.36
N MET A 1 12.03 18.45 -14.46
CA MET A 1 10.93 18.59 -13.48
C MET A 1 10.26 17.23 -13.24
N GLU A 2 10.15 16.84 -11.95
CA GLU A 2 9.53 15.58 -11.49
C GLU A 2 10.06 14.35 -12.25
N PRO A 3 11.39 14.03 -12.12
CA PRO A 3 12.00 12.90 -12.84
C PRO A 3 11.62 11.56 -12.17
N SER A 4 11.10 10.62 -12.96
CA SER A 4 10.76 9.28 -12.49
C SER A 4 12.04 8.41 -12.46
N LYS A 5 12.91 8.71 -11.49
CA LYS A 5 14.22 8.06 -11.33
C LYS A 5 14.06 6.79 -10.50
N LEU A 6 13.52 6.96 -9.29
CA LEU A 6 13.40 5.90 -8.28
C LEU A 6 12.25 4.94 -8.63
N SER A 7 12.59 3.65 -8.83
CA SER A 7 11.61 2.57 -8.96
C SER A 7 10.87 2.39 -7.62
N TYR A 8 9.54 2.21 -7.68
CA TYR A 8 8.72 2.05 -6.46
C TYR A 8 9.10 0.75 -5.72
N GLY A 9 9.42 -0.31 -6.49
CA GLY A 9 9.84 -1.60 -5.91
C GLY A 9 11.15 -1.49 -5.12
N GLU A 10 12.08 -0.68 -5.64
CA GLU A 10 13.35 -0.38 -4.95
C GLU A 10 13.11 0.53 -3.74
N TYR A 11 12.15 1.46 -3.89
CA TYR A 11 11.76 2.40 -2.83
C TYR A 11 11.16 1.65 -1.62
N LEU A 12 10.40 0.59 -1.91
CA LEU A 12 9.73 -0.23 -0.89
C LEU A 12 10.74 -0.96 0.00
N GLU A 13 11.90 -1.30 -0.57
CA GLU A 13 13.02 -1.92 0.15
C GLU A 13 13.70 -0.90 1.10
N SER A 14 13.88 0.34 0.59
CA SER A 14 14.51 1.44 1.35
C SER A 14 13.61 1.88 2.52
N TRP A 15 12.30 2.01 2.21
CA TRP A 15 11.26 2.34 3.20
C TRP A 15 11.21 1.26 4.27
N PHE A 16 11.18 -0.01 3.82
CA PHE A 16 11.14 -1.20 4.68
C PHE A 16 12.30 -1.22 5.69
N ASN A 17 13.52 -0.99 5.19
CA ASN A 17 14.75 -0.99 6.02
C ASN A 17 14.73 0.16 7.05
N THR A 18 14.17 1.30 6.66
CA THR A 18 13.90 2.44 7.56
C THR A 18 12.76 2.11 8.55
N LYS A 19 11.79 1.31 8.08
CA LYS A 19 10.54 1.01 8.80
C LYS A 19 10.81 -0.08 9.87
N ARG A 20 11.91 -0.83 9.69
CA ARG A 20 12.40 -1.81 10.68
C ARG A 20 12.79 -1.12 12.01
N HIS A 21 13.18 0.16 11.94
CA HIS A 21 13.44 0.99 13.14
C HIS A 21 12.12 1.38 13.84
N SER A 22 11.02 1.41 13.05
CA SER A 22 9.67 1.77 13.51
C SER A 22 8.92 0.58 14.12
N VAL A 23 8.99 -0.59 13.44
CA VAL A 23 8.23 -1.81 13.80
C VAL A 23 9.20 -2.94 14.17
N GLY A 24 8.68 -3.95 14.89
CA GLY A 24 9.47 -5.15 15.19
C GLY A 24 9.80 -5.96 13.95
N ILE A 25 10.86 -6.79 14.02
CA ILE A 25 11.30 -7.66 12.89
C ILE A 25 10.20 -8.67 12.50
N GLN A 26 9.44 -9.14 13.51
CA GLN A 26 8.29 -10.05 13.31
C GLN A 26 7.16 -9.36 12.50
N THR A 27 7.03 -8.04 12.68
CA THR A 27 6.02 -7.21 12.00
C THR A 27 6.52 -6.81 10.60
N ALA A 28 7.85 -6.57 10.52
CA ALA A 28 8.54 -6.10 9.30
C ALA A 28 8.46 -7.16 8.18
N LYS A 29 8.67 -8.42 8.59
CA LYS A 29 8.57 -9.60 7.71
C LYS A 29 7.17 -9.69 7.07
N VAL A 30 6.14 -9.28 7.83
CA VAL A 30 4.73 -9.27 7.38
C VAL A 30 4.52 -8.15 6.34
N LEU A 31 5.10 -6.96 6.61
CA LEU A 31 4.98 -5.77 5.74
C LEU A 31 5.58 -6.04 4.36
N LYS A 32 6.83 -6.54 4.34
CA LYS A 32 7.56 -6.83 3.08
C LYS A 32 7.04 -8.13 2.43
N GLY A 33 6.50 -9.03 3.27
CA GLY A 33 5.80 -10.23 2.78
C GLY A 33 4.62 -9.86 1.89
N TYR A 34 3.96 -8.75 2.23
CA TYR A 34 2.87 -8.16 1.43
C TYR A 34 3.44 -7.43 0.20
N LEU A 35 4.58 -6.73 0.38
CA LEU A 35 5.20 -5.93 -0.69
C LEU A 35 5.60 -6.82 -1.87
N ASN A 36 6.56 -7.73 -1.65
CA ASN A 36 7.20 -8.54 -2.71
C ASN A 36 6.21 -9.51 -3.38
N SER A 37 5.20 -9.98 -2.63
CA SER A 37 4.21 -10.94 -3.14
C SER A 37 3.06 -10.25 -3.90
N ARG A 38 2.55 -9.13 -3.34
CA ARG A 38 1.38 -8.41 -3.88
C ARG A 38 1.77 -7.20 -4.75
N ILE A 39 2.48 -6.22 -4.14
CA ILE A 39 2.73 -4.91 -4.77
C ILE A 39 3.79 -4.98 -5.89
N ILE A 40 4.91 -5.71 -5.68
CA ILE A 40 6.03 -5.76 -6.66
C ILE A 40 5.59 -6.32 -8.04
N PRO A 41 4.79 -7.45 -8.15
CA PRO A 41 4.19 -7.91 -9.44
C PRO A 41 3.43 -6.80 -10.23
N SER A 42 2.88 -5.80 -9.50
CA SER A 42 2.08 -4.71 -10.11
C SER A 42 2.93 -3.41 -10.24
N LEU A 43 3.18 -2.74 -9.09
CA LEU A 43 3.79 -1.40 -9.01
C LEU A 43 5.32 -1.44 -8.84
N GLY A 44 5.88 -2.65 -8.67
CA GLY A 44 7.32 -2.83 -8.38
C GLY A 44 8.26 -2.25 -9.45
N ASN A 45 8.01 -2.62 -10.71
CA ASN A 45 8.83 -2.15 -11.85
C ASN A 45 8.31 -0.80 -12.38
N ILE A 46 7.16 -0.34 -11.85
CA ILE A 46 6.61 1.01 -12.12
C ILE A 46 7.34 2.03 -11.23
N LYS A 47 7.60 3.23 -11.78
CA LYS A 47 8.38 4.27 -11.12
C LYS A 47 7.50 5.03 -10.10
N LEU A 48 8.12 5.47 -9.00
CA LEU A 48 7.45 6.13 -7.85
C LEU A 48 6.60 7.37 -8.27
N ALA A 49 7.18 8.23 -9.11
CA ALA A 49 6.52 9.45 -9.63
C ALA A 49 5.38 9.10 -10.62
N LYS A 50 5.45 7.89 -11.20
CA LYS A 50 4.45 7.41 -12.19
C LYS A 50 3.24 6.72 -11.52
N LEU A 51 3.29 6.55 -10.19
CA LEU A 51 2.14 6.01 -9.42
C LEU A 51 0.96 7.00 -9.44
N THR A 52 0.11 6.88 -10.48
CA THR A 52 -1.14 7.63 -10.59
C THR A 52 -2.28 6.82 -9.92
N SER A 53 -3.44 7.48 -9.74
CA SER A 53 -4.58 6.94 -8.97
C SER A 53 -5.24 5.74 -9.67
N LEU A 54 -5.14 5.71 -11.01
CA LEU A 54 -5.67 4.63 -11.86
C LEU A 54 -5.06 3.26 -11.47
N HIS A 55 -3.75 3.28 -11.11
CA HIS A 55 -3.02 2.09 -10.63
C HIS A 55 -3.70 1.49 -9.39
N MET A 56 -4.02 2.36 -8.43
CA MET A 56 -4.54 1.95 -7.11
C MET A 56 -5.95 1.35 -7.21
N GLN A 57 -6.79 1.92 -8.10
CA GLN A 57 -8.14 1.39 -8.36
C GLN A 57 -8.06 -0.01 -8.97
N ASN A 58 -7.28 -0.13 -10.06
CA ASN A 58 -7.11 -1.40 -10.81
C ASN A 58 -6.43 -2.46 -9.95
N TYR A 59 -5.59 -2.01 -9.00
CA TYR A 59 -4.89 -2.88 -8.05
C TYR A 59 -5.92 -3.52 -7.09
N VAL A 60 -6.81 -2.68 -6.52
CA VAL A 60 -7.87 -3.14 -5.59
C VAL A 60 -8.89 -4.07 -6.29
N ASN A 61 -9.13 -3.81 -7.58
CA ASN A 61 -9.99 -4.66 -8.43
C ASN A 61 -9.39 -6.06 -8.57
N SER A 62 -8.05 -6.10 -8.73
CA SER A 62 -7.29 -7.35 -8.81
C SER A 62 -7.40 -8.13 -7.48
N LEU A 63 -7.27 -7.42 -6.34
CA LEU A 63 -7.28 -8.01 -4.98
C LEU A 63 -8.58 -8.79 -4.69
N ARG A 64 -9.71 -8.27 -5.18
CA ARG A 64 -11.02 -8.88 -5.00
C ARG A 64 -11.12 -10.17 -5.85
N ASP A 65 -10.61 -10.09 -7.10
CA ASP A 65 -10.55 -11.23 -8.04
C ASP A 65 -9.45 -12.25 -7.64
N GLU A 66 -8.51 -11.82 -6.77
CA GLU A 66 -7.49 -12.71 -6.14
C GLU A 66 -8.15 -13.55 -5.02
N GLY A 67 -9.35 -13.11 -4.58
CA GLY A 67 -10.09 -13.78 -3.51
C GLY A 67 -9.57 -13.47 -2.12
N LEU A 68 -8.76 -12.40 -2.01
CA LEU A 68 -8.18 -11.96 -0.73
C LEU A 68 -9.29 -11.44 0.21
N LYS A 69 -9.16 -11.77 1.51
CA LYS A 69 -10.12 -11.36 2.55
C LYS A 69 -9.95 -9.88 2.88
N ARG A 70 -10.99 -9.28 3.52
CA ARG A 70 -10.98 -7.84 3.88
C ARG A 70 -9.76 -7.49 4.76
N GLY A 71 -9.35 -8.45 5.61
CA GLY A 71 -8.18 -8.31 6.47
C GLY A 71 -6.89 -8.15 5.67
N THR A 72 -6.67 -9.06 4.70
CA THR A 72 -5.48 -9.04 3.82
C THR A 72 -5.42 -7.73 3.03
N ILE A 73 -6.55 -7.37 2.40
CA ILE A 73 -6.66 -6.18 1.55
C ILE A 73 -6.40 -4.91 2.38
N GLU A 74 -6.99 -4.83 3.59
CA GLU A 74 -6.83 -3.67 4.48
C GLU A 74 -5.38 -3.51 4.94
N LYS A 75 -4.74 -4.63 5.34
CA LYS A 75 -3.38 -4.63 5.89
C LYS A 75 -2.35 -4.23 4.82
N ILE A 76 -2.56 -4.70 3.57
CA ILE A 76 -1.64 -4.36 2.47
C ILE A 76 -1.85 -2.89 2.08
N ILE A 77 -3.10 -2.38 2.19
CA ILE A 77 -3.43 -0.94 1.98
C ILE A 77 -2.68 -0.08 3.02
N LYS A 78 -2.59 -0.57 4.28
CA LYS A 78 -1.83 0.10 5.36
C LYS A 78 -0.36 0.26 4.97
N VAL A 79 0.21 -0.80 4.39
CA VAL A 79 1.63 -0.85 3.98
C VAL A 79 1.89 0.11 2.79
N ILE A 80 1.02 0.04 1.75
CA ILE A 80 1.13 0.88 0.52
C ILE A 80 1.00 2.37 0.86
N ARG A 81 -0.03 2.70 1.68
CA ARG A 81 -0.24 4.07 2.17
C ARG A 81 1.01 4.58 2.87
N ASN A 82 1.47 3.82 3.88
CA ASN A 82 2.55 4.24 4.80
C ASN A 82 3.88 4.49 4.04
N SER A 83 4.08 3.70 2.96
CA SER A 83 5.21 3.88 2.03
C SER A 83 5.15 5.25 1.33
N LEU A 84 3.96 5.61 0.83
CA LEU A 84 3.75 6.86 0.07
C LEU A 84 3.56 8.09 0.99
N GLU A 85 3.11 7.88 2.24
CA GLU A 85 3.02 8.94 3.26
C GLU A 85 4.45 9.38 3.65
N HIS A 86 5.33 8.38 3.71
CA HIS A 86 6.79 8.54 3.89
C HIS A 86 7.40 9.32 2.71
N ALA A 87 6.86 9.08 1.50
CA ALA A 87 7.33 9.73 0.27
C ALA A 87 6.91 11.21 0.20
N ILE A 88 5.76 11.54 0.81
CA ILE A 88 5.30 12.94 0.94
C ILE A 88 6.27 13.75 1.82
N ASP A 89 6.69 13.14 2.95
CA ASP A 89 7.62 13.76 3.91
C ASP A 89 8.98 14.06 3.24
N LEU A 90 9.45 13.10 2.43
CA LEU A 90 10.73 13.21 1.71
C LEU A 90 10.57 13.94 0.36
N GLU A 91 9.33 14.43 0.09
CA GLU A 91 8.98 15.26 -1.10
C GLU A 91 9.16 14.50 -2.45
N LEU A 92 9.17 13.17 -2.36
CA LEU A 92 9.29 12.26 -3.53
C LEU A 92 8.01 12.27 -4.37
N ILE A 93 6.87 12.55 -3.72
CA ILE A 93 5.55 12.73 -4.38
C ILE A 93 4.85 13.95 -3.76
N THR A 94 3.98 14.61 -4.56
CA THR A 94 3.19 15.76 -4.11
C THR A 94 1.86 15.30 -3.46
N LYS A 95 1.31 14.19 -3.99
CA LYS A 95 0.00 13.67 -3.56
C LYS A 95 0.04 12.14 -3.52
N ASN A 96 -0.33 11.58 -2.36
CA ASN A 96 -0.42 10.13 -2.17
C ASN A 96 -1.74 9.62 -2.78
N VAL A 97 -1.60 8.86 -3.88
CA VAL A 97 -2.73 8.24 -4.60
C VAL A 97 -3.33 7.06 -3.81
N ALA A 98 -2.57 6.57 -2.81
CA ALA A 98 -2.99 5.46 -1.93
C ALA A 98 -3.72 5.98 -0.69
N ALA A 99 -3.61 7.30 -0.40
CA ALA A 99 -4.26 7.93 0.78
C ALA A 99 -5.80 7.80 0.68
N LYS A 100 -6.32 8.02 -0.54
CA LYS A 100 -7.76 7.86 -0.84
C LYS A 100 -8.13 6.39 -1.08
N THR A 101 -7.11 5.54 -1.29
CA THR A 101 -7.28 4.10 -1.55
C THR A 101 -7.54 3.39 -0.21
N LYS A 102 -8.82 3.08 0.02
CA LYS A 102 -9.30 2.47 1.27
C LYS A 102 -9.67 0.99 1.05
N LEU A 103 -9.93 0.28 2.15
CA LEU A 103 -10.52 -1.06 2.11
C LEU A 103 -11.94 -0.97 1.48
N PRO A 104 -12.20 -1.71 0.34
CA PRO A 104 -13.57 -1.80 -0.24
C PRO A 104 -14.56 -2.42 0.77
N LYS A 105 -15.72 -1.75 0.97
CA LYS A 105 -16.77 -2.22 1.86
C LYS A 105 -17.33 -3.57 1.35
N ALA A 106 -17.05 -4.63 2.12
CA ALA A 106 -17.58 -5.98 1.88
C ALA A 106 -19.06 -6.02 2.33
N ASP A 107 -19.63 -7.24 2.49
CA ASP A 107 -20.99 -7.40 3.03
C ASP A 107 -20.99 -7.07 4.53
N LYS A 108 -21.16 -5.78 4.85
CA LYS A 108 -21.17 -5.28 6.24
C LYS A 108 -22.58 -5.42 6.83
N GLU A 109 -23.04 -6.66 6.87
CA GLU A 109 -24.25 -7.05 7.58
C GLU A 109 -23.84 -7.41 9.00
N GLU A 110 -23.80 -6.38 9.87
CA GLU A 110 -23.43 -6.52 11.29
C GLU A 110 -24.70 -6.77 12.15
N LEU A 111 -25.71 -7.38 11.52
CA LEU A 111 -27.02 -7.69 12.13
C LEU A 111 -26.95 -8.95 13.03
N GLU A 112 -25.72 -9.39 13.37
CA GLU A 112 -25.46 -10.45 14.32
C GLU A 112 -24.83 -9.77 15.53
N HIS A 113 -25.63 -9.56 16.58
CA HIS A 113 -25.19 -9.00 17.85
C HIS A 113 -25.85 -9.80 18.97
N HIS A 114 -25.10 -10.77 19.53
CA HIS A 114 -25.54 -11.64 20.63
C HIS A 114 -25.42 -10.91 21.99
N HIS A 115 -26.11 -9.76 22.08
CA HIS A 115 -26.12 -8.88 23.25
C HIS A 115 -27.48 -8.17 23.34
N HIS A 116 -28.34 -8.61 24.29
CA HIS A 116 -29.56 -7.86 24.67
C HIS A 116 -29.18 -6.60 25.48
N HIS A 117 -27.96 -6.62 26.03
CA HIS A 117 -27.32 -5.48 26.69
C HIS A 117 -25.90 -5.33 26.11
N HIS A 118 -25.56 -4.11 25.65
CA HIS A 118 -24.25 -3.79 25.03
C HIS A 118 -23.11 -3.91 26.08
N MET A 1 13.43 16.76 -1.03
CA MET A 1 14.87 16.40 -1.07
C MET A 1 15.31 16.14 -2.51
N GLU A 2 14.59 15.22 -3.18
CA GLU A 2 14.94 14.73 -4.54
C GLU A 2 13.63 14.31 -5.26
N PRO A 3 13.52 14.52 -6.63
CA PRO A 3 12.39 13.96 -7.44
C PRO A 3 12.35 12.42 -7.38
N SER A 4 11.19 11.83 -7.72
CA SER A 4 10.98 10.36 -7.69
C SER A 4 11.61 9.68 -8.92
N LYS A 5 12.95 9.71 -8.95
CA LYS A 5 13.76 8.95 -9.92
C LYS A 5 13.74 7.45 -9.55
N LEU A 6 13.56 7.22 -8.25
CA LEU A 6 13.54 5.89 -7.66
C LEU A 6 12.21 5.18 -8.02
N SER A 7 12.33 3.95 -8.55
CA SER A 7 11.19 3.08 -8.82
C SER A 7 10.60 2.56 -7.49
N TYR A 8 9.28 2.32 -7.45
CA TYR A 8 8.55 2.06 -6.21
C TYR A 8 9.03 0.75 -5.51
N GLY A 9 9.45 -0.25 -6.31
CA GLY A 9 9.95 -1.52 -5.77
C GLY A 9 11.27 -1.38 -5.01
N GLU A 10 12.19 -0.59 -5.59
CA GLU A 10 13.51 -0.30 -4.97
C GLU A 10 13.35 0.66 -3.80
N TYR A 11 12.28 1.49 -3.86
CA TYR A 11 11.90 2.40 -2.79
C TYR A 11 11.44 1.62 -1.56
N LEU A 12 10.66 0.55 -1.78
CA LEU A 12 10.16 -0.34 -0.71
C LEU A 12 11.30 -1.07 0.01
N GLU A 13 12.40 -1.33 -0.72
CA GLU A 13 13.62 -1.95 -0.14
C GLU A 13 14.30 -1.00 0.87
N SER A 14 14.37 0.28 0.51
CA SER A 14 15.01 1.32 1.33
C SER A 14 14.10 1.69 2.53
N TRP A 15 12.81 1.85 2.22
CA TRP A 15 11.76 2.24 3.17
C TRP A 15 11.56 1.15 4.24
N PHE A 16 11.58 -0.13 3.82
CA PHE A 16 11.38 -1.29 4.72
C PHE A 16 12.45 -1.34 5.82
N ASN A 17 13.72 -1.12 5.42
CA ASN A 17 14.87 -1.12 6.34
C ASN A 17 14.70 -0.05 7.44
N THR A 18 14.20 1.11 7.02
CA THR A 18 13.85 2.22 7.92
C THR A 18 12.56 1.91 8.74
N LYS A 19 11.65 1.13 8.13
CA LYS A 19 10.31 0.84 8.69
C LYS A 19 10.41 -0.11 9.90
N ARG A 20 11.48 -0.93 9.94
CA ARG A 20 11.75 -1.85 11.08
C ARG A 20 12.01 -1.09 12.41
N HIS A 21 12.27 0.23 12.32
CA HIS A 21 12.34 1.13 13.51
C HIS A 21 10.94 1.38 14.10
N SER A 22 9.90 1.32 13.25
CA SER A 22 8.51 1.55 13.65
C SER A 22 7.83 0.22 14.04
N VAL A 23 8.00 -0.81 13.19
CA VAL A 23 7.39 -2.14 13.37
C VAL A 23 8.46 -3.17 13.78
N GLY A 24 8.08 -4.10 14.67
CA GLY A 24 8.96 -5.21 15.06
C GLY A 24 9.20 -6.18 13.91
N ILE A 25 10.26 -6.99 14.02
CA ILE A 25 10.71 -7.93 12.97
C ILE A 25 9.61 -8.97 12.62
N GLN A 26 8.86 -9.40 13.64
CA GLN A 26 7.74 -10.37 13.49
C GLN A 26 6.58 -9.79 12.65
N THR A 27 6.43 -8.45 12.70
CA THR A 27 5.42 -7.73 11.90
C THR A 27 6.01 -7.35 10.52
N ALA A 28 7.32 -7.03 10.53
CA ALA A 28 8.04 -6.49 9.37
C ALA A 28 8.16 -7.56 8.26
N LYS A 29 8.48 -8.80 8.68
CA LYS A 29 8.60 -9.98 7.79
C LYS A 29 7.27 -10.20 7.04
N VAL A 30 6.15 -9.91 7.72
CA VAL A 30 4.78 -10.04 7.17
C VAL A 30 4.52 -8.93 6.13
N LEU A 31 4.91 -7.69 6.47
CA LEU A 31 4.73 -6.51 5.60
C LEU A 31 5.52 -6.67 4.28
N LYS A 32 6.76 -7.16 4.39
CA LYS A 32 7.65 -7.42 3.24
C LYS A 32 7.15 -8.63 2.43
N GLY A 33 6.53 -9.59 3.15
CA GLY A 33 5.89 -10.75 2.53
C GLY A 33 4.68 -10.37 1.68
N TYR A 34 4.03 -9.25 2.07
CA TYR A 34 2.95 -8.62 1.32
C TYR A 34 3.51 -7.79 0.16
N LEU A 35 4.64 -7.09 0.40
CA LEU A 35 5.27 -6.21 -0.59
C LEU A 35 5.66 -7.00 -1.84
N ASN A 36 6.50 -8.02 -1.65
CA ASN A 36 7.10 -8.80 -2.74
C ASN A 36 6.05 -9.67 -3.48
N SER A 37 5.02 -10.11 -2.75
CA SER A 37 3.95 -10.96 -3.32
C SER A 37 2.96 -10.13 -4.16
N ARG A 38 2.45 -9.03 -3.56
CA ARG A 38 1.40 -8.19 -4.17
C ARG A 38 1.93 -6.95 -4.88
N ILE A 39 2.65 -6.08 -4.13
CA ILE A 39 2.99 -4.73 -4.60
C ILE A 39 4.08 -4.77 -5.69
N ILE A 40 5.17 -5.54 -5.52
CA ILE A 40 6.31 -5.59 -6.49
C ILE A 40 5.82 -5.98 -7.93
N PRO A 41 5.02 -7.11 -8.14
CA PRO A 41 4.44 -7.44 -9.47
C PRO A 41 3.48 -6.36 -10.04
N SER A 42 2.83 -5.59 -9.15
CA SER A 42 1.80 -4.61 -9.55
C SER A 42 2.42 -3.18 -9.70
N LEU A 43 2.73 -2.55 -8.55
CA LEU A 43 3.16 -1.14 -8.45
C LEU A 43 4.70 -1.00 -8.35
N GLY A 44 5.40 -2.09 -8.03
CA GLY A 44 6.84 -2.07 -7.75
C GLY A 44 7.69 -1.88 -8.99
N ASN A 45 7.32 -2.61 -10.06
CA ASN A 45 7.91 -2.44 -11.40
C ASN A 45 7.61 -1.03 -11.98
N ILE A 46 6.49 -0.44 -11.53
CA ILE A 46 6.10 0.92 -11.90
C ILE A 46 6.97 1.96 -11.13
N LYS A 47 7.24 3.09 -11.79
CA LYS A 47 7.95 4.22 -11.20
C LYS A 47 7.04 4.94 -10.19
N LEU A 48 7.65 5.45 -9.10
CA LEU A 48 6.92 6.08 -7.97
C LEU A 48 6.11 7.32 -8.41
N ALA A 49 6.65 8.09 -9.38
CA ALA A 49 5.95 9.27 -9.98
C ALA A 49 4.66 8.86 -10.72
N LYS A 50 4.69 7.67 -11.33
CA LYS A 50 3.60 7.17 -12.18
C LYS A 50 2.42 6.63 -11.36
N LEU A 51 2.62 6.40 -10.04
CA LEU A 51 1.55 5.93 -9.13
C LEU A 51 0.44 7.00 -9.02
N THR A 52 -0.62 6.83 -9.81
CA THR A 52 -1.84 7.66 -9.77
C THR A 52 -3.00 6.86 -9.10
N SER A 53 -4.15 7.52 -8.93
CA SER A 53 -5.36 6.92 -8.31
C SER A 53 -5.92 5.75 -9.14
N LEU A 54 -5.60 5.74 -10.45
CA LEU A 54 -5.96 4.65 -11.37
C LEU A 54 -5.12 3.39 -11.07
N HIS A 55 -3.83 3.59 -10.70
CA HIS A 55 -2.94 2.47 -10.29
C HIS A 55 -3.42 1.83 -8.98
N MET A 56 -4.07 2.64 -8.15
CA MET A 56 -4.70 2.20 -6.91
C MET A 56 -5.96 1.38 -7.22
N GLN A 57 -6.76 1.88 -8.18
CA GLN A 57 -8.04 1.25 -8.59
C GLN A 57 -7.77 -0.16 -9.18
N ASN A 58 -6.82 -0.21 -10.13
CA ASN A 58 -6.40 -1.47 -10.81
C ASN A 58 -5.85 -2.48 -9.79
N TYR A 59 -5.17 -1.95 -8.76
CA TYR A 59 -4.60 -2.76 -7.67
C TYR A 59 -5.74 -3.43 -6.86
N VAL A 60 -6.74 -2.63 -6.46
CA VAL A 60 -7.89 -3.11 -5.63
C VAL A 60 -8.74 -4.14 -6.40
N ASN A 61 -8.89 -3.91 -7.72
CA ASN A 61 -9.63 -4.81 -8.62
C ASN A 61 -8.96 -6.18 -8.68
N SER A 62 -7.61 -6.19 -8.74
CA SER A 62 -6.81 -7.42 -8.81
C SER A 62 -6.84 -8.18 -7.46
N LEU A 63 -6.88 -7.44 -6.32
CA LEU A 63 -6.93 -8.04 -4.95
C LEU A 63 -8.20 -8.89 -4.77
N ARG A 64 -9.30 -8.35 -5.31
CA ARG A 64 -10.62 -8.99 -5.31
C ARG A 64 -10.60 -10.28 -6.17
N ASP A 65 -9.85 -10.22 -7.28
CA ASP A 65 -9.70 -11.35 -8.21
C ASP A 65 -8.72 -12.41 -7.65
N GLU A 66 -7.78 -11.96 -6.79
CA GLU A 66 -6.83 -12.85 -6.07
C GLU A 66 -7.55 -13.59 -4.93
N GLY A 67 -8.69 -13.03 -4.48
CA GLY A 67 -9.48 -13.61 -3.40
C GLY A 67 -8.84 -13.47 -2.03
N LEU A 68 -8.15 -12.33 -1.83
CA LEU A 68 -7.55 -11.97 -0.53
C LEU A 68 -8.66 -11.61 0.46
N LYS A 69 -8.46 -11.93 1.76
CA LYS A 69 -9.43 -11.61 2.82
C LYS A 69 -9.43 -10.10 3.11
N ARG A 70 -10.55 -9.58 3.64
CA ARG A 70 -10.76 -8.12 3.87
C ARG A 70 -9.60 -7.51 4.69
N GLY A 71 -9.06 -8.30 5.65
CA GLY A 71 -7.92 -7.91 6.45
C GLY A 71 -6.66 -7.69 5.63
N THR A 72 -6.31 -8.70 4.81
CA THR A 72 -5.12 -8.67 3.93
C THR A 72 -5.20 -7.49 2.93
N ILE A 73 -6.38 -7.33 2.28
CA ILE A 73 -6.66 -6.23 1.33
C ILE A 73 -6.39 -4.87 2.00
N GLU A 74 -6.97 -4.68 3.20
CA GLU A 74 -6.85 -3.41 3.93
C GLU A 74 -5.39 -3.12 4.35
N LYS A 75 -4.70 -4.16 4.88
CA LYS A 75 -3.35 -4.02 5.45
C LYS A 75 -2.32 -3.65 4.38
N ILE A 76 -2.38 -4.33 3.23
CA ILE A 76 -1.41 -4.12 2.13
C ILE A 76 -1.59 -2.71 1.54
N ILE A 77 -2.84 -2.21 1.54
CA ILE A 77 -3.16 -0.81 1.20
C ILE A 77 -2.48 0.14 2.21
N LYS A 78 -2.60 -0.19 3.53
CA LYS A 78 -2.00 0.62 4.63
C LYS A 78 -0.48 0.74 4.49
N VAL A 79 0.16 -0.34 4.02
CA VAL A 79 1.62 -0.41 3.81
C VAL A 79 2.03 0.55 2.67
N ILE A 80 1.22 0.56 1.59
CA ILE A 80 1.41 1.48 0.44
C ILE A 80 1.20 2.94 0.88
N ARG A 81 0.18 3.16 1.75
CA ARG A 81 -0.17 4.49 2.28
C ARG A 81 1.01 5.09 3.06
N ASN A 82 1.58 4.29 3.98
CA ASN A 82 2.68 4.74 4.86
C ASN A 82 3.98 4.95 4.04
N SER A 83 4.15 4.13 2.99
CA SER A 83 5.27 4.25 2.06
C SER A 83 5.19 5.58 1.28
N LEU A 84 3.99 5.89 0.75
CA LEU A 84 3.73 7.14 -0.01
C LEU A 84 3.81 8.38 0.90
N GLU A 85 3.50 8.21 2.20
CA GLU A 85 3.66 9.28 3.20
C GLU A 85 5.14 9.70 3.33
N HIS A 86 6.00 8.68 3.41
CA HIS A 86 7.47 8.87 3.51
C HIS A 86 8.01 9.48 2.20
N ALA A 87 7.35 9.14 1.08
CA ALA A 87 7.70 9.65 -0.26
C ALA A 87 7.35 11.15 -0.41
N ILE A 88 6.19 11.57 0.14
CA ILE A 88 5.77 12.99 0.16
C ILE A 88 6.77 13.82 1.01
N ASP A 89 7.20 13.22 2.13
CA ASP A 89 8.17 13.83 3.07
C ASP A 89 9.52 14.05 2.40
N LEU A 90 9.94 13.09 1.56
CA LEU A 90 11.20 13.17 0.79
C LEU A 90 11.04 14.02 -0.49
N GLU A 91 9.81 14.51 -0.76
CA GLU A 91 9.45 15.32 -1.95
C GLU A 91 9.63 14.51 -3.26
N LEU A 92 9.53 13.17 -3.14
CA LEU A 92 9.50 12.26 -4.29
C LEU A 92 8.17 12.47 -5.05
N ILE A 93 7.06 12.48 -4.28
CA ILE A 93 5.70 12.72 -4.83
C ILE A 93 5.05 13.86 -4.04
N THR A 94 4.00 14.47 -4.61
CA THR A 94 3.28 15.60 -4.00
C THR A 94 2.05 15.13 -3.21
N LYS A 95 1.50 13.93 -3.56
CA LYS A 95 0.22 13.45 -3.02
C LYS A 95 0.22 11.92 -2.86
N ASN A 96 -0.26 11.46 -1.69
CA ASN A 96 -0.46 10.04 -1.39
C ASN A 96 -1.73 9.56 -2.11
N VAL A 97 -1.57 8.93 -3.26
CA VAL A 97 -2.70 8.44 -4.07
C VAL A 97 -3.39 7.23 -3.40
N ALA A 98 -2.68 6.58 -2.43
CA ALA A 98 -3.20 5.40 -1.70
C ALA A 98 -4.04 5.84 -0.50
N ALA A 99 -3.94 7.12 -0.12
CA ALA A 99 -4.77 7.73 0.95
C ALA A 99 -6.25 7.78 0.52
N LYS A 100 -6.47 7.86 -0.81
CA LYS A 100 -7.81 7.81 -1.43
C LYS A 100 -8.33 6.35 -1.53
N THR A 101 -7.44 5.39 -1.25
CA THR A 101 -7.76 3.96 -1.32
C THR A 101 -8.16 3.45 0.07
N LYS A 102 -9.46 3.23 0.28
CA LYS A 102 -10.00 2.60 1.49
C LYS A 102 -10.41 1.15 1.18
N LEU A 103 -10.62 0.37 2.25
CA LEU A 103 -11.13 -1.01 2.15
C LEU A 103 -12.57 -0.98 1.60
N PRO A 104 -12.87 -1.71 0.46
CA PRO A 104 -14.25 -1.89 -0.06
C PRO A 104 -15.20 -2.55 0.97
N LYS A 105 -16.49 -2.69 0.60
CA LYS A 105 -17.49 -3.37 1.43
C LYS A 105 -17.29 -4.92 1.39
N ALA A 106 -16.23 -5.35 2.06
CA ALA A 106 -15.83 -6.76 2.19
C ALA A 106 -15.98 -7.22 3.65
N ASP A 107 -16.58 -6.35 4.48
CA ASP A 107 -16.78 -6.55 5.92
C ASP A 107 -18.29 -6.54 6.23
N LYS A 108 -18.71 -7.35 7.21
CA LYS A 108 -20.11 -7.36 7.68
C LYS A 108 -20.16 -6.76 9.09
N GLU A 109 -21.00 -5.72 9.25
CA GLU A 109 -21.13 -4.99 10.52
C GLU A 109 -22.27 -5.58 11.37
N GLU A 110 -22.12 -5.51 12.71
CA GLU A 110 -23.11 -6.06 13.68
C GLU A 110 -23.48 -4.97 14.73
N LEU A 111 -23.70 -3.74 14.25
CA LEU A 111 -24.18 -2.61 15.10
C LEU A 111 -25.72 -2.57 15.07
N GLU A 112 -26.29 -3.13 14.00
CA GLU A 112 -27.70 -3.04 13.65
C GLU A 112 -28.52 -3.87 14.64
N HIS A 113 -29.09 -3.20 15.65
CA HIS A 113 -29.79 -3.86 16.77
C HIS A 113 -30.92 -2.92 17.26
N HIS A 114 -31.80 -3.44 18.16
CA HIS A 114 -32.97 -2.67 18.69
C HIS A 114 -32.54 -1.33 19.34
N HIS A 115 -31.33 -1.31 19.92
CA HIS A 115 -30.66 -0.08 20.40
C HIS A 115 -29.28 0.03 19.73
N HIS A 116 -28.66 1.21 19.86
CA HIS A 116 -27.33 1.53 19.28
C HIS A 116 -26.44 2.26 20.29
N HIS A 117 -25.13 2.27 19.98
CA HIS A 117 -24.10 2.98 20.77
C HIS A 117 -23.55 4.18 19.97
N HIS A 118 -22.84 5.07 20.68
CA HIS A 118 -22.21 6.26 20.10
C HIS A 118 -21.03 6.67 21.00
N MET A 1 23.80 18.09 -10.55
CA MET A 1 23.31 16.98 -11.38
C MET A 1 23.10 15.72 -10.50
N GLU A 2 21.85 15.20 -10.48
CA GLU A 2 21.49 13.93 -9.83
C GLU A 2 20.04 13.56 -10.23
N PRO A 3 19.83 12.63 -11.22
CA PRO A 3 18.49 12.22 -11.67
C PRO A 3 17.86 11.23 -10.67
N SER A 4 16.65 11.55 -10.18
CA SER A 4 15.95 10.69 -9.21
C SER A 4 15.56 9.37 -9.89
N LYS A 5 14.52 9.43 -10.76
CA LYS A 5 14.06 8.29 -11.60
C LYS A 5 13.72 7.05 -10.75
N LEU A 6 13.35 7.29 -9.47
CA LEU A 6 13.15 6.24 -8.47
C LEU A 6 11.89 5.41 -8.77
N SER A 7 12.07 4.09 -8.89
CA SER A 7 10.98 3.13 -8.97
C SER A 7 10.42 2.89 -7.57
N TYR A 8 9.11 2.64 -7.48
CA TYR A 8 8.42 2.35 -6.21
C TYR A 8 8.98 1.07 -5.56
N GLY A 9 9.46 0.13 -6.39
CA GLY A 9 10.08 -1.11 -5.91
C GLY A 9 11.35 -0.86 -5.12
N GLU A 10 12.29 -0.11 -5.72
CA GLU A 10 13.57 0.26 -5.07
C GLU A 10 13.34 1.20 -3.88
N TYR A 11 12.23 1.96 -3.95
CA TYR A 11 11.78 2.80 -2.84
C TYR A 11 11.30 1.92 -1.67
N LEU A 12 10.54 0.84 -1.96
CA LEU A 12 10.01 -0.08 -0.92
C LEU A 12 11.11 -0.81 -0.16
N GLU A 13 12.24 -1.05 -0.85
CA GLU A 13 13.45 -1.62 -0.23
C GLU A 13 14.03 -0.64 0.81
N SER A 14 14.33 0.58 0.34
CA SER A 14 14.93 1.65 1.18
C SER A 14 14.00 2.07 2.33
N TRP A 15 12.69 2.04 2.05
CA TRP A 15 11.63 2.32 3.02
C TRP A 15 11.60 1.21 4.07
N PHE A 16 11.67 -0.05 3.62
CA PHE A 16 11.62 -1.24 4.50
C PHE A 16 12.75 -1.23 5.55
N ASN A 17 13.98 -0.95 5.10
CA ASN A 17 15.18 -0.89 5.99
C ASN A 17 14.96 0.09 7.15
N THR A 18 14.48 1.29 6.83
CA THR A 18 14.24 2.35 7.83
C THR A 18 12.89 2.11 8.57
N LYS A 19 11.98 1.29 7.98
CA LYS A 19 10.64 1.00 8.54
C LYS A 19 10.75 0.03 9.74
N ARG A 20 11.76 -0.87 9.69
CA ARG A 20 12.08 -1.81 10.81
C ARG A 20 12.38 -1.07 12.14
N HIS A 21 12.70 0.23 12.06
CA HIS A 21 12.98 1.07 13.23
C HIS A 21 11.67 1.60 13.87
N SER A 22 10.57 1.64 13.08
CA SER A 22 9.25 2.12 13.56
C SER A 22 8.32 0.94 13.93
N VAL A 23 8.49 -0.21 13.25
CA VAL A 23 7.68 -1.45 13.48
C VAL A 23 8.59 -2.61 13.91
N GLY A 24 7.98 -3.65 14.53
CA GLY A 24 8.70 -4.84 14.95
C GLY A 24 9.22 -5.65 13.77
N ILE A 25 10.33 -6.39 13.98
CA ILE A 25 11.01 -7.18 12.92
C ILE A 25 10.10 -8.30 12.37
N GLN A 26 9.36 -8.98 13.27
CA GLN A 26 8.40 -10.04 12.89
C GLN A 26 7.26 -9.45 12.01
N THR A 27 6.78 -8.26 12.42
CA THR A 27 5.70 -7.54 11.72
C THR A 27 6.18 -7.05 10.35
N ALA A 28 7.43 -6.56 10.30
CA ALA A 28 8.05 -5.99 9.09
C ALA A 28 8.24 -7.10 8.05
N LYS A 29 8.63 -8.28 8.53
CA LYS A 29 8.83 -9.49 7.71
C LYS A 29 7.51 -9.89 7.01
N VAL A 30 6.38 -9.67 7.70
CA VAL A 30 5.03 -9.94 7.17
C VAL A 30 4.62 -8.84 6.16
N LEU A 31 5.01 -7.57 6.45
CA LEU A 31 4.73 -6.39 5.58
C LEU A 31 5.40 -6.56 4.21
N LYS A 32 6.67 -7.01 4.22
CA LYS A 32 7.44 -7.23 2.99
C LYS A 32 7.04 -8.56 2.34
N GLY A 33 6.48 -9.48 3.15
CA GLY A 33 5.83 -10.68 2.62
C GLY A 33 4.64 -10.35 1.71
N TYR A 34 4.02 -9.20 1.98
CA TYR A 34 2.95 -8.63 1.15
C TYR A 34 3.53 -7.81 -0.02
N LEU A 35 4.65 -7.09 0.24
CA LEU A 35 5.31 -6.26 -0.79
C LEU A 35 5.73 -7.14 -1.97
N ASN A 36 6.61 -8.11 -1.69
CA ASN A 36 7.26 -8.96 -2.72
C ASN A 36 6.23 -9.78 -3.53
N SER A 37 5.13 -10.18 -2.89
CA SER A 37 4.09 -11.02 -3.51
C SER A 37 3.10 -10.15 -4.33
N ARG A 38 2.62 -9.05 -3.74
CA ARG A 38 1.55 -8.21 -4.32
C ARG A 38 2.10 -6.99 -5.09
N ILE A 39 2.83 -6.12 -4.39
CA ILE A 39 3.18 -4.77 -4.91
C ILE A 39 4.38 -4.82 -5.89
N ILE A 40 5.43 -5.58 -5.55
CA ILE A 40 6.68 -5.69 -6.39
C ILE A 40 6.38 -6.12 -7.87
N PRO A 41 5.53 -7.19 -8.15
CA PRO A 41 5.15 -7.56 -9.55
C PRO A 41 4.11 -6.59 -10.19
N SER A 42 3.51 -5.68 -9.39
CA SER A 42 2.48 -4.73 -9.88
C SER A 42 3.07 -3.31 -10.05
N LEU A 43 3.34 -2.64 -8.92
CA LEU A 43 3.81 -1.23 -8.86
C LEU A 43 5.34 -1.12 -8.70
N GLY A 44 6.01 -2.26 -8.44
CA GLY A 44 7.45 -2.29 -8.15
C GLY A 44 8.32 -1.79 -9.30
N ASN A 45 8.01 -2.28 -10.51
CA ASN A 45 8.71 -1.88 -11.75
C ASN A 45 8.35 -0.44 -12.18
N ILE A 46 7.19 0.05 -11.71
CA ILE A 46 6.65 1.39 -12.03
C ILE A 46 7.39 2.46 -11.20
N LYS A 47 7.50 3.68 -11.77
CA LYS A 47 8.09 4.82 -11.07
C LYS A 47 7.18 5.26 -9.90
N LEU A 48 7.82 5.62 -8.78
CA LEU A 48 7.18 6.10 -7.54
C LEU A 48 6.14 7.23 -7.81
N ALA A 49 6.55 8.18 -8.67
CA ALA A 49 5.72 9.34 -9.06
C ALA A 49 4.57 8.94 -10.01
N LYS A 50 4.81 7.91 -10.85
CA LYS A 50 3.85 7.44 -11.87
C LYS A 50 2.74 6.53 -11.28
N LEU A 51 2.74 6.34 -9.95
CA LEU A 51 1.61 5.72 -9.24
C LEU A 51 0.38 6.64 -9.35
N THR A 52 -0.47 6.34 -10.33
CA THR A 52 -1.75 7.04 -10.53
C THR A 52 -2.87 6.30 -9.75
N SER A 53 -4.01 6.99 -9.61
CA SER A 53 -5.21 6.48 -8.93
C SER A 53 -5.84 5.29 -9.70
N LEU A 54 -5.55 5.22 -11.02
CA LEU A 54 -5.93 4.09 -11.88
C LEU A 54 -5.23 2.79 -11.41
N HIS A 55 -3.92 2.90 -11.04
CA HIS A 55 -3.12 1.76 -10.53
C HIS A 55 -3.69 1.26 -9.18
N MET A 56 -4.21 2.20 -8.39
CA MET A 56 -4.79 1.93 -7.06
C MET A 56 -6.10 1.14 -7.18
N GLN A 57 -6.96 1.57 -8.11
CA GLN A 57 -8.23 0.90 -8.39
C GLN A 57 -7.98 -0.53 -8.92
N ASN A 58 -7.07 -0.63 -9.92
CA ASN A 58 -6.67 -1.92 -10.54
C ASN A 58 -6.05 -2.88 -9.52
N TYR A 59 -5.34 -2.31 -8.52
CA TYR A 59 -4.70 -3.10 -7.46
C TYR A 59 -5.76 -3.83 -6.61
N VAL A 60 -6.80 -3.08 -6.19
CA VAL A 60 -7.88 -3.62 -5.34
C VAL A 60 -8.83 -4.54 -6.17
N ASN A 61 -8.88 -4.29 -7.49
CA ASN A 61 -9.67 -5.10 -8.44
C ASN A 61 -9.13 -6.54 -8.48
N SER A 62 -7.79 -6.68 -8.58
CA SER A 62 -7.12 -7.99 -8.63
C SER A 62 -7.32 -8.75 -7.30
N LEU A 63 -7.32 -8.01 -6.17
CA LEU A 63 -7.50 -8.58 -4.81
C LEU A 63 -8.89 -9.22 -4.64
N ARG A 64 -9.90 -8.62 -5.29
CA ARG A 64 -11.28 -9.15 -5.30
C ARG A 64 -11.35 -10.47 -6.09
N ASP A 65 -10.63 -10.52 -7.23
CA ASP A 65 -10.51 -11.73 -8.08
C ASP A 65 -9.65 -12.81 -7.40
N GLU A 66 -8.76 -12.39 -6.48
CA GLU A 66 -8.00 -13.31 -5.62
C GLU A 66 -8.92 -13.93 -4.56
N GLY A 67 -10.02 -13.21 -4.26
CA GLY A 67 -10.98 -13.63 -3.24
C GLY A 67 -10.40 -13.56 -1.84
N LEU A 68 -9.55 -12.55 -1.61
CA LEU A 68 -8.89 -12.32 -0.31
C LEU A 68 -9.89 -11.87 0.76
N LYS A 69 -9.49 -12.04 2.02
CA LYS A 69 -10.23 -11.50 3.15
C LYS A 69 -9.94 -9.99 3.23
N ARG A 70 -10.99 -9.19 3.53
CA ARG A 70 -10.88 -7.73 3.63
C ARG A 70 -9.84 -7.29 4.68
N GLY A 71 -9.54 -8.18 5.65
CA GLY A 71 -8.45 -7.95 6.61
C GLY A 71 -7.09 -7.78 5.94
N THR A 72 -6.73 -8.75 5.09
CA THR A 72 -5.46 -8.74 4.32
C THR A 72 -5.41 -7.55 3.36
N ILE A 73 -6.54 -7.34 2.64
CA ILE A 73 -6.69 -6.24 1.67
C ILE A 73 -6.44 -4.88 2.35
N GLU A 74 -7.08 -4.69 3.50
CA GLU A 74 -6.99 -3.44 4.29
C GLU A 74 -5.54 -3.16 4.71
N LYS A 75 -4.83 -4.20 5.17
CA LYS A 75 -3.45 -4.06 5.68
C LYS A 75 -2.49 -3.67 4.56
N ILE A 76 -2.59 -4.33 3.40
CA ILE A 76 -1.67 -4.11 2.27
C ILE A 76 -1.92 -2.75 1.60
N ILE A 77 -3.18 -2.26 1.69
CA ILE A 77 -3.55 -0.88 1.34
C ILE A 77 -2.86 0.11 2.31
N LYS A 78 -2.86 -0.25 3.62
CA LYS A 78 -2.20 0.56 4.67
C LYS A 78 -0.68 0.61 4.47
N VAL A 79 -0.09 -0.49 3.95
CA VAL A 79 1.37 -0.58 3.67
C VAL A 79 1.75 0.37 2.52
N ILE A 80 0.90 0.40 1.46
CA ILE A 80 1.06 1.33 0.33
C ILE A 80 0.90 2.79 0.80
N ARG A 81 -0.03 3.01 1.75
CA ARG A 81 -0.24 4.32 2.39
C ARG A 81 1.01 4.74 3.18
N ASN A 82 1.56 3.83 4.02
CA ASN A 82 2.70 4.11 4.92
C ASN A 82 3.96 4.50 4.13
N SER A 83 4.18 3.81 3.01
CA SER A 83 5.32 4.07 2.12
C SER A 83 5.15 5.41 1.38
N LEU A 84 3.99 5.61 0.75
CA LEU A 84 3.72 6.83 -0.04
C LEU A 84 3.58 8.10 0.84
N GLU A 85 3.20 7.93 2.12
CA GLU A 85 3.18 9.02 3.14
C GLU A 85 4.63 9.41 3.47
N HIS A 86 5.50 8.39 3.59
CA HIS A 86 6.92 8.55 3.86
C HIS A 86 7.65 9.13 2.63
N ALA A 87 7.07 8.93 1.43
CA ALA A 87 7.60 9.50 0.18
C ALA A 87 7.29 11.02 0.08
N ILE A 88 6.14 11.43 0.67
CA ILE A 88 5.79 12.87 0.83
C ILE A 88 6.73 13.51 1.87
N ASP A 89 7.06 12.73 2.91
CA ASP A 89 8.04 13.09 3.97
C ASP A 89 9.43 13.35 3.36
N LEU A 90 9.86 12.44 2.46
CA LEU A 90 11.15 12.55 1.75
C LEU A 90 11.04 13.54 0.56
N GLU A 91 9.81 14.04 0.28
CA GLU A 91 9.51 15.03 -0.77
C GLU A 91 9.84 14.49 -2.18
N LEU A 92 9.86 13.16 -2.30
CA LEU A 92 9.99 12.44 -3.59
C LEU A 92 8.69 12.61 -4.40
N ILE A 93 7.60 12.81 -3.64
CA ILE A 93 6.28 13.23 -4.14
C ILE A 93 5.73 14.26 -3.12
N THR A 94 4.75 15.07 -3.53
CA THR A 94 4.08 16.06 -2.66
C THR A 94 2.67 15.59 -2.30
N LYS A 95 2.17 14.58 -3.04
CA LYS A 95 0.82 14.04 -2.88
C LYS A 95 0.85 12.55 -3.23
N ASN A 96 0.03 11.74 -2.55
CA ASN A 96 -0.04 10.30 -2.81
C ASN A 96 -1.48 9.88 -3.16
N VAL A 97 -1.58 8.87 -4.04
CA VAL A 97 -2.86 8.33 -4.55
C VAL A 97 -3.42 7.21 -3.64
N ALA A 98 -2.64 6.84 -2.59
CA ALA A 98 -3.02 5.77 -1.64
C ALA A 98 -4.04 6.31 -0.61
N ALA A 99 -4.09 7.65 -0.48
CA ALA A 99 -5.08 8.34 0.37
C ALA A 99 -6.50 8.18 -0.20
N LYS A 100 -6.60 8.03 -1.54
CA LYS A 100 -7.88 7.78 -2.23
C LYS A 100 -8.27 6.29 -2.11
N THR A 101 -7.27 5.44 -1.86
CA THR A 101 -7.43 3.99 -1.80
C THR A 101 -7.86 3.54 -0.40
N LYS A 102 -9.17 3.38 -0.21
CA LYS A 102 -9.76 2.84 1.01
C LYS A 102 -10.00 1.32 0.85
N LEU A 103 -10.33 0.66 1.96
CA LEU A 103 -10.92 -0.70 1.92
C LEU A 103 -12.30 -0.61 1.22
N PRO A 104 -12.60 -1.46 0.18
CA PRO A 104 -13.95 -1.50 -0.44
C PRO A 104 -15.04 -1.89 0.60
N LYS A 105 -16.29 -1.48 0.35
CA LYS A 105 -17.42 -1.65 1.29
C LYS A 105 -17.72 -3.16 1.49
N ALA A 106 -17.06 -3.72 2.50
CA ALA A 106 -17.16 -5.12 2.90
C ALA A 106 -17.28 -5.22 4.43
N ASP A 107 -17.16 -4.07 5.12
CA ASP A 107 -17.24 -3.97 6.58
C ASP A 107 -18.68 -3.60 7.00
N LYS A 108 -19.13 -4.16 8.13
CA LYS A 108 -20.45 -3.88 8.69
C LYS A 108 -20.43 -2.52 9.41
N GLU A 109 -20.50 -1.45 8.61
CA GLU A 109 -20.48 -0.06 9.07
C GLU A 109 -21.79 0.29 9.77
N GLU A 110 -21.71 0.75 11.04
CA GLU A 110 -22.88 1.33 11.75
C GLU A 110 -23.17 2.73 11.18
N LEU A 111 -22.16 3.34 10.52
CA LEU A 111 -22.28 4.61 9.78
C LEU A 111 -23.27 4.50 8.59
N GLU A 112 -23.54 3.25 8.15
CA GLU A 112 -24.54 2.93 7.11
C GLU A 112 -25.97 3.27 7.61
N HIS A 113 -26.14 3.30 8.94
CA HIS A 113 -27.41 3.65 9.63
C HIS A 113 -27.25 4.99 10.36
N HIS A 114 -28.30 5.83 10.28
CA HIS A 114 -28.39 7.08 11.05
C HIS A 114 -28.73 6.76 12.52
N HIS A 115 -27.67 6.74 13.35
CA HIS A 115 -27.79 6.53 14.81
C HIS A 115 -28.47 7.77 15.43
N HIS A 116 -29.74 7.61 15.83
CA HIS A 116 -30.59 8.71 16.33
C HIS A 116 -30.54 8.74 17.87
N HIS A 117 -30.87 9.92 18.45
CA HIS A 117 -30.71 10.23 19.89
C HIS A 117 -29.22 10.25 20.28
N HIS A 118 -28.57 11.39 20.01
CA HIS A 118 -27.12 11.57 20.25
C HIS A 118 -26.88 11.85 21.76
N MET A 1 18.09 18.59 -11.52
CA MET A 1 18.14 18.63 -10.05
C MET A 1 17.50 17.35 -9.47
N GLU A 2 18.26 16.23 -9.56
CA GLU A 2 17.86 14.88 -9.08
C GLU A 2 16.44 14.47 -9.57
N PRO A 3 16.29 14.02 -10.86
CA PRO A 3 14.98 13.60 -11.42
C PRO A 3 14.44 12.31 -10.76
N SER A 4 13.12 12.07 -10.92
CA SER A 4 12.45 10.87 -10.42
C SER A 4 12.89 9.64 -11.24
N LYS A 5 13.97 9.00 -10.76
CA LYS A 5 14.49 7.73 -11.30
C LYS A 5 14.13 6.57 -10.36
N LEU A 6 13.50 6.91 -9.23
CA LEU A 6 13.12 5.97 -8.19
C LEU A 6 11.94 5.09 -8.65
N SER A 7 12.24 3.80 -8.88
CA SER A 7 11.22 2.77 -9.15
C SER A 7 10.59 2.37 -7.80
N TYR A 8 9.26 2.19 -7.78
CA TYR A 8 8.49 2.00 -6.53
C TYR A 8 8.89 0.73 -5.76
N GLY A 9 9.32 -0.32 -6.48
CA GLY A 9 9.74 -1.59 -5.87
C GLY A 9 11.05 -1.44 -5.12
N GLU A 10 11.96 -0.64 -5.70
CA GLU A 10 13.25 -0.29 -5.07
C GLU A 10 12.99 0.66 -3.89
N TYR A 11 11.95 1.50 -4.03
CA TYR A 11 11.50 2.41 -2.97
C TYR A 11 10.93 1.63 -1.78
N LEU A 12 10.17 0.56 -2.05
CA LEU A 12 9.51 -0.26 -1.00
C LEU A 12 10.53 -1.00 -0.13
N GLU A 13 11.66 -1.36 -0.73
CA GLU A 13 12.79 -1.98 -0.02
C GLU A 13 13.54 -0.93 0.82
N SER A 14 13.71 0.27 0.27
CA SER A 14 14.34 1.41 0.96
C SER A 14 13.47 1.87 2.14
N TRP A 15 12.16 1.91 1.89
CA TRP A 15 11.11 2.26 2.86
C TRP A 15 11.07 1.19 3.95
N PHE A 16 11.19 -0.08 3.54
CA PHE A 16 11.19 -1.23 4.47
C PHE A 16 12.42 -1.18 5.39
N ASN A 17 13.58 -0.76 4.82
CA ASN A 17 14.85 -0.65 5.56
C ASN A 17 14.72 0.35 6.73
N THR A 18 13.99 1.46 6.49
CA THR A 18 13.72 2.45 7.54
C THR A 18 12.46 2.07 8.36
N LYS A 19 11.56 1.24 7.79
CA LYS A 19 10.28 0.85 8.43
C LYS A 19 10.53 -0.12 9.60
N ARG A 20 11.62 -0.90 9.48
CA ARG A 20 12.11 -1.81 10.55
C ARG A 20 12.34 -1.05 11.89
N HIS A 21 12.69 0.25 11.79
CA HIS A 21 12.87 1.15 12.96
C HIS A 21 11.55 1.37 13.73
N SER A 22 10.40 1.18 13.06
CA SER A 22 9.06 1.36 13.66
C SER A 22 8.40 0.01 14.00
N VAL A 23 8.63 -1.02 13.14
CA VAL A 23 7.94 -2.33 13.23
C VAL A 23 8.88 -3.44 13.75
N GLY A 24 8.30 -4.43 14.45
CA GLY A 24 9.05 -5.55 14.98
C GLY A 24 9.51 -6.52 13.90
N ILE A 25 10.34 -7.51 14.28
CA ILE A 25 10.90 -8.51 13.33
C ILE A 25 9.78 -9.36 12.69
N GLN A 26 8.83 -9.82 13.54
CA GLN A 26 7.68 -10.63 13.09
C GLN A 26 6.75 -9.80 12.17
N THR A 27 6.54 -8.53 12.56
CA THR A 27 5.69 -7.58 11.82
C THR A 27 6.32 -7.24 10.46
N ALA A 28 7.65 -7.14 10.45
CA ALA A 28 8.46 -6.78 9.28
C ALA A 28 8.41 -7.91 8.23
N LYS A 29 8.43 -9.16 8.71
CA LYS A 29 8.33 -10.37 7.86
C LYS A 29 7.01 -10.36 7.07
N VAL A 30 5.95 -9.90 7.74
CA VAL A 30 4.59 -9.88 7.20
C VAL A 30 4.44 -8.76 6.15
N LEU A 31 4.86 -7.53 6.52
CA LEU A 31 4.75 -6.33 5.64
C LEU A 31 5.57 -6.53 4.36
N LYS A 32 6.80 -7.06 4.52
CA LYS A 32 7.71 -7.35 3.40
C LYS A 32 7.16 -8.49 2.54
N GLY A 33 6.66 -9.53 3.23
CA GLY A 33 6.04 -10.68 2.57
C GLY A 33 4.83 -10.30 1.71
N TYR A 34 4.20 -9.16 2.05
CA TYR A 34 3.14 -8.55 1.24
C TYR A 34 3.74 -7.68 0.12
N LEU A 35 4.85 -6.97 0.41
CA LEU A 35 5.51 -6.08 -0.56
C LEU A 35 5.90 -6.86 -1.82
N ASN A 36 6.80 -7.84 -1.67
CA ASN A 36 7.35 -8.60 -2.83
C ASN A 36 6.28 -9.49 -3.52
N SER A 37 5.29 -9.98 -2.75
CA SER A 37 4.27 -10.90 -3.27
C SER A 37 3.17 -10.14 -4.04
N ARG A 38 2.62 -9.10 -3.40
CA ARG A 38 1.42 -8.39 -3.89
C ARG A 38 1.80 -7.11 -4.68
N ILE A 39 2.57 -6.20 -4.04
CA ILE A 39 2.79 -4.84 -4.59
C ILE A 39 3.89 -4.83 -5.68
N ILE A 40 4.99 -5.60 -5.49
CA ILE A 40 6.14 -5.60 -6.46
C ILE A 40 5.71 -6.07 -7.89
N PRO A 41 4.92 -7.20 -8.06
CA PRO A 41 4.37 -7.60 -9.39
C PRO A 41 3.42 -6.54 -10.00
N SER A 42 2.76 -5.74 -9.13
CA SER A 42 1.72 -4.79 -9.55
C SER A 42 2.29 -3.36 -9.75
N LEU A 43 2.62 -2.69 -8.64
CA LEU A 43 3.07 -1.28 -8.61
C LEU A 43 4.61 -1.15 -8.51
N GLY A 44 5.30 -2.27 -8.19
CA GLY A 44 6.74 -2.24 -7.89
C GLY A 44 7.61 -1.90 -9.10
N ASN A 45 7.38 -2.62 -10.22
CA ASN A 45 8.08 -2.38 -11.50
C ASN A 45 7.81 -0.95 -12.01
N ILE A 46 6.65 -0.40 -11.61
CA ILE A 46 6.21 0.96 -11.98
C ILE A 46 7.03 2.01 -11.20
N LYS A 47 7.36 3.12 -11.85
CA LYS A 47 8.14 4.23 -11.25
C LYS A 47 7.24 5.04 -10.30
N LEU A 48 7.82 5.57 -9.22
CA LEU A 48 7.08 6.27 -8.15
C LEU A 48 6.28 7.50 -8.67
N ALA A 49 6.86 8.21 -9.67
CA ALA A 49 6.20 9.37 -10.33
C ALA A 49 5.02 8.94 -11.22
N LYS A 50 5.02 7.68 -11.67
CA LYS A 50 3.95 7.11 -12.51
C LYS A 50 2.73 6.69 -11.65
N LEU A 51 2.91 6.60 -10.32
CA LEU A 51 1.84 6.20 -9.40
C LEU A 51 0.72 7.26 -9.38
N THR A 52 -0.38 6.93 -10.05
CA THR A 52 -1.65 7.67 -10.00
C THR A 52 -2.68 6.85 -9.18
N SER A 53 -3.83 7.48 -8.88
CA SER A 53 -4.93 6.85 -8.12
C SER A 53 -5.56 5.68 -8.91
N LEU A 54 -5.39 5.71 -10.25
CA LEU A 54 -5.83 4.61 -11.14
C LEU A 54 -5.05 3.32 -10.85
N HIS A 55 -3.72 3.45 -10.63
CA HIS A 55 -2.83 2.30 -10.31
C HIS A 55 -3.25 1.65 -8.99
N MET A 56 -3.72 2.48 -8.06
CA MET A 56 -4.15 2.06 -6.72
C MET A 56 -5.51 1.36 -6.78
N GLN A 57 -6.39 1.86 -7.67
CA GLN A 57 -7.70 1.25 -7.94
C GLN A 57 -7.53 -0.12 -8.63
N ASN A 58 -6.57 -0.18 -9.59
CA ASN A 58 -6.23 -1.41 -10.32
C ASN A 58 -5.63 -2.46 -9.38
N TYR A 59 -4.91 -1.97 -8.34
CA TYR A 59 -4.36 -2.83 -7.29
C TYR A 59 -5.50 -3.51 -6.49
N VAL A 60 -6.54 -2.72 -6.14
CA VAL A 60 -7.74 -3.23 -5.41
C VAL A 60 -8.51 -4.25 -6.28
N ASN A 61 -8.54 -3.98 -7.59
CA ASN A 61 -9.21 -4.86 -8.58
C ASN A 61 -8.47 -6.21 -8.68
N SER A 62 -7.13 -6.15 -8.52
CA SER A 62 -6.27 -7.35 -8.47
C SER A 62 -6.64 -8.21 -7.24
N LEU A 63 -6.77 -7.54 -6.06
CA LEU A 63 -7.02 -8.21 -4.74
C LEU A 63 -8.33 -9.02 -4.78
N ARG A 64 -9.28 -8.52 -5.58
CA ARG A 64 -10.58 -9.17 -5.82
C ARG A 64 -10.38 -10.55 -6.49
N ASP A 65 -9.57 -10.58 -7.57
CA ASP A 65 -9.31 -11.83 -8.32
C ASP A 65 -8.22 -12.68 -7.63
N GLU A 66 -7.50 -12.10 -6.64
CA GLU A 66 -6.58 -12.86 -5.76
C GLU A 66 -7.40 -13.61 -4.70
N GLY A 67 -8.56 -13.04 -4.36
CA GLY A 67 -9.43 -13.58 -3.31
C GLY A 67 -8.91 -13.33 -1.91
N LEU A 68 -8.25 -12.18 -1.71
CA LEU A 68 -7.73 -11.77 -0.40
C LEU A 68 -8.87 -11.37 0.55
N LYS A 69 -8.73 -11.77 1.83
CA LYS A 69 -9.69 -11.46 2.89
C LYS A 69 -9.56 -9.97 3.29
N ARG A 70 -10.67 -9.39 3.80
CA ARG A 70 -10.79 -7.93 4.07
C ARG A 70 -9.66 -7.40 4.99
N GLY A 71 -9.22 -8.24 5.93
CA GLY A 71 -8.11 -7.91 6.83
C GLY A 71 -6.79 -7.75 6.08
N THR A 72 -6.49 -8.71 5.20
CA THR A 72 -5.26 -8.69 4.37
C THR A 72 -5.26 -7.48 3.43
N ILE A 73 -6.41 -7.20 2.80
CA ILE A 73 -6.60 -6.04 1.92
C ILE A 73 -6.37 -4.74 2.73
N GLU A 74 -6.98 -4.67 3.92
CA GLU A 74 -6.92 -3.49 4.78
C GLU A 74 -5.47 -3.20 5.23
N LYS A 75 -4.69 -4.27 5.47
CA LYS A 75 -3.28 -4.15 5.86
C LYS A 75 -2.41 -3.63 4.69
N ILE A 76 -2.47 -4.34 3.55
CA ILE A 76 -1.57 -4.09 2.41
C ILE A 76 -1.79 -2.72 1.77
N ILE A 77 -3.05 -2.25 1.80
CA ILE A 77 -3.40 -0.89 1.36
C ILE A 77 -2.76 0.15 2.30
N LYS A 78 -2.84 -0.09 3.63
CA LYS A 78 -2.22 0.82 4.64
C LYS A 78 -0.68 0.80 4.53
N VAL A 79 -0.12 -0.32 4.05
CA VAL A 79 1.32 -0.46 3.80
C VAL A 79 1.75 0.46 2.63
N ILE A 80 0.97 0.43 1.53
CA ILE A 80 1.20 1.29 0.33
C ILE A 80 1.05 2.78 0.68
N ARG A 81 -0.03 3.10 1.41
CA ARG A 81 -0.34 4.47 1.84
C ARG A 81 0.79 5.00 2.74
N ASN A 82 1.25 4.17 3.69
CA ASN A 82 2.31 4.55 4.64
C ASN A 82 3.66 4.73 3.92
N SER A 83 3.86 3.97 2.80
CA SER A 83 5.02 4.14 1.92
C SER A 83 4.98 5.54 1.29
N LEU A 84 3.81 5.92 0.77
CA LEU A 84 3.61 7.21 0.09
C LEU A 84 3.63 8.39 1.09
N GLU A 85 3.27 8.14 2.38
CA GLU A 85 3.37 9.15 3.46
C GLU A 85 4.85 9.53 3.68
N HIS A 86 5.71 8.51 3.66
CA HIS A 86 7.17 8.64 3.79
C HIS A 86 7.77 9.31 2.54
N ALA A 87 7.16 9.03 1.37
CA ALA A 87 7.57 9.62 0.09
C ALA A 87 7.24 11.13 0.03
N ILE A 88 6.10 11.54 0.63
CA ILE A 88 5.73 12.97 0.76
C ILE A 88 6.74 13.68 1.68
N ASP A 89 7.09 13.01 2.78
CA ASP A 89 8.04 13.53 3.79
C ASP A 89 9.42 13.83 3.15
N LEU A 90 9.90 12.89 2.33
CA LEU A 90 11.19 13.01 1.62
C LEU A 90 11.05 13.80 0.30
N GLU A 91 9.81 14.29 0.03
CA GLU A 91 9.48 15.16 -1.13
C GLU A 91 9.67 14.44 -2.48
N LEU A 92 9.58 13.11 -2.45
CA LEU A 92 9.64 12.24 -3.63
C LEU A 92 8.33 12.32 -4.44
N ILE A 93 7.20 12.61 -3.76
CA ILE A 93 5.90 12.85 -4.40
C ILE A 93 5.23 14.06 -3.73
N THR A 94 4.35 14.73 -4.49
CA THR A 94 3.59 15.91 -4.04
C THR A 94 2.39 15.48 -3.17
N LYS A 95 1.84 14.27 -3.44
CA LYS A 95 0.61 13.80 -2.80
C LYS A 95 0.52 12.26 -2.82
N ASN A 96 -0.02 11.70 -1.72
CA ASN A 96 -0.32 10.26 -1.59
C ASN A 96 -1.55 9.94 -2.46
N VAL A 97 -1.30 9.26 -3.59
CA VAL A 97 -2.37 8.86 -4.55
C VAL A 97 -3.16 7.63 -4.04
N ALA A 98 -2.64 6.96 -2.99
CA ALA A 98 -3.30 5.81 -2.33
C ALA A 98 -4.20 6.32 -1.17
N ALA A 99 -4.24 7.66 -0.99
CA ALA A 99 -5.17 8.30 -0.02
C ALA A 99 -6.62 8.22 -0.53
N LYS A 100 -6.81 7.87 -1.82
CA LYS A 100 -8.12 7.59 -2.44
C LYS A 100 -8.58 6.15 -2.11
N THR A 101 -7.59 5.30 -1.81
CA THR A 101 -7.77 3.85 -1.71
C THR A 101 -8.30 3.47 -0.31
N LYS A 102 -9.60 3.16 -0.25
CA LYS A 102 -10.26 2.61 0.96
C LYS A 102 -10.54 1.10 0.78
N LEU A 103 -10.81 0.42 1.90
CA LEU A 103 -11.31 -0.95 1.89
C LEU A 103 -12.78 -0.94 1.41
N PRO A 104 -13.15 -1.72 0.34
CA PRO A 104 -14.57 -1.82 -0.13
C PRO A 104 -15.51 -2.43 0.93
N LYS A 105 -16.83 -2.50 0.60
CA LYS A 105 -17.86 -3.05 1.51
C LYS A 105 -17.64 -4.55 1.74
N ALA A 106 -16.86 -4.84 2.78
CA ALA A 106 -16.62 -6.18 3.29
C ALA A 106 -17.08 -6.27 4.77
N ASP A 107 -17.63 -5.16 5.26
CA ASP A 107 -18.26 -5.05 6.58
C ASP A 107 -19.51 -4.19 6.44
N LYS A 108 -20.56 -4.58 7.17
CA LYS A 108 -21.87 -3.90 7.15
C LYS A 108 -21.77 -2.52 7.86
N GLU A 109 -21.32 -1.50 7.11
CA GLU A 109 -21.11 -0.15 7.64
C GLU A 109 -22.36 0.72 7.46
N GLU A 110 -22.71 1.45 8.53
CA GLU A 110 -23.81 2.43 8.53
C GLU A 110 -23.36 3.74 7.85
N LEU A 111 -22.04 3.85 7.59
CA LEU A 111 -21.46 4.94 6.77
C LEU A 111 -21.99 4.81 5.33
N GLU A 112 -22.12 3.55 4.88
CA GLU A 112 -22.56 3.18 3.53
C GLU A 112 -24.10 3.14 3.40
N HIS A 113 -24.81 3.78 4.36
CA HIS A 113 -26.27 3.95 4.31
C HIS A 113 -26.63 4.86 3.12
N HIS A 114 -27.25 4.26 2.08
CA HIS A 114 -27.79 5.02 0.95
C HIS A 114 -29.04 5.79 1.40
N HIS A 115 -29.25 7.00 0.85
CA HIS A 115 -30.33 7.92 1.25
C HIS A 115 -31.73 7.33 0.96
N HIS A 116 -32.23 6.56 1.95
CA HIS A 116 -33.60 6.00 2.01
C HIS A 116 -33.94 5.77 3.49
N HIS A 117 -34.67 6.73 4.09
CA HIS A 117 -35.11 6.66 5.50
C HIS A 117 -36.12 5.51 5.69
N HIS A 118 -36.94 5.28 4.64
CA HIS A 118 -37.79 4.08 4.52
C HIS A 118 -37.23 3.20 3.38
N MET A 1 22.86 16.66 -10.07
CA MET A 1 22.72 15.80 -8.87
C MET A 1 22.34 14.37 -9.30
N GLU A 2 22.65 13.40 -8.43
CA GLU A 2 22.40 11.96 -8.68
C GLU A 2 20.88 11.69 -8.72
N PRO A 3 20.28 11.37 -9.91
CA PRO A 3 18.83 11.21 -10.03
C PRO A 3 18.36 9.90 -9.37
N SER A 4 17.19 9.94 -8.71
CA SER A 4 16.64 8.78 -8.02
C SER A 4 16.25 7.70 -9.04
N LYS A 5 15.47 8.13 -10.08
CA LYS A 5 14.92 7.24 -11.15
C LYS A 5 14.24 6.02 -10.52
N LEU A 6 13.60 6.30 -9.39
CA LEU A 6 13.22 5.30 -8.40
C LEU A 6 11.91 4.60 -8.76
N SER A 7 11.99 3.29 -9.00
CA SER A 7 10.83 2.41 -9.09
C SER A 7 10.29 2.13 -7.68
N TYR A 8 8.96 1.99 -7.59
CA TYR A 8 8.26 1.85 -6.30
C TYR A 8 8.72 0.61 -5.52
N GLY A 9 9.10 -0.46 -6.24
CA GLY A 9 9.59 -1.70 -5.62
C GLY A 9 10.93 -1.52 -4.92
N GLU A 10 11.81 -0.70 -5.52
CA GLU A 10 13.10 -0.31 -4.94
C GLU A 10 12.92 0.68 -3.78
N TYR A 11 11.86 1.51 -3.88
CA TYR A 11 11.48 2.44 -2.81
C TYR A 11 10.99 1.68 -1.57
N LEU A 12 10.21 0.62 -1.81
CA LEU A 12 9.65 -0.24 -0.75
C LEU A 12 10.73 -0.87 0.11
N GLU A 13 11.91 -1.13 -0.49
CA GLU A 13 13.07 -1.69 0.22
C GLU A 13 13.60 -0.68 1.27
N SER A 14 13.82 0.56 0.81
CA SER A 14 14.39 1.65 1.64
C SER A 14 13.41 2.09 2.75
N TRP A 15 12.14 2.26 2.35
CA TRP A 15 11.03 2.61 3.23
C TRP A 15 10.85 1.54 4.32
N PHE A 16 10.93 0.26 3.90
CA PHE A 16 10.76 -0.90 4.76
C PHE A 16 11.77 -0.90 5.91
N ASN A 17 13.07 -0.69 5.57
CA ASN A 17 14.21 -0.74 6.51
C ASN A 17 13.96 0.13 7.76
N THR A 18 13.50 1.36 7.53
CA THR A 18 13.21 2.32 8.61
C THR A 18 11.84 2.02 9.28
N LYS A 19 10.92 1.38 8.53
CA LYS A 19 9.54 1.11 9.01
C LYS A 19 9.51 -0.07 10.01
N ARG A 20 10.50 -0.98 9.92
CA ARG A 20 10.65 -2.14 10.84
C ARG A 20 10.76 -1.68 12.31
N HIS A 21 11.29 -0.46 12.49
CA HIS A 21 11.50 0.15 13.82
C HIS A 21 10.16 0.61 14.45
N SER A 22 9.14 0.81 13.60
CA SER A 22 7.78 1.23 14.05
C SER A 22 6.89 0.00 14.25
N VAL A 23 6.72 -0.79 13.17
CA VAL A 23 5.79 -1.93 13.13
C VAL A 23 6.31 -3.15 13.95
N GLY A 24 7.64 -3.27 14.05
CA GLY A 24 8.30 -4.37 14.77
C GLY A 24 8.90 -5.37 13.79
N ILE A 25 9.98 -6.06 14.22
CA ILE A 25 10.78 -6.98 13.37
C ILE A 25 9.93 -8.12 12.76
N GLN A 26 9.10 -8.75 13.62
CA GLN A 26 8.28 -9.90 13.23
C GLN A 26 7.14 -9.48 12.27
N THR A 27 6.46 -8.37 12.62
CA THR A 27 5.39 -7.76 11.78
C THR A 27 5.95 -7.31 10.42
N ALA A 28 7.19 -6.81 10.44
CA ALA A 28 7.88 -6.30 9.25
C ALA A 28 8.12 -7.43 8.25
N LYS A 29 8.59 -8.57 8.77
CA LYS A 29 8.87 -9.79 7.99
C LYS A 29 7.62 -10.21 7.17
N VAL A 30 6.45 -10.03 7.80
CA VAL A 30 5.14 -10.36 7.21
C VAL A 30 4.81 -9.38 6.06
N LEU A 31 5.03 -8.06 6.33
CA LEU A 31 4.74 -6.96 5.36
C LEU A 31 5.61 -7.08 4.09
N LYS A 32 6.89 -7.49 4.28
CA LYS A 32 7.86 -7.64 3.17
C LYS A 32 7.45 -8.81 2.28
N GLY A 33 6.91 -9.87 2.94
CA GLY A 33 6.35 -11.02 2.24
C GLY A 33 5.25 -10.63 1.26
N TYR A 34 4.44 -9.63 1.64
CA TYR A 34 3.34 -9.11 0.81
C TYR A 34 3.88 -8.15 -0.24
N LEU A 35 4.98 -7.43 0.07
CA LEU A 35 5.59 -6.45 -0.85
C LEU A 35 5.99 -7.13 -2.15
N ASN A 36 6.79 -8.20 -2.03
CA ASN A 36 7.32 -8.93 -3.20
C ASN A 36 6.23 -9.76 -3.91
N SER A 37 5.30 -10.33 -3.11
CA SER A 37 4.22 -11.19 -3.64
C SER A 37 3.18 -10.37 -4.44
N ARG A 38 2.67 -9.30 -3.83
CA ARG A 38 1.54 -8.52 -4.34
C ARG A 38 1.99 -7.27 -5.11
N ILE A 39 2.77 -6.41 -4.44
CA ILE A 39 3.05 -5.06 -4.96
C ILE A 39 4.14 -5.09 -6.06
N ILE A 40 5.24 -5.84 -5.88
CA ILE A 40 6.40 -5.84 -6.81
C ILE A 40 6.00 -6.18 -8.30
N PRO A 41 5.17 -7.26 -8.59
CA PRO A 41 4.69 -7.52 -9.96
C PRO A 41 3.64 -6.49 -10.46
N SER A 42 2.99 -5.78 -9.52
CA SER A 42 1.88 -4.83 -9.84
C SER A 42 2.38 -3.37 -9.91
N LEU A 43 2.68 -2.77 -8.74
CA LEU A 43 3.08 -1.35 -8.60
C LEU A 43 4.62 -1.20 -8.49
N GLY A 44 5.33 -2.31 -8.24
CA GLY A 44 6.77 -2.28 -7.99
C GLY A 44 7.59 -2.06 -9.24
N ASN A 45 7.19 -2.74 -10.33
CA ASN A 45 7.73 -2.52 -11.69
C ASN A 45 7.48 -1.06 -12.16
N ILE A 46 6.35 -0.48 -11.70
CA ILE A 46 5.99 0.91 -11.97
C ILE A 46 6.94 1.86 -11.22
N LYS A 47 7.28 2.99 -11.86
CA LYS A 47 8.11 4.04 -11.25
C LYS A 47 7.27 4.80 -10.19
N LEU A 48 7.91 5.21 -9.10
CA LEU A 48 7.27 5.83 -7.92
C LEU A 48 6.44 7.09 -8.31
N ALA A 49 7.03 7.92 -9.19
CA ALA A 49 6.39 9.16 -9.69
C ALA A 49 5.20 8.86 -10.64
N LYS A 50 5.19 7.64 -11.22
CA LYS A 50 4.12 7.18 -12.14
C LYS A 50 2.89 6.67 -11.38
N LEU A 51 3.02 6.42 -10.05
CA LEU A 51 1.86 6.00 -9.21
C LEU A 51 0.80 7.12 -9.16
N THR A 52 -0.16 7.03 -10.10
CA THR A 52 -1.34 7.88 -10.12
C THR A 52 -2.50 7.15 -9.40
N SER A 53 -3.62 7.87 -9.18
CA SER A 53 -4.78 7.35 -8.42
C SER A 53 -5.49 6.19 -9.16
N LEU A 54 -5.30 6.12 -10.49
CA LEU A 54 -5.81 5.00 -11.33
C LEU A 54 -5.12 3.66 -10.94
N HIS A 55 -3.80 3.74 -10.65
CA HIS A 55 -2.97 2.56 -10.24
C HIS A 55 -3.48 2.00 -8.90
N MET A 56 -3.96 2.92 -8.06
CA MET A 56 -4.48 2.62 -6.72
C MET A 56 -5.82 1.87 -6.81
N GLN A 57 -6.73 2.42 -7.62
CA GLN A 57 -8.07 1.85 -7.86
C GLN A 57 -7.96 0.44 -8.45
N ASN A 58 -7.13 0.31 -9.48
CA ASN A 58 -6.91 -0.96 -10.21
C ASN A 58 -6.16 -1.98 -9.33
N TYR A 59 -5.41 -1.49 -8.32
CA TYR A 59 -4.74 -2.37 -7.35
C TYR A 59 -5.79 -3.01 -6.42
N VAL A 60 -6.75 -2.20 -5.92
CA VAL A 60 -7.83 -2.69 -5.03
C VAL A 60 -8.77 -3.66 -5.81
N ASN A 61 -8.94 -3.37 -7.12
CA ASN A 61 -9.69 -4.23 -8.07
C ASN A 61 -8.96 -5.57 -8.25
N SER A 62 -7.62 -5.50 -8.30
CA SER A 62 -6.74 -6.68 -8.40
C SER A 62 -6.88 -7.57 -7.14
N LEU A 63 -6.97 -6.94 -5.95
CA LEU A 63 -7.03 -7.66 -4.64
C LEU A 63 -8.31 -8.49 -4.53
N ARG A 64 -9.41 -7.93 -5.08
CA ARG A 64 -10.71 -8.61 -5.09
C ARG A 64 -10.69 -9.76 -6.10
N ASP A 65 -10.01 -9.53 -7.24
CA ASP A 65 -9.82 -10.54 -8.32
C ASP A 65 -8.90 -11.68 -7.84
N GLU A 66 -8.00 -11.36 -6.90
CA GLU A 66 -7.11 -12.33 -6.24
C GLU A 66 -7.87 -13.13 -5.17
N GLY A 67 -9.03 -12.59 -4.75
CA GLY A 67 -9.87 -13.23 -3.73
C GLY A 67 -9.30 -13.09 -2.33
N LEU A 68 -8.50 -12.03 -2.12
CA LEU A 68 -7.86 -11.76 -0.81
C LEU A 68 -8.91 -11.36 0.23
N LYS A 69 -8.69 -11.80 1.48
CA LYS A 69 -9.58 -11.51 2.61
C LYS A 69 -9.23 -10.14 3.21
N ARG A 70 -10.16 -9.56 4.01
CA ARG A 70 -9.99 -8.21 4.60
C ARG A 70 -8.72 -8.11 5.46
N GLY A 71 -8.32 -9.24 6.08
CA GLY A 71 -7.05 -9.33 6.82
C GLY A 71 -5.84 -9.06 5.93
N THR A 72 -5.76 -9.80 4.81
CA THR A 72 -4.65 -9.68 3.84
C THR A 72 -4.60 -8.27 3.22
N ILE A 73 -5.79 -7.80 2.79
CA ILE A 73 -5.95 -6.50 2.11
C ILE A 73 -5.57 -5.35 3.05
N GLU A 74 -6.16 -5.33 4.27
CA GLU A 74 -6.00 -4.22 5.25
C GLU A 74 -4.52 -3.84 5.43
N LYS A 75 -3.68 -4.86 5.67
CA LYS A 75 -2.26 -4.68 5.97
C LYS A 75 -1.50 -4.08 4.78
N ILE A 76 -1.75 -4.60 3.56
CA ILE A 76 -1.03 -4.18 2.34
C ILE A 76 -1.51 -2.78 1.87
N ILE A 77 -2.75 -2.42 2.24
CA ILE A 77 -3.29 -1.06 2.02
C ILE A 77 -2.53 -0.06 2.92
N LYS A 78 -2.45 -0.39 4.23
CA LYS A 78 -1.78 0.46 5.26
C LYS A 78 -0.30 0.69 4.91
N VAL A 79 0.32 -0.34 4.31
CA VAL A 79 1.71 -0.30 3.82
C VAL A 79 1.87 0.77 2.72
N ILE A 80 1.07 0.66 1.63
CA ILE A 80 1.21 1.52 0.43
C ILE A 80 0.89 2.99 0.76
N ARG A 81 -0.13 3.19 1.60
CA ARG A 81 -0.52 4.53 2.09
C ARG A 81 0.64 5.19 2.84
N ASN A 82 1.27 4.40 3.74
CA ASN A 82 2.36 4.89 4.59
C ASN A 82 3.66 5.11 3.76
N SER A 83 3.82 4.33 2.67
CA SER A 83 4.96 4.45 1.75
C SER A 83 4.91 5.79 1.00
N LEU A 84 3.75 6.08 0.41
CA LEU A 84 3.54 7.27 -0.41
C LEU A 84 3.48 8.55 0.46
N GLU A 85 3.03 8.42 1.73
CA GLU A 85 3.13 9.51 2.74
C GLU A 85 4.60 9.89 2.98
N HIS A 86 5.47 8.87 3.07
CA HIS A 86 6.90 9.03 3.31
C HIS A 86 7.61 9.53 2.04
N ALA A 87 6.99 9.29 0.87
CA ALA A 87 7.48 9.79 -0.42
C ALA A 87 7.11 11.28 -0.63
N ILE A 88 6.09 11.78 0.12
CA ILE A 88 5.79 13.24 0.18
C ILE A 88 6.83 13.92 1.11
N ASP A 89 7.19 13.20 2.19
CA ASP A 89 8.23 13.61 3.16
C ASP A 89 9.58 13.80 2.43
N LEU A 90 9.91 12.84 1.55
CA LEU A 90 11.14 12.87 0.74
C LEU A 90 10.93 13.65 -0.59
N GLU A 91 9.68 14.14 -0.81
CA GLU A 91 9.28 14.96 -1.99
C GLU A 91 9.47 14.21 -3.34
N LEU A 92 9.54 12.88 -3.27
CA LEU A 92 9.64 11.99 -4.45
C LEU A 92 8.33 12.00 -5.26
N ILE A 93 7.22 12.25 -4.55
CA ILE A 93 5.90 12.53 -5.13
C ILE A 93 5.31 13.76 -4.44
N THR A 94 4.40 14.44 -5.14
CA THR A 94 3.74 15.66 -4.65
C THR A 94 2.56 15.33 -3.72
N LYS A 95 1.91 14.17 -3.93
CA LYS A 95 0.64 13.83 -3.27
C LYS A 95 0.46 12.30 -3.14
N ASN A 96 0.03 11.85 -1.94
CA ASN A 96 -0.30 10.44 -1.66
C ASN A 96 -1.59 10.08 -2.40
N VAL A 97 -1.46 9.39 -3.54
CA VAL A 97 -2.60 8.92 -4.34
C VAL A 97 -3.28 7.71 -3.64
N ALA A 98 -2.58 7.10 -2.67
CA ALA A 98 -3.08 5.92 -1.92
C ALA A 98 -4.02 6.33 -0.77
N ALA A 99 -4.31 7.63 -0.66
CA ALA A 99 -5.39 8.13 0.21
C ALA A 99 -6.77 7.62 -0.27
N LYS A 100 -6.85 7.30 -1.58
CA LYS A 100 -8.04 6.69 -2.20
C LYS A 100 -8.01 5.15 -2.05
N THR A 101 -6.80 4.59 -1.85
CA THR A 101 -6.61 3.16 -1.58
C THR A 101 -7.04 2.89 -0.13
N LYS A 102 -8.31 2.50 0.03
CA LYS A 102 -8.89 2.12 1.32
C LYS A 102 -9.44 0.70 1.24
N LEU A 103 -9.74 0.13 2.41
CA LEU A 103 -10.55 -1.08 2.51
C LEU A 103 -12.03 -0.65 2.37
N PRO A 104 -12.75 -1.07 1.26
CA PRO A 104 -14.11 -0.54 0.90
C PRO A 104 -15.15 -0.70 2.03
N LYS A 105 -15.63 -1.95 2.25
CA LYS A 105 -16.69 -2.29 3.23
C LYS A 105 -16.43 -3.72 3.75
N ALA A 106 -15.64 -3.81 4.83
CA ALA A 106 -15.20 -5.10 5.39
C ALA A 106 -14.78 -4.96 6.86
N ASP A 107 -14.17 -3.82 7.20
CA ASP A 107 -13.60 -3.58 8.55
C ASP A 107 -13.82 -2.11 8.94
N LYS A 108 -13.54 -1.76 10.21
CA LYS A 108 -13.80 -0.40 10.74
C LYS A 108 -12.57 0.50 10.49
N GLU A 109 -12.83 1.79 10.19
CA GLU A 109 -11.80 2.83 10.13
C GLU A 109 -11.54 3.38 11.54
N GLU A 110 -10.33 3.14 12.05
CA GLU A 110 -9.84 3.60 13.36
C GLU A 110 -10.06 5.12 13.59
N LEU A 111 -9.94 5.93 12.51
CA LEU A 111 -10.18 7.39 12.57
C LEU A 111 -11.66 7.67 12.89
N GLU A 112 -12.57 7.01 12.16
CA GLU A 112 -14.03 7.16 12.34
C GLU A 112 -14.57 6.27 13.49
N HIS A 113 -13.66 5.48 14.10
CA HIS A 113 -13.95 4.66 15.29
C HIS A 113 -13.87 5.57 16.53
N HIS A 114 -14.97 5.62 17.31
CA HIS A 114 -15.21 6.63 18.38
C HIS A 114 -14.16 6.57 19.52
N HIS A 115 -13.46 5.43 19.66
CA HIS A 115 -12.26 5.34 20.51
C HIS A 115 -11.08 5.95 19.73
N HIS A 116 -10.89 7.27 19.89
CA HIS A 116 -9.86 8.04 19.14
C HIS A 116 -8.43 7.73 19.63
N HIS A 117 -7.48 7.74 18.70
CA HIS A 117 -6.02 7.74 19.01
C HIS A 117 -5.45 9.16 18.86
N HIS A 118 -6.29 10.10 18.39
CA HIS A 118 -5.95 11.53 18.24
C HIS A 118 -6.94 12.35 19.10
N MET A 1 21.33 19.16 -12.83
CA MET A 1 20.04 18.46 -12.58
C MET A 1 20.25 16.95 -12.58
N GLU A 2 19.71 16.26 -11.55
CA GLU A 2 19.85 14.81 -11.42
C GLU A 2 18.50 14.22 -10.91
N PRO A 3 17.63 13.69 -11.83
CA PRO A 3 16.34 13.07 -11.44
C PRO A 3 16.58 11.72 -10.74
N SER A 4 15.89 11.51 -9.59
CA SER A 4 16.02 10.27 -8.80
C SER A 4 15.58 9.06 -9.63
N LYS A 5 14.46 9.25 -10.38
CA LYS A 5 13.85 8.23 -11.25
C LYS A 5 13.44 6.98 -10.46
N LEU A 6 13.27 7.16 -9.14
CA LEU A 6 13.08 6.08 -8.18
C LEU A 6 11.80 5.31 -8.48
N SER A 7 11.94 4.00 -8.73
CA SER A 7 10.81 3.10 -8.91
C SER A 7 10.24 2.75 -7.53
N TYR A 8 8.95 2.46 -7.46
CA TYR A 8 8.27 2.16 -6.20
C TYR A 8 8.83 0.87 -5.57
N GLY A 9 9.22 -0.09 -6.41
CA GLY A 9 9.78 -1.37 -5.96
C GLY A 9 11.14 -1.22 -5.28
N GLU A 10 11.92 -0.22 -5.75
CA GLU A 10 13.23 0.12 -5.14
C GLU A 10 13.01 0.95 -3.87
N TYR A 11 11.96 1.81 -3.91
CA TYR A 11 11.60 2.69 -2.79
C TYR A 11 11.16 1.86 -1.56
N LEU A 12 10.36 0.81 -1.80
CA LEU A 12 9.79 -0.06 -0.75
C LEU A 12 10.88 -0.68 0.12
N GLU A 13 12.06 -0.88 -0.48
CA GLU A 13 13.23 -1.45 0.21
C GLU A 13 13.84 -0.42 1.17
N SER A 14 14.00 0.83 0.69
CA SER A 14 14.56 1.94 1.49
C SER A 14 13.63 2.30 2.67
N TRP A 15 12.32 2.41 2.34
CA TRP A 15 11.24 2.60 3.32
C TRP A 15 11.24 1.45 4.34
N PHE A 16 11.44 0.22 3.85
CA PHE A 16 11.48 -0.99 4.69
C PHE A 16 12.58 -0.90 5.75
N ASN A 17 13.81 -0.52 5.32
CA ASN A 17 14.99 -0.42 6.22
C ASN A 17 14.69 0.51 7.43
N THR A 18 14.15 1.70 7.13
CA THR A 18 13.83 2.69 8.19
C THR A 18 12.57 2.29 8.99
N LYS A 19 11.69 1.47 8.38
CA LYS A 19 10.44 1.00 9.03
C LYS A 19 10.76 -0.07 10.08
N ARG A 20 11.80 -0.88 9.79
CA ARG A 20 12.30 -1.96 10.69
C ARG A 20 12.64 -1.42 12.09
N HIS A 21 13.23 -0.22 12.15
CA HIS A 21 13.64 0.43 13.42
C HIS A 21 12.44 0.76 14.33
N SER A 22 11.23 0.88 13.73
CA SER A 22 9.98 1.16 14.47
C SER A 22 9.21 -0.13 14.84
N VAL A 23 9.30 -1.15 13.97
CA VAL A 23 8.51 -2.40 14.10
C VAL A 23 9.40 -3.56 14.59
N GLY A 24 8.77 -4.69 14.97
CA GLY A 24 9.51 -5.91 15.36
C GLY A 24 10.20 -6.57 14.17
N ILE A 25 11.17 -7.46 14.43
CA ILE A 25 11.97 -8.14 13.37
C ILE A 25 11.05 -8.95 12.45
N GLN A 26 10.18 -9.76 13.09
CA GLN A 26 9.23 -10.64 12.39
C GLN A 26 8.00 -9.86 11.88
N THR A 27 7.70 -8.73 12.55
CA THR A 27 6.62 -7.80 12.13
C THR A 27 6.96 -7.19 10.75
N ALA A 28 8.23 -6.81 10.59
CA ALA A 28 8.77 -6.22 9.36
C ALA A 28 8.71 -7.24 8.21
N LYS A 29 9.03 -8.50 8.55
CA LYS A 29 9.04 -9.63 7.62
C LYS A 29 7.62 -9.89 7.04
N VAL A 30 6.59 -9.61 7.86
CA VAL A 30 5.17 -9.72 7.47
C VAL A 30 4.79 -8.60 6.47
N LEU A 31 5.20 -7.35 6.80
CA LEU A 31 4.91 -6.14 5.97
C LEU A 31 5.57 -6.26 4.58
N LYS A 32 6.80 -6.79 4.55
CA LYS A 32 7.57 -6.97 3.32
C LYS A 32 7.03 -8.16 2.53
N GLY A 33 6.50 -9.17 3.27
CA GLY A 33 5.84 -10.32 2.68
C GLY A 33 4.61 -9.94 1.85
N TYR A 34 3.99 -8.79 2.18
CA TYR A 34 2.90 -8.20 1.39
C TYR A 34 3.45 -7.51 0.14
N LEU A 35 4.59 -6.80 0.32
CA LEU A 35 5.21 -5.98 -0.74
C LEU A 35 5.62 -6.85 -1.92
N ASN A 36 6.54 -7.80 -1.67
CA ASN A 36 7.16 -8.63 -2.72
C ASN A 36 6.15 -9.57 -3.44
N SER A 37 5.01 -9.84 -2.77
CA SER A 37 3.97 -10.75 -3.28
C SER A 37 2.87 -10.01 -4.08
N ARG A 38 2.29 -8.96 -3.48
CA ARG A 38 1.15 -8.20 -4.08
C ARG A 38 1.61 -6.93 -4.81
N ILE A 39 2.35 -6.06 -4.09
CA ILE A 39 2.66 -4.71 -4.58
C ILE A 39 3.68 -4.74 -5.73
N ILE A 40 4.77 -5.53 -5.58
CA ILE A 40 5.89 -5.55 -6.56
C ILE A 40 5.41 -5.95 -8.00
N PRO A 41 4.66 -7.11 -8.20
CA PRO A 41 4.13 -7.49 -9.55
C PRO A 41 3.25 -6.41 -10.22
N SER A 42 2.66 -5.50 -9.42
CA SER A 42 1.78 -4.43 -9.93
C SER A 42 2.46 -3.04 -9.85
N LEU A 43 2.53 -2.47 -8.65
CA LEU A 43 2.97 -1.08 -8.38
C LEU A 43 4.50 -0.96 -8.28
N GLY A 44 5.17 -2.08 -7.96
CA GLY A 44 6.62 -2.10 -7.75
C GLY A 44 7.41 -1.91 -9.04
N ASN A 45 6.97 -2.60 -10.12
CA ASN A 45 7.55 -2.42 -11.48
C ASN A 45 7.29 -1.00 -12.00
N ILE A 46 6.20 -0.37 -11.55
CA ILE A 46 5.85 1.01 -11.93
C ILE A 46 6.75 2.00 -11.15
N LYS A 47 7.21 3.06 -11.85
CA LYS A 47 8.02 4.13 -11.23
C LYS A 47 7.16 4.94 -10.25
N LEU A 48 7.76 5.41 -9.15
CA LEU A 48 7.06 6.09 -8.02
C LEU A 48 6.26 7.34 -8.51
N ALA A 49 6.86 8.09 -9.46
CA ALA A 49 6.21 9.27 -10.10
C ALA A 49 5.04 8.84 -11.04
N LYS A 50 5.17 7.64 -11.63
CA LYS A 50 4.16 7.07 -12.56
C LYS A 50 2.97 6.45 -11.81
N LEU A 51 3.09 6.28 -10.48
CA LEU A 51 1.99 5.77 -9.63
C LEU A 51 0.81 6.76 -9.63
N THR A 52 -0.20 6.50 -10.48
CA THR A 52 -1.49 7.19 -10.43
C THR A 52 -2.46 6.42 -9.52
N SER A 53 -3.53 7.11 -9.09
CA SER A 53 -4.57 6.53 -8.21
C SER A 53 -5.40 5.45 -8.94
N LEU A 54 -5.41 5.52 -10.29
CA LEU A 54 -6.05 4.51 -11.15
C LEU A 54 -5.35 3.13 -11.00
N HIS A 55 -4.02 3.16 -10.81
CA HIS A 55 -3.19 1.93 -10.57
C HIS A 55 -3.61 1.25 -9.27
N MET A 56 -4.04 2.06 -8.28
CA MET A 56 -4.46 1.58 -6.96
C MET A 56 -5.88 0.96 -7.04
N GLN A 57 -6.73 1.52 -7.91
CA GLN A 57 -8.07 0.97 -8.23
C GLN A 57 -7.92 -0.40 -8.92
N ASN A 58 -7.04 -0.45 -9.93
CA ASN A 58 -6.72 -1.68 -10.71
C ASN A 58 -6.05 -2.72 -9.80
N TYR A 59 -5.31 -2.23 -8.79
CA TYR A 59 -4.68 -3.06 -7.76
C TYR A 59 -5.76 -3.77 -6.93
N VAL A 60 -6.79 -3.02 -6.50
CA VAL A 60 -7.93 -3.56 -5.72
C VAL A 60 -8.74 -4.59 -6.55
N ASN A 61 -8.80 -4.37 -7.88
CA ASN A 61 -9.52 -5.26 -8.81
C ASN A 61 -8.85 -6.64 -8.88
N SER A 62 -7.49 -6.67 -8.79
CA SER A 62 -6.73 -7.93 -8.76
C SER A 62 -6.88 -8.63 -7.40
N LEU A 63 -7.05 -7.84 -6.31
CA LEU A 63 -7.24 -8.39 -4.93
C LEU A 63 -8.58 -9.15 -4.83
N ARG A 64 -9.59 -8.62 -5.56
CA ARG A 64 -10.91 -9.25 -5.70
C ARG A 64 -10.76 -10.58 -6.49
N ASP A 65 -9.90 -10.55 -7.52
CA ASP A 65 -9.57 -11.72 -8.36
C ASP A 65 -8.81 -12.78 -7.55
N GLU A 66 -7.97 -12.33 -6.61
CA GLU A 66 -7.23 -13.21 -5.67
C GLU A 66 -8.19 -13.84 -4.65
N GLY A 67 -9.33 -13.17 -4.43
CA GLY A 67 -10.30 -13.57 -3.41
C GLY A 67 -9.84 -13.25 -2.01
N LEU A 68 -8.97 -12.22 -1.88
CA LEU A 68 -8.45 -11.76 -0.59
C LEU A 68 -9.57 -11.16 0.27
N LYS A 69 -9.49 -11.43 1.58
CA LYS A 69 -10.44 -10.93 2.58
C LYS A 69 -10.07 -9.49 2.98
N ARG A 70 -11.03 -8.79 3.62
CA ARG A 70 -10.83 -7.40 4.08
C ARG A 70 -9.63 -7.28 5.02
N GLY A 71 -9.35 -8.35 5.79
CA GLY A 71 -8.16 -8.43 6.64
C GLY A 71 -6.86 -8.21 5.86
N THR A 72 -6.72 -8.95 4.75
CA THR A 72 -5.53 -8.88 3.90
C THR A 72 -5.49 -7.53 3.11
N ILE A 73 -6.62 -7.18 2.46
CA ILE A 73 -6.74 -5.99 1.59
C ILE A 73 -6.49 -4.69 2.38
N GLU A 74 -7.06 -4.62 3.59
CA GLU A 74 -6.95 -3.45 4.49
C GLU A 74 -5.48 -3.19 4.83
N LYS A 75 -4.78 -4.26 5.27
CA LYS A 75 -3.39 -4.17 5.76
C LYS A 75 -2.41 -3.82 4.63
N ILE A 76 -2.59 -4.42 3.44
CA ILE A 76 -1.66 -4.20 2.32
C ILE A 76 -1.81 -2.77 1.76
N ILE A 77 -3.07 -2.24 1.74
CA ILE A 77 -3.34 -0.83 1.41
C ILE A 77 -2.70 0.11 2.46
N LYS A 78 -2.69 -0.31 3.75
CA LYS A 78 -2.04 0.44 4.86
C LYS A 78 -0.52 0.56 4.62
N VAL A 79 0.10 -0.55 4.17
CA VAL A 79 1.54 -0.62 3.91
C VAL A 79 1.93 0.28 2.72
N ILE A 80 1.10 0.26 1.65
CA ILE A 80 1.30 1.13 0.45
C ILE A 80 1.19 2.61 0.83
N ARG A 81 0.11 2.94 1.57
CA ARG A 81 -0.18 4.29 2.05
C ARG A 81 0.96 4.81 2.94
N ASN A 82 1.45 3.96 3.85
CA ASN A 82 2.51 4.34 4.82
C ASN A 82 3.84 4.63 4.10
N SER A 83 4.09 3.86 3.02
CA SER A 83 5.23 4.08 2.12
C SER A 83 5.11 5.46 1.44
N LEU A 84 3.96 5.73 0.83
CA LEU A 84 3.70 6.96 0.07
C LEU A 84 3.66 8.21 0.98
N GLU A 85 3.27 8.02 2.26
CA GLU A 85 3.29 9.07 3.29
C GLU A 85 4.75 9.47 3.58
N HIS A 86 5.62 8.45 3.70
CA HIS A 86 7.06 8.65 3.94
C HIS A 86 7.75 9.19 2.67
N ALA A 87 7.15 8.95 1.50
CA ALA A 87 7.64 9.51 0.22
C ALA A 87 7.32 11.02 0.12
N ILE A 88 6.17 11.44 0.72
CA ILE A 88 5.83 12.88 0.87
C ILE A 88 6.80 13.55 1.86
N ASP A 89 7.12 12.79 2.92
CA ASP A 89 8.10 13.18 3.96
C ASP A 89 9.52 13.38 3.35
N LEU A 90 9.90 12.49 2.41
CA LEU A 90 11.18 12.58 1.67
C LEU A 90 11.07 13.54 0.46
N GLU A 91 9.85 14.08 0.21
CA GLU A 91 9.53 15.06 -0.87
C GLU A 91 9.61 14.43 -2.29
N LEU A 92 9.61 13.09 -2.34
CA LEU A 92 9.65 12.31 -3.61
C LEU A 92 8.36 12.50 -4.41
N ILE A 93 7.22 12.41 -3.70
CA ILE A 93 5.88 12.69 -4.26
C ILE A 93 5.22 13.79 -3.42
N THR A 94 4.31 14.55 -4.04
CA THR A 94 3.60 15.66 -3.38
C THR A 94 2.39 15.14 -2.57
N LYS A 95 1.68 14.16 -3.15
CA LYS A 95 0.41 13.66 -2.61
C LYS A 95 0.37 12.12 -2.70
N ASN A 96 -0.24 11.49 -1.68
CA ASN A 96 -0.39 10.04 -1.59
C ASN A 96 -1.54 9.57 -2.50
N VAL A 97 -1.19 8.77 -3.52
CA VAL A 97 -2.13 8.32 -4.57
C VAL A 97 -2.93 7.06 -4.13
N ALA A 98 -2.47 6.40 -3.04
CA ALA A 98 -3.17 5.24 -2.44
C ALA A 98 -4.20 5.73 -1.40
N ALA A 99 -4.00 6.98 -0.93
CA ALA A 99 -4.94 7.67 -0.01
C ALA A 99 -6.26 8.00 -0.74
N LYS A 100 -6.20 7.99 -2.09
CA LYS A 100 -7.37 8.22 -2.97
C LYS A 100 -8.24 6.95 -3.05
N THR A 101 -7.60 5.80 -2.80
CA THR A 101 -8.22 4.48 -2.92
C THR A 101 -8.51 3.90 -1.53
N LYS A 102 -9.80 4.00 -1.13
CA LYS A 102 -10.30 3.53 0.16
C LYS A 102 -10.54 2.01 0.13
N LEU A 103 -10.64 1.39 1.33
CA LEU A 103 -10.99 -0.04 1.46
C LEU A 103 -12.46 -0.24 1.03
N PRO A 104 -12.74 -1.08 -0.03
CA PRO A 104 -14.12 -1.44 -0.42
C PRO A 104 -14.71 -2.51 0.53
N LYS A 105 -15.98 -2.89 0.31
CA LYS A 105 -16.65 -3.93 1.11
C LYS A 105 -16.23 -5.29 0.56
N ALA A 106 -15.24 -5.92 1.20
CA ALA A 106 -14.73 -7.26 0.82
C ALA A 106 -15.55 -8.38 1.47
N ASP A 107 -16.86 -8.12 1.66
CA ASP A 107 -17.82 -9.06 2.26
C ASP A 107 -18.99 -9.25 1.30
N LYS A 108 -19.37 -10.51 1.04
CA LYS A 108 -20.45 -10.86 0.11
C LYS A 108 -21.83 -10.67 0.78
N GLU A 109 -22.81 -10.24 -0.03
CA GLU A 109 -24.22 -10.11 0.36
C GLU A 109 -25.11 -10.70 -0.75
N GLU A 110 -26.27 -11.26 -0.35
CA GLU A 110 -27.26 -11.84 -1.28
C GLU A 110 -28.22 -10.77 -1.85
N LEU A 111 -27.98 -9.48 -1.48
CA LEU A 111 -28.79 -8.33 -1.91
C LEU A 111 -28.31 -7.79 -3.28
N GLU A 112 -28.09 -8.70 -4.23
CA GLU A 112 -27.64 -8.38 -5.60
C GLU A 112 -28.07 -9.48 -6.58
N HIS A 113 -29.25 -10.06 -6.33
CA HIS A 113 -29.88 -11.00 -7.29
C HIS A 113 -30.51 -10.17 -8.42
N HIS A 114 -30.26 -10.60 -9.68
CA HIS A 114 -30.73 -9.91 -10.91
C HIS A 114 -29.95 -8.58 -11.14
N HIS A 115 -28.86 -8.37 -10.38
CA HIS A 115 -28.04 -7.16 -10.48
C HIS A 115 -27.11 -7.25 -11.69
N HIS A 116 -27.25 -6.33 -12.64
CA HIS A 116 -26.46 -6.26 -13.87
C HIS A 116 -25.53 -5.04 -13.83
N HIS A 117 -24.23 -5.26 -14.04
CA HIS A 117 -23.22 -4.19 -14.08
C HIS A 117 -23.43 -3.37 -15.39
N HIS A 118 -23.52 -4.12 -16.51
CA HIS A 118 -24.03 -3.62 -17.80
C HIS A 118 -24.19 -4.82 -18.76
N MET A 1 9.08 17.98 -9.66
CA MET A 1 9.48 17.66 -8.28
C MET A 1 10.65 16.65 -8.31
N GLU A 2 11.90 17.18 -8.31
CA GLU A 2 13.21 16.45 -8.33
C GLU A 2 13.39 15.54 -9.59
N PRO A 3 14.66 15.15 -9.97
CA PRO A 3 14.90 14.08 -10.96
C PRO A 3 14.43 12.71 -10.40
N SER A 4 13.17 12.34 -10.70
CA SER A 4 12.58 11.09 -10.21
C SER A 4 13.23 9.88 -10.93
N LYS A 5 14.28 9.33 -10.31
CA LYS A 5 14.97 8.12 -10.79
C LYS A 5 14.43 6.89 -10.05
N LEU A 6 14.06 7.11 -8.78
CA LEU A 6 13.66 6.06 -7.83
C LEU A 6 12.31 5.43 -8.22
N SER A 7 12.35 4.12 -8.50
CA SER A 7 11.16 3.29 -8.75
C SER A 7 10.47 3.00 -7.41
N TYR A 8 9.18 2.65 -7.45
CA TYR A 8 8.41 2.38 -6.22
C TYR A 8 8.92 1.11 -5.51
N GLY A 9 9.30 0.08 -6.28
CA GLY A 9 9.83 -1.18 -5.71
C GLY A 9 11.18 -0.98 -5.05
N GLU A 10 12.04 -0.17 -5.71
CA GLU A 10 13.35 0.25 -5.18
C GLU A 10 13.15 1.11 -3.91
N TYR A 11 12.07 1.91 -3.94
CA TYR A 11 11.67 2.74 -2.81
C TYR A 11 11.16 1.87 -1.64
N LEU A 12 10.44 0.78 -1.96
CA LEU A 12 9.89 -0.14 -0.92
C LEU A 12 11.01 -0.81 -0.15
N GLU A 13 12.17 -1.01 -0.82
CA GLU A 13 13.40 -1.53 -0.21
C GLU A 13 13.97 -0.51 0.81
N SER A 14 14.13 0.75 0.35
CA SER A 14 14.71 1.85 1.15
C SER A 14 13.82 2.16 2.38
N TRP A 15 12.52 2.27 2.11
CA TRP A 15 11.47 2.50 3.11
C TRP A 15 11.44 1.35 4.14
N PHE A 16 11.51 0.09 3.63
CA PHE A 16 11.46 -1.12 4.48
C PHE A 16 12.63 -1.16 5.49
N ASN A 17 13.84 -0.79 5.02
CA ASN A 17 15.07 -0.81 5.84
C ASN A 17 14.91 0.01 7.11
N THR A 18 14.31 1.21 6.96
CA THR A 18 14.05 2.11 8.09
C THR A 18 12.72 1.75 8.79
N LYS A 19 11.82 1.01 8.09
CA LYS A 19 10.49 0.62 8.61
C LYS A 19 10.64 -0.49 9.66
N ARG A 20 11.71 -1.30 9.53
CA ARG A 20 12.09 -2.31 10.53
C ARG A 20 12.32 -1.68 11.92
N HIS A 21 12.67 -0.37 11.96
CA HIS A 21 12.85 0.41 13.21
C HIS A 21 11.50 0.92 13.75
N SER A 22 10.51 1.08 12.86
CA SER A 22 9.15 1.54 13.20
C SER A 22 8.32 0.39 13.79
N VAL A 23 8.54 -0.82 13.27
CA VAL A 23 7.87 -2.06 13.71
C VAL A 23 8.90 -3.05 14.32
N GLY A 24 8.44 -4.25 14.68
CA GLY A 24 9.36 -5.33 15.05
C GLY A 24 9.97 -6.00 13.82
N ILE A 25 11.12 -6.70 14.01
CA ILE A 25 11.82 -7.43 12.92
C ILE A 25 10.93 -8.57 12.36
N GLN A 26 10.22 -9.26 13.27
CA GLN A 26 9.26 -10.31 12.92
C GLN A 26 8.10 -9.73 12.07
N THR A 27 7.57 -8.58 12.54
CA THR A 27 6.46 -7.88 11.88
C THR A 27 6.87 -7.36 10.49
N ALA A 28 8.13 -6.91 10.41
CA ALA A 28 8.71 -6.35 9.18
C ALA A 28 8.78 -7.43 8.09
N LYS A 29 9.25 -8.62 8.48
CA LYS A 29 9.37 -9.78 7.58
C LYS A 29 7.99 -10.19 7.01
N VAL A 30 6.92 -9.90 7.78
CA VAL A 30 5.52 -10.14 7.38
C VAL A 30 5.02 -9.00 6.44
N LEU A 31 5.43 -7.74 6.74
CA LEU A 31 5.03 -6.55 5.93
C LEU A 31 5.63 -6.61 4.53
N LYS A 32 6.88 -7.11 4.43
CA LYS A 32 7.56 -7.31 3.14
C LYS A 32 7.04 -8.58 2.47
N GLY A 33 6.48 -9.49 3.27
CA GLY A 33 5.70 -10.61 2.74
C GLY A 33 4.47 -10.15 1.94
N TYR A 34 3.92 -8.99 2.34
CA TYR A 34 2.82 -8.32 1.60
C TYR A 34 3.39 -7.55 0.39
N LEU A 35 4.56 -6.89 0.58
CA LEU A 35 5.22 -6.09 -0.47
C LEU A 35 5.55 -6.97 -1.69
N ASN A 36 6.40 -7.98 -1.48
CA ASN A 36 6.95 -8.86 -2.55
C ASN A 36 5.83 -9.58 -3.31
N SER A 37 4.84 -10.11 -2.56
CA SER A 37 3.76 -10.92 -3.13
C SER A 37 2.76 -10.06 -3.94
N ARG A 38 2.28 -8.97 -3.31
CA ARG A 38 1.17 -8.16 -3.85
C ARG A 38 1.68 -6.97 -4.67
N ILE A 39 2.48 -6.10 -4.01
CA ILE A 39 2.83 -4.77 -4.55
C ILE A 39 3.96 -4.85 -5.62
N ILE A 40 5.01 -5.66 -5.38
CA ILE A 40 6.22 -5.73 -6.27
C ILE A 40 5.86 -6.03 -7.77
N PRO A 41 4.99 -7.05 -8.10
CA PRO A 41 4.59 -7.29 -9.52
C PRO A 41 3.58 -6.23 -10.05
N SER A 42 2.91 -5.51 -9.14
CA SER A 42 1.88 -4.52 -9.52
C SER A 42 2.48 -3.10 -9.62
N LEU A 43 2.76 -2.49 -8.45
CA LEU A 43 3.22 -1.08 -8.33
C LEU A 43 4.75 -1.01 -8.23
N GLY A 44 5.38 -2.14 -7.87
CA GLY A 44 6.82 -2.20 -7.59
C GLY A 44 7.66 -1.91 -8.81
N ASN A 45 7.35 -2.60 -9.92
CA ASN A 45 8.06 -2.43 -11.21
C ASN A 45 7.80 -1.03 -11.83
N ILE A 46 6.74 -0.34 -11.35
CA ILE A 46 6.39 1.02 -11.79
C ILE A 46 7.26 2.06 -11.04
N LYS A 47 7.59 3.16 -11.73
CA LYS A 47 8.24 4.33 -11.12
C LYS A 47 7.29 5.02 -10.13
N LEU A 48 7.84 5.49 -9.01
CA LEU A 48 7.08 6.10 -7.91
C LEU A 48 6.28 7.36 -8.37
N ALA A 49 6.90 8.15 -9.25
CA ALA A 49 6.27 9.36 -9.84
C ALA A 49 5.09 8.99 -10.78
N LYS A 50 5.13 7.75 -11.32
CA LYS A 50 4.11 7.24 -12.26
C LYS A 50 2.93 6.55 -11.53
N LEU A 51 3.04 6.37 -10.20
CA LEU A 51 1.92 5.86 -9.39
C LEU A 51 0.75 6.86 -9.38
N THR A 52 -0.19 6.65 -10.30
CA THR A 52 -1.44 7.41 -10.40
C THR A 52 -2.58 6.62 -9.71
N SER A 53 -3.76 7.26 -9.58
CA SER A 53 -4.93 6.66 -8.90
C SER A 53 -5.51 5.47 -9.72
N LEU A 54 -5.20 5.43 -11.03
CA LEU A 54 -5.54 4.29 -11.90
C LEU A 54 -4.78 3.04 -11.44
N HIS A 55 -3.48 3.19 -11.13
CA HIS A 55 -2.62 2.09 -10.63
C HIS A 55 -3.10 1.58 -9.26
N MET A 56 -3.58 2.53 -8.43
CA MET A 56 -4.15 2.22 -7.11
C MET A 56 -5.42 1.36 -7.27
N GLN A 57 -6.26 1.77 -8.22
CA GLN A 57 -7.51 1.08 -8.56
C GLN A 57 -7.21 -0.32 -9.12
N ASN A 58 -6.22 -0.41 -10.03
CA ASN A 58 -5.83 -1.67 -10.71
C ASN A 58 -5.27 -2.68 -9.70
N TYR A 59 -4.65 -2.16 -8.63
CA TYR A 59 -4.19 -2.97 -7.50
C TYR A 59 -5.40 -3.59 -6.78
N VAL A 60 -6.41 -2.74 -6.47
CA VAL A 60 -7.63 -3.16 -5.74
C VAL A 60 -8.45 -4.17 -6.59
N ASN A 61 -8.41 -3.98 -7.94
CA ASN A 61 -9.13 -4.83 -8.91
C ASN A 61 -8.63 -6.28 -8.84
N SER A 62 -7.29 -6.45 -8.84
CA SER A 62 -6.66 -7.79 -8.80
C SER A 62 -7.00 -8.54 -7.47
N LEU A 63 -7.19 -7.77 -6.37
CA LEU A 63 -7.45 -8.33 -5.02
C LEU A 63 -8.79 -9.11 -5.00
N ARG A 64 -9.76 -8.65 -5.84
CA ARG A 64 -11.07 -9.29 -6.01
C ARG A 64 -10.89 -10.67 -6.68
N ASP A 65 -10.02 -10.70 -7.73
CA ASP A 65 -9.67 -11.94 -8.47
C ASP A 65 -8.86 -12.91 -7.61
N GLU A 66 -8.16 -12.37 -6.59
CA GLU A 66 -7.43 -13.18 -5.59
C GLU A 66 -8.40 -13.74 -4.54
N GLY A 67 -9.53 -13.03 -4.37
CA GLY A 67 -10.53 -13.39 -3.37
C GLY A 67 -10.06 -13.10 -1.96
N LEU A 68 -9.31 -11.99 -1.80
CA LEU A 68 -8.75 -11.57 -0.51
C LEU A 68 -9.85 -11.02 0.41
N LYS A 69 -9.71 -11.33 1.70
CA LYS A 69 -10.67 -10.93 2.75
C LYS A 69 -10.32 -9.53 3.26
N ARG A 70 -11.31 -8.83 3.87
CA ARG A 70 -11.18 -7.40 4.27
C ARG A 70 -9.97 -7.15 5.19
N GLY A 71 -9.61 -8.13 6.02
CA GLY A 71 -8.43 -8.06 6.87
C GLY A 71 -7.13 -8.01 6.08
N THR A 72 -7.01 -8.90 5.07
CA THR A 72 -5.85 -8.97 4.18
C THR A 72 -5.72 -7.67 3.37
N ILE A 73 -6.84 -7.26 2.75
CA ILE A 73 -6.91 -6.07 1.89
C ILE A 73 -6.55 -4.81 2.70
N GLU A 74 -7.09 -4.70 3.94
CA GLU A 74 -6.87 -3.53 4.80
C GLU A 74 -5.37 -3.30 5.02
N LYS A 75 -4.67 -4.37 5.46
CA LYS A 75 -3.25 -4.31 5.83
C LYS A 75 -2.38 -3.91 4.62
N ILE A 76 -2.56 -4.62 3.50
CA ILE A 76 -1.73 -4.43 2.29
C ILE A 76 -1.94 -3.02 1.68
N ILE A 77 -3.18 -2.48 1.80
CA ILE A 77 -3.51 -1.11 1.39
C ILE A 77 -2.81 -0.10 2.34
N LYS A 78 -2.85 -0.36 3.66
CA LYS A 78 -2.25 0.55 4.68
C LYS A 78 -0.72 0.61 4.54
N VAL A 79 -0.11 -0.51 4.10
CA VAL A 79 1.33 -0.61 3.83
C VAL A 79 1.71 0.32 2.65
N ILE A 80 0.86 0.34 1.60
CA ILE A 80 1.05 1.23 0.42
C ILE A 80 0.88 2.71 0.82
N ARG A 81 -0.18 2.97 1.61
CA ARG A 81 -0.53 4.33 2.08
C ARG A 81 0.62 4.91 2.92
N ASN A 82 1.15 4.08 3.84
CA ASN A 82 2.25 4.47 4.75
C ASN A 82 3.53 4.75 3.95
N SER A 83 3.78 3.90 2.93
CA SER A 83 4.92 4.04 2.03
C SER A 83 4.84 5.39 1.29
N LEU A 84 3.65 5.71 0.74
CA LEU A 84 3.43 6.96 -0.02
C LEU A 84 3.38 8.21 0.90
N GLU A 85 3.05 8.00 2.20
CA GLU A 85 3.14 9.06 3.22
C GLU A 85 4.61 9.41 3.48
N HIS A 86 5.47 8.37 3.52
CA HIS A 86 6.92 8.53 3.70
C HIS A 86 7.55 9.06 2.40
N ALA A 87 6.88 8.85 1.26
CA ALA A 87 7.30 9.42 -0.03
C ALA A 87 6.97 10.92 -0.10
N ILE A 88 5.88 11.35 0.58
CA ILE A 88 5.57 12.80 0.78
C ILE A 88 6.60 13.43 1.74
N ASP A 89 6.94 12.66 2.79
CA ASP A 89 7.96 13.02 3.78
C ASP A 89 9.33 13.29 3.12
N LEU A 90 9.73 12.38 2.21
CA LEU A 90 10.98 12.52 1.41
C LEU A 90 10.77 13.46 0.20
N GLU A 91 9.48 13.83 -0.04
CA GLU A 91 9.04 14.79 -1.09
C GLU A 91 9.19 14.19 -2.52
N LEU A 92 9.29 12.86 -2.59
CA LEU A 92 9.32 12.07 -3.85
C LEU A 92 8.00 12.21 -4.63
N ILE A 93 6.91 12.48 -3.89
CA ILE A 93 5.57 12.82 -4.44
C ILE A 93 4.97 13.94 -3.58
N THR A 94 4.11 14.78 -4.19
CA THR A 94 3.45 15.92 -3.51
C THR A 94 2.06 15.51 -2.96
N LYS A 95 1.46 14.49 -3.58
CA LYS A 95 0.15 13.93 -3.18
C LYS A 95 0.25 12.41 -3.06
N ASN A 96 -0.28 11.85 -1.95
CA ASN A 96 -0.46 10.41 -1.77
C ASN A 96 -1.66 9.99 -2.64
N VAL A 97 -1.40 9.20 -3.70
CA VAL A 97 -2.46 8.71 -4.60
C VAL A 97 -3.25 7.54 -3.97
N ALA A 98 -2.68 6.92 -2.92
CA ALA A 98 -3.34 5.86 -2.14
C ALA A 98 -4.13 6.46 -0.96
N ALA A 99 -4.12 7.81 -0.84
CA ALA A 99 -4.98 8.54 0.11
C ALA A 99 -6.46 8.35 -0.26
N LYS A 100 -6.72 8.16 -1.57
CA LYS A 100 -8.05 7.83 -2.11
C LYS A 100 -8.35 6.31 -1.93
N THR A 101 -7.29 5.50 -1.82
CA THR A 101 -7.41 4.04 -1.71
C THR A 101 -7.77 3.65 -0.27
N LYS A 102 -9.07 3.48 -0.02
CA LYS A 102 -9.60 2.97 1.24
C LYS A 102 -10.02 1.49 1.08
N LEU A 103 -10.26 0.83 2.22
CA LEU A 103 -10.65 -0.60 2.27
C LEU A 103 -12.05 -0.84 1.62
N PRO A 104 -12.14 -1.64 0.51
CA PRO A 104 -13.44 -2.13 -0.01
C PRO A 104 -14.03 -3.20 0.94
N LYS A 105 -15.37 -3.23 1.08
CA LYS A 105 -16.06 -4.19 1.93
C LYS A 105 -16.04 -5.60 1.29
N ALA A 106 -15.01 -6.39 1.63
CA ALA A 106 -14.92 -7.81 1.26
C ALA A 106 -15.79 -8.62 2.23
N ASP A 107 -17.11 -8.54 2.00
CA ASP A 107 -18.14 -9.02 2.93
C ASP A 107 -18.34 -10.54 2.79
N LYS A 108 -18.75 -11.19 3.89
CA LYS A 108 -18.86 -12.65 3.99
C LYS A 108 -20.33 -13.05 4.26
N GLU A 109 -20.77 -14.18 3.68
CA GLU A 109 -22.09 -14.75 3.91
C GLU A 109 -22.10 -15.48 5.27
N GLU A 110 -22.81 -14.89 6.23
CA GLU A 110 -22.87 -15.37 7.61
C GLU A 110 -24.28 -15.14 8.20
N LEU A 111 -25.17 -16.11 7.93
CA LEU A 111 -26.56 -16.12 8.44
C LEU A 111 -26.55 -16.63 9.90
N GLU A 112 -25.91 -17.79 10.10
CA GLU A 112 -25.62 -18.38 11.42
C GLU A 112 -24.15 -18.81 11.42
N HIS A 113 -23.26 -17.90 11.86
CA HIS A 113 -21.82 -18.15 11.94
C HIS A 113 -21.27 -17.58 13.25
N HIS A 114 -20.46 -18.39 13.94
CA HIS A 114 -19.85 -18.02 15.21
C HIS A 114 -18.61 -18.90 15.44
N HIS A 115 -17.45 -18.27 15.70
CA HIS A 115 -16.24 -18.99 16.09
C HIS A 115 -16.39 -19.44 17.56
N HIS A 116 -17.00 -18.55 18.38
CA HIS A 116 -17.24 -18.74 19.82
C HIS A 116 -15.91 -19.03 20.55
N HIS A 117 -15.63 -20.32 20.88
CA HIS A 117 -14.38 -20.78 21.53
C HIS A 117 -14.26 -22.30 21.36
N HIS A 118 -13.21 -22.73 20.64
CA HIS A 118 -12.96 -24.15 20.36
C HIS A 118 -11.44 -24.36 20.09
N MET A 1 22.15 14.26 -6.55
CA MET A 1 20.83 14.58 -7.13
C MET A 1 19.88 13.39 -6.94
N GLU A 2 18.67 13.68 -6.46
CA GLU A 2 17.62 12.67 -6.26
C GLU A 2 16.27 13.21 -6.83
N PRO A 3 16.05 13.06 -8.17
CA PRO A 3 14.79 13.49 -8.82
C PRO A 3 13.72 12.38 -8.72
N SER A 4 12.77 12.38 -9.67
CA SER A 4 11.71 11.35 -9.75
C SER A 4 12.27 10.02 -10.31
N LYS A 5 13.56 10.01 -10.73
CA LYS A 5 14.25 8.80 -11.21
C LYS A 5 14.44 7.82 -10.03
N LEU A 6 13.44 6.94 -9.89
CA LEU A 6 13.28 6.05 -8.73
C LEU A 6 12.04 5.17 -8.97
N SER A 7 12.25 3.85 -9.07
CA SER A 7 11.16 2.87 -9.12
C SER A 7 10.55 2.73 -7.72
N TYR A 8 9.21 2.49 -7.66
CA TYR A 8 8.50 2.32 -6.38
C TYR A 8 9.07 1.11 -5.60
N GLY A 9 9.52 0.08 -6.34
CA GLY A 9 10.11 -1.13 -5.75
C GLY A 9 11.48 -0.89 -5.12
N GLU A 10 12.26 0.02 -5.73
CA GLU A 10 13.56 0.47 -5.19
C GLU A 10 13.32 1.27 -3.90
N TYR A 11 12.24 2.07 -3.92
CA TYR A 11 11.79 2.85 -2.77
C TYR A 11 11.23 1.92 -1.66
N LEU A 12 10.63 0.77 -2.04
CA LEU A 12 10.08 -0.22 -1.06
C LEU A 12 11.20 -0.85 -0.23
N GLU A 13 12.44 -0.88 -0.78
CA GLU A 13 13.63 -1.32 -0.03
C GLU A 13 13.98 -0.26 1.05
N SER A 14 14.10 1.01 0.60
CA SER A 14 14.53 2.14 1.46
C SER A 14 13.52 2.39 2.60
N TRP A 15 12.22 2.39 2.25
CA TRP A 15 11.11 2.57 3.19
C TRP A 15 11.11 1.44 4.23
N PHE A 16 11.16 0.17 3.74
CA PHE A 16 11.04 -1.04 4.58
C PHE A 16 12.19 -1.14 5.61
N ASN A 17 13.45 -0.96 5.14
CA ASN A 17 14.66 -1.06 6.01
C ASN A 17 14.60 -0.02 7.15
N THR A 18 14.07 1.17 6.84
CA THR A 18 13.79 2.21 7.85
C THR A 18 12.62 1.80 8.77
N LYS A 19 11.58 1.21 8.15
CA LYS A 19 10.29 0.88 8.80
C LYS A 19 10.46 -0.26 9.83
N ARG A 20 11.53 -1.05 9.68
CA ARG A 20 11.90 -2.14 10.62
C ARG A 20 12.13 -1.61 12.07
N HIS A 21 12.62 -0.35 12.20
CA HIS A 21 12.78 0.33 13.51
C HIS A 21 11.41 0.67 14.13
N SER A 22 10.39 0.77 13.28
CA SER A 22 9.03 1.16 13.67
C SER A 22 8.11 -0.07 13.86
N VAL A 23 8.56 -1.26 13.37
CA VAL A 23 7.76 -2.52 13.43
C VAL A 23 8.56 -3.66 14.11
N GLY A 24 7.85 -4.75 14.47
CA GLY A 24 8.48 -5.97 15.02
C GLY A 24 9.18 -6.81 13.95
N ILE A 25 9.91 -7.85 14.40
CA ILE A 25 10.62 -8.79 13.51
C ILE A 25 9.63 -9.58 12.64
N GLN A 26 8.62 -10.19 13.28
CA GLN A 26 7.57 -10.95 12.56
C GLN A 26 6.73 -10.01 11.68
N THR A 27 6.45 -8.82 12.23
CA THR A 27 5.67 -7.77 11.55
C THR A 27 6.36 -7.37 10.22
N ALA A 28 7.70 -7.20 10.29
CA ALA A 28 8.54 -6.82 9.13
C ALA A 28 8.53 -7.93 8.08
N LYS A 29 8.63 -9.18 8.56
CA LYS A 29 8.61 -10.40 7.72
C LYS A 29 7.27 -10.48 6.95
N VAL A 30 6.18 -10.15 7.65
CA VAL A 30 4.81 -10.21 7.10
C VAL A 30 4.58 -9.09 6.07
N LEU A 31 5.08 -7.87 6.38
CA LEU A 31 4.96 -6.68 5.50
C LEU A 31 5.75 -6.89 4.20
N LYS A 32 6.93 -7.51 4.30
CA LYS A 32 7.80 -7.81 3.14
C LYS A 32 7.22 -9.00 2.36
N GLY A 33 6.51 -9.89 3.09
CA GLY A 33 5.74 -10.99 2.46
C GLY A 33 4.61 -10.46 1.59
N TYR A 34 4.07 -9.30 2.00
CA TYR A 34 3.03 -8.58 1.25
C TYR A 34 3.67 -7.81 0.08
N LEU A 35 4.84 -7.18 0.31
CA LEU A 35 5.53 -6.35 -0.69
C LEU A 35 5.93 -7.20 -1.90
N ASN A 36 6.71 -8.26 -1.63
CA ASN A 36 7.29 -9.13 -2.67
C ASN A 36 6.21 -9.88 -3.49
N SER A 37 5.10 -10.24 -2.82
CA SER A 37 3.99 -11.00 -3.44
C SER A 37 3.04 -10.07 -4.24
N ARG A 38 2.56 -9.00 -3.59
CA ARG A 38 1.51 -8.12 -4.13
C ARG A 38 2.08 -6.85 -4.76
N ILE A 39 2.67 -5.98 -3.92
CA ILE A 39 2.96 -4.57 -4.28
C ILE A 39 4.06 -4.46 -5.38
N ILE A 40 5.15 -5.24 -5.27
CA ILE A 40 6.29 -5.16 -6.22
C ILE A 40 5.88 -5.60 -7.67
N PRO A 41 5.25 -6.83 -7.89
CA PRO A 41 4.79 -7.24 -9.25
C PRO A 41 3.72 -6.29 -9.85
N SER A 42 2.96 -5.62 -8.96
CA SER A 42 1.85 -4.73 -9.35
C SER A 42 2.38 -3.30 -9.63
N LEU A 43 2.74 -2.58 -8.56
CA LEU A 43 3.06 -1.13 -8.58
C LEU A 43 4.57 -0.85 -8.37
N GLY A 44 5.32 -1.87 -7.90
CA GLY A 44 6.73 -1.70 -7.56
C GLY A 44 7.63 -1.69 -8.78
N ASN A 45 7.27 -2.49 -9.81
CA ASN A 45 7.95 -2.49 -11.11
C ASN A 45 7.68 -1.19 -11.89
N ILE A 46 6.63 -0.47 -11.46
CA ILE A 46 6.29 0.86 -11.98
C ILE A 46 7.07 1.92 -11.17
N LYS A 47 7.42 3.05 -11.83
CA LYS A 47 8.10 4.19 -11.18
C LYS A 47 7.16 4.86 -10.14
N LEU A 48 7.77 5.44 -9.11
CA LEU A 48 7.10 5.99 -7.91
C LEU A 48 5.98 7.01 -8.26
N ALA A 49 6.33 8.01 -9.09
CA ALA A 49 5.42 9.12 -9.47
C ALA A 49 4.35 8.67 -10.48
N LYS A 50 4.60 7.53 -11.17
CA LYS A 50 3.68 7.00 -12.20
C LYS A 50 2.47 6.30 -11.58
N LEU A 51 2.54 6.03 -10.26
CA LEU A 51 1.39 5.56 -9.48
C LEU A 51 0.29 6.64 -9.48
N THR A 52 -0.69 6.48 -10.39
CA THR A 52 -1.89 7.33 -10.45
C THR A 52 -3.05 6.64 -9.67
N SER A 53 -4.19 7.34 -9.55
CA SER A 53 -5.37 6.84 -8.80
C SER A 53 -5.94 5.55 -9.43
N LEU A 54 -5.78 5.42 -10.76
CA LEU A 54 -6.11 4.21 -11.53
C LEU A 54 -5.33 2.99 -11.01
N HIS A 55 -4.04 3.22 -10.66
CA HIS A 55 -3.12 2.15 -10.15
C HIS A 55 -3.59 1.60 -8.80
N MET A 56 -4.21 2.48 -8.00
CA MET A 56 -4.80 2.10 -6.70
C MET A 56 -5.97 1.13 -6.93
N GLN A 57 -6.81 1.45 -7.94
CA GLN A 57 -7.99 0.66 -8.30
C GLN A 57 -7.56 -0.70 -8.90
N ASN A 58 -6.57 -0.66 -9.82
CA ASN A 58 -5.99 -1.86 -10.48
C ASN A 58 -5.50 -2.86 -9.43
N TYR A 59 -4.85 -2.30 -8.38
CA TYR A 59 -4.32 -3.07 -7.27
C TYR A 59 -5.47 -3.76 -6.49
N VAL A 60 -6.49 -2.96 -6.08
CA VAL A 60 -7.66 -3.45 -5.29
C VAL A 60 -8.45 -4.53 -6.07
N ASN A 61 -8.58 -4.34 -7.39
CA ASN A 61 -9.28 -5.28 -8.29
C ASN A 61 -8.56 -6.63 -8.33
N SER A 62 -7.21 -6.57 -8.34
CA SER A 62 -6.34 -7.75 -8.33
C SER A 62 -6.47 -8.52 -7.00
N LEU A 63 -6.58 -7.78 -5.86
CA LEU A 63 -6.67 -8.40 -4.50
C LEU A 63 -7.97 -9.20 -4.37
N ARG A 64 -9.05 -8.62 -4.91
CA ARG A 64 -10.40 -9.22 -4.93
C ARG A 64 -10.41 -10.44 -5.87
N ASP A 65 -9.62 -10.35 -6.96
CA ASP A 65 -9.49 -11.43 -7.96
C ASP A 65 -8.62 -12.59 -7.43
N GLU A 66 -7.66 -12.25 -6.53
CA GLU A 66 -6.85 -13.25 -5.80
C GLU A 66 -7.72 -13.99 -4.77
N GLY A 67 -8.82 -13.34 -4.36
CA GLY A 67 -9.71 -13.88 -3.33
C GLY A 67 -9.18 -13.64 -1.92
N LEU A 68 -8.35 -12.58 -1.77
CA LEU A 68 -7.82 -12.16 -0.47
C LEU A 68 -8.97 -11.63 0.41
N LYS A 69 -8.88 -11.91 1.72
CA LYS A 69 -9.91 -11.53 2.71
C LYS A 69 -9.79 -10.02 3.06
N ARG A 70 -10.90 -9.46 3.58
CA ARG A 70 -11.02 -8.02 3.93
C ARG A 70 -9.87 -7.52 4.82
N GLY A 71 -9.39 -8.39 5.73
CA GLY A 71 -8.25 -8.08 6.58
C GLY A 71 -6.94 -7.89 5.82
N THR A 72 -6.61 -8.89 4.96
CA THR A 72 -5.39 -8.88 4.11
C THR A 72 -5.38 -7.64 3.21
N ILE A 73 -6.52 -7.41 2.52
CA ILE A 73 -6.72 -6.27 1.59
C ILE A 73 -6.51 -4.94 2.34
N GLU A 74 -7.13 -4.83 3.53
CA GLU A 74 -7.08 -3.59 4.35
C GLU A 74 -5.64 -3.23 4.73
N LYS A 75 -4.88 -4.24 5.19
CA LYS A 75 -3.51 -4.06 5.69
C LYS A 75 -2.53 -3.64 4.57
N ILE A 76 -2.62 -4.32 3.42
CA ILE A 76 -1.69 -4.12 2.30
C ILE A 76 -1.93 -2.78 1.57
N ILE A 77 -3.18 -2.26 1.70
CA ILE A 77 -3.50 -0.88 1.31
C ILE A 77 -2.78 0.11 2.25
N LYS A 78 -2.80 -0.17 3.57
CA LYS A 78 -2.14 0.70 4.60
C LYS A 78 -0.61 0.74 4.40
N VAL A 79 -0.06 -0.37 3.86
CA VAL A 79 1.38 -0.48 3.54
C VAL A 79 1.74 0.52 2.42
N ILE A 80 0.93 0.52 1.34
CA ILE A 80 1.13 1.43 0.17
C ILE A 80 0.92 2.89 0.58
N ARG A 81 -0.13 3.13 1.41
CA ARG A 81 -0.45 4.47 1.92
C ARG A 81 0.74 5.01 2.72
N ASN A 82 1.27 4.19 3.64
CA ASN A 82 2.36 4.59 4.57
C ASN A 82 3.67 4.88 3.79
N SER A 83 3.92 4.06 2.75
CA SER A 83 5.06 4.24 1.85
C SER A 83 4.96 5.58 1.12
N LEU A 84 3.81 5.82 0.48
CA LEU A 84 3.59 7.03 -0.35
C LEU A 84 3.44 8.31 0.52
N GLU A 85 3.01 8.15 1.80
CA GLU A 85 2.98 9.26 2.79
C GLU A 85 4.41 9.69 3.13
N HIS A 86 5.27 8.67 3.32
CA HIS A 86 6.69 8.86 3.65
C HIS A 86 7.45 9.41 2.41
N ALA A 87 6.96 9.08 1.21
CA ALA A 87 7.54 9.58 -0.06
C ALA A 87 7.25 11.09 -0.23
N ILE A 88 6.06 11.53 0.25
CA ILE A 88 5.71 12.98 0.30
C ILE A 88 6.64 13.70 1.29
N ASP A 89 6.89 13.04 2.44
CA ASP A 89 7.77 13.57 3.51
C ASP A 89 9.23 13.74 2.99
N LEU A 90 9.67 12.78 2.16
CA LEU A 90 11.02 12.81 1.54
C LEU A 90 11.03 13.66 0.24
N GLU A 91 9.88 14.30 -0.08
CA GLU A 91 9.73 15.23 -1.24
C GLU A 91 9.90 14.52 -2.61
N LEU A 92 9.81 13.18 -2.58
CA LEU A 92 9.96 12.32 -3.78
C LEU A 92 8.68 12.39 -4.65
N ILE A 93 7.56 12.81 -4.02
CA ILE A 93 6.30 13.16 -4.69
C ILE A 93 5.65 14.32 -3.89
N THR A 94 4.92 15.21 -4.60
CA THR A 94 4.25 16.37 -3.97
C THR A 94 2.99 15.90 -3.21
N LYS A 95 2.24 15.01 -3.87
CA LYS A 95 1.00 14.42 -3.36
C LYS A 95 0.98 12.94 -3.73
N ASN A 96 0.31 12.11 -2.91
CA ASN A 96 0.17 10.68 -3.20
C ASN A 96 -1.27 10.35 -3.58
N VAL A 97 -1.42 9.31 -4.39
CA VAL A 97 -2.73 8.82 -4.86
C VAL A 97 -3.30 7.76 -3.89
N ALA A 98 -2.61 7.51 -2.78
CA ALA A 98 -3.00 6.48 -1.80
C ALA A 98 -3.86 7.07 -0.67
N ALA A 99 -3.94 8.40 -0.61
CA ALA A 99 -4.64 9.14 0.45
C ALA A 99 -6.15 8.81 0.48
N LYS A 100 -6.79 8.74 -0.70
CA LYS A 100 -8.23 8.40 -0.82
C LYS A 100 -8.45 6.88 -0.91
N THR A 101 -7.36 6.10 -0.97
CA THR A 101 -7.44 4.63 -1.11
C THR A 101 -7.85 4.00 0.23
N LYS A 102 -9.16 3.73 0.36
CA LYS A 102 -9.72 3.01 1.50
C LYS A 102 -10.01 1.55 1.12
N LEU A 103 -10.27 0.73 2.14
CA LEU A 103 -10.81 -0.62 1.98
C LEU A 103 -12.24 -0.50 1.38
N PRO A 104 -12.60 -1.26 0.29
CA PRO A 104 -14.00 -1.30 -0.23
C PRO A 104 -15.02 -1.80 0.82
N LYS A 105 -16.31 -1.81 0.43
CA LYS A 105 -17.45 -2.14 1.33
C LYS A 105 -17.25 -3.51 2.01
N ALA A 106 -16.75 -3.48 3.24
CA ALA A 106 -16.44 -4.68 4.04
C ALA A 106 -17.58 -5.00 5.00
N ASP A 107 -17.69 -6.29 5.35
CA ASP A 107 -18.66 -6.76 6.36
C ASP A 107 -18.32 -6.18 7.74
N LYS A 108 -19.35 -5.91 8.54
CA LYS A 108 -19.19 -5.36 9.89
C LYS A 108 -18.66 -6.43 10.86
N GLU A 109 -17.62 -6.06 11.62
CA GLU A 109 -17.12 -6.85 12.77
C GLU A 109 -18.18 -6.87 13.90
N GLU A 110 -19.10 -5.87 13.85
CA GLU A 110 -20.21 -5.69 14.81
C GLU A 110 -19.69 -5.31 16.22
N LEU A 111 -18.46 -4.76 16.24
CA LEU A 111 -17.87 -4.13 17.45
C LEU A 111 -18.71 -2.89 17.84
N GLU A 112 -19.31 -2.27 16.82
CA GLU A 112 -20.30 -1.19 16.94
C GLU A 112 -21.62 -1.60 16.24
N HIS A 113 -22.54 -0.63 16.13
CA HIS A 113 -23.71 -0.72 15.24
C HIS A 113 -24.12 0.71 14.85
N HIS A 114 -24.68 0.86 13.64
CA HIS A 114 -25.19 2.15 13.16
C HIS A 114 -26.42 2.56 14.01
N HIS A 115 -26.17 3.48 14.96
CA HIS A 115 -27.16 3.90 15.97
C HIS A 115 -28.22 4.86 15.36
N HIS A 116 -29.50 4.43 15.36
CA HIS A 116 -30.61 5.28 14.88
C HIS A 116 -30.94 6.34 15.95
N HIS A 117 -30.37 7.55 15.78
CA HIS A 117 -30.59 8.68 16.70
C HIS A 117 -32.10 8.99 16.82
N HIS A 118 -32.63 8.81 18.02
CA HIS A 118 -34.05 9.04 18.33
C HIS A 118 -34.15 9.70 19.72
#